data_7X56
#
_entry.id   7X56
#
_cell.length_a   1.00
_cell.length_b   1.00
_cell.length_c   1.00
_cell.angle_alpha   90.00
_cell.angle_beta   90.00
_cell.angle_gamma   90.00
#
_symmetry.space_group_name_H-M   'P 1'
#
loop_
_entity.id
_entity.type
_entity.pdbx_description
1 polymer Cbc-ParM
2 non-polymer "GUANOSINE-5'-DIPHOSPHATE"
3 non-polymer 'MAGNESIUM ION'
#
_entity_poly.entity_id   1
_entity_poly.type   'polypeptide(L)'
_entity_poly.pdbx_seq_one_letter_code
;MKITVVDLGNINVKYVGENKGRFSSKITNDYQSYEEGFQRVEYNGIKTYIGVGELSREFNKADRDYMAQLLYSLAKANTA
DTKEINLTLLLPIIQMKNKTRLIETLKGENFKFKFNGIDREIKINDLMVLPEGYASYYSLDIENKKGDVCILDLGSRTIN
ICVLENAKIVKTNTIKLGSFDFYSKIKSLENAKGEDYIEEDIQRLIDNGLIKVDSKQYIEFLSDILNAVKPYVNLKTYNT
IFTGGTSLMLKEYIEKLPLNKFKVHPNALTSNVDGAMEASKKVWN
;
_entity_poly.pdbx_strand_id   A,B,C,D,E
#
# COMPACT_ATOMS: atom_id res chain seq x y z
N MET A 1 -2.91 -26.33 -52.42
CA MET A 1 -1.70 -27.21 -52.51
C MET A 1 -1.54 -28.01 -51.22
N LYS A 2 -1.05 -27.36 -50.18
CA LYS A 2 -0.98 -27.99 -48.87
C LYS A 2 -2.40 -28.21 -48.34
N ILE A 3 -2.54 -29.18 -47.44
CA ILE A 3 -3.82 -29.57 -46.87
C ILE A 3 -3.74 -29.48 -45.37
N THR A 4 -4.79 -28.96 -44.74
CA THR A 4 -4.87 -28.87 -43.29
C THR A 4 -6.25 -29.29 -42.82
N VAL A 5 -6.28 -29.91 -41.65
CA VAL A 5 -7.51 -30.35 -41.00
C VAL A 5 -7.53 -29.77 -39.59
N VAL A 6 -8.68 -29.23 -39.20
CA VAL A 6 -8.82 -28.53 -37.93
C VAL A 6 -10.12 -28.98 -37.28
N ASP A 7 -10.01 -29.73 -36.18
CA ASP A 7 -11.15 -30.04 -35.32
C ASP A 7 -11.14 -29.03 -34.18
N LEU A 8 -12.06 -28.07 -34.23
CA LEU A 8 -12.10 -27.02 -33.22
C LEU A 8 -12.42 -27.59 -31.85
N GLY A 9 -13.42 -28.46 -31.77
CA GLY A 9 -13.81 -29.04 -30.50
C GLY A 9 -14.30 -28.01 -29.52
N ASN A 10 -14.78 -28.46 -28.36
CA ASN A 10 -15.28 -27.57 -27.33
C ASN A 10 -14.29 -27.37 -26.19
N ILE A 11 -13.41 -28.34 -25.94
CA ILE A 11 -12.39 -28.23 -24.91
C ILE A 11 -10.99 -28.55 -25.43
N ASN A 12 -10.85 -28.93 -26.69
CA ASN A 12 -9.54 -29.18 -27.27
C ASN A 12 -9.60 -28.93 -28.77
N VAL A 13 -8.58 -28.28 -29.29
CA VAL A 13 -8.42 -28.02 -30.72
C VAL A 13 -7.31 -28.92 -31.23
N LYS A 14 -7.55 -29.55 -32.38
CA LYS A 14 -6.65 -30.58 -32.91
C LYS A 14 -6.39 -30.27 -34.38
N TYR A 15 -5.16 -29.98 -34.74
CA TYR A 15 -4.87 -29.64 -36.10
C TYR A 15 -3.82 -30.53 -36.67
N VAL A 16 -3.94 -30.79 -37.97
CA VAL A 16 -2.97 -31.64 -38.66
C VAL A 16 -2.75 -31.08 -40.05
N GLY A 17 -1.50 -30.71 -40.33
CA GLY A 17 -1.10 -30.22 -41.63
C GLY A 17 0.31 -30.67 -41.92
N GLU A 18 1.18 -29.72 -42.30
CA GLU A 18 2.59 -30.04 -42.41
C GLU A 18 3.16 -30.47 -41.06
N ASN A 19 2.67 -29.86 -39.98
CA ASN A 19 3.06 -30.22 -38.62
C ASN A 19 1.81 -30.40 -37.78
N LYS A 20 1.63 -31.59 -37.23
CA LYS A 20 0.44 -31.92 -36.46
C LYS A 20 0.57 -31.43 -35.02
N GLY A 21 -0.54 -31.53 -34.30
CA GLY A 21 -0.52 -31.20 -32.89
C GLY A 21 -1.91 -30.81 -32.40
N ARG A 22 -1.93 -30.26 -31.19
CA ARG A 22 -3.19 -29.90 -30.56
C ARG A 22 -2.91 -28.88 -29.46
N PHE A 23 -3.99 -28.32 -28.93
CA PHE A 23 -3.93 -27.40 -27.80
C PHE A 23 -5.33 -27.30 -27.19
N SER A 24 -5.49 -26.40 -26.24
CA SER A 24 -6.76 -26.26 -25.54
C SER A 24 -7.66 -25.25 -26.25
N SER A 25 -8.96 -25.42 -26.09
CA SER A 25 -9.94 -24.58 -26.76
C SER A 25 -10.21 -23.28 -26.00
N LYS A 26 -9.59 -23.09 -24.83
CA LYS A 26 -9.84 -21.89 -24.05
C LYS A 26 -9.46 -20.65 -24.87
N ILE A 27 -10.36 -19.67 -24.86
CA ILE A 27 -10.14 -18.38 -25.53
C ILE A 27 -10.65 -17.28 -24.62
N THR A 28 -9.91 -16.19 -24.56
CA THR A 28 -10.30 -15.04 -23.74
C THR A 28 -9.91 -13.76 -24.45
N ASN A 29 -10.85 -12.82 -24.51
CA ASN A 29 -10.59 -11.48 -25.02
C ASN A 29 -10.19 -10.50 -23.93
N ASP A 30 -10.07 -10.97 -22.68
CA ASP A 30 -9.78 -10.09 -21.57
C ASP A 30 -8.41 -9.44 -21.75
N TYR A 31 -8.29 -8.20 -21.30
CA TYR A 31 -7.02 -7.50 -21.35
C TYR A 31 -5.99 -8.22 -20.51
N GLN A 32 -4.77 -8.29 -21.01
CA GLN A 32 -3.65 -8.91 -20.30
C GLN A 32 -2.41 -8.06 -20.48
N SER A 33 -1.67 -7.88 -19.40
CA SER A 33 -0.51 -7.00 -19.42
C SER A 33 0.70 -7.67 -20.07
N TYR A 34 1.17 -8.77 -19.47
CA TYR A 34 2.34 -9.48 -19.97
C TYR A 34 1.95 -10.29 -21.22
N GLU A 35 1.70 -9.55 -22.30
CA GLU A 35 1.33 -10.20 -23.56
C GLU A 35 2.42 -11.15 -24.03
N GLU A 36 3.67 -10.72 -23.94
CA GLU A 36 4.80 -11.57 -24.31
C GLU A 36 4.94 -12.66 -23.25
N GLY A 37 4.49 -13.85 -23.58
CA GLY A 37 4.48 -14.96 -22.64
C GLY A 37 3.25 -15.82 -22.81
N PHE A 38 2.22 -15.26 -23.43
CA PHE A 38 1.01 -15.99 -23.78
C PHE A 38 1.04 -16.35 -25.26
N GLN A 39 0.07 -17.17 -25.66
CA GLN A 39 -0.17 -17.46 -27.07
C GLN A 39 -1.36 -16.63 -27.51
N ARG A 40 -1.12 -15.73 -28.46
CA ARG A 40 -2.08 -14.68 -28.78
C ARG A 40 -2.19 -14.52 -30.29
N VAL A 41 -3.36 -14.02 -30.71
CA VAL A 41 -3.57 -13.67 -32.12
C VAL A 41 -4.50 -12.47 -32.17
N GLU A 42 -4.14 -11.51 -33.02
CA GLU A 42 -4.94 -10.30 -33.22
C GLU A 42 -5.47 -10.32 -34.65
N TYR A 43 -6.79 -10.35 -34.79
CA TYR A 43 -7.46 -10.31 -36.08
C TYR A 43 -8.28 -9.04 -36.17
N ASN A 44 -8.06 -8.27 -37.24
CA ASN A 44 -8.77 -7.02 -37.51
C ASN A 44 -9.01 -6.21 -36.24
N GLY A 45 -7.98 -6.11 -35.41
CA GLY A 45 -7.97 -5.20 -34.29
C GLY A 45 -8.47 -5.78 -32.98
N ILE A 46 -8.99 -7.00 -32.98
CA ILE A 46 -9.44 -7.67 -31.76
C ILE A 46 -8.44 -8.77 -31.44
N LYS A 47 -7.97 -8.81 -30.20
CA LYS A 47 -6.94 -9.74 -29.78
C LYS A 47 -7.55 -10.83 -28.90
N THR A 48 -6.97 -12.02 -29.01
CA THR A 48 -7.42 -13.17 -28.22
C THR A 48 -6.20 -13.94 -27.75
N TYR A 49 -6.18 -14.25 -26.45
CA TYR A 49 -5.11 -15.03 -25.83
C TYR A 49 -5.62 -16.46 -25.68
N ILE A 50 -5.04 -17.36 -26.45
CA ILE A 50 -5.53 -18.73 -26.55
C ILE A 50 -4.88 -19.58 -25.46
N GLY A 51 -5.57 -20.66 -25.10
CA GLY A 51 -5.07 -21.59 -24.11
C GLY A 51 -5.37 -21.23 -22.67
N VAL A 52 -6.06 -20.12 -22.43
CA VAL A 52 -6.36 -19.68 -21.08
C VAL A 52 -7.68 -18.91 -21.10
N GLY A 53 -8.40 -18.99 -19.98
CA GLY A 53 -9.58 -18.17 -19.79
C GLY A 53 -10.87 -18.95 -19.81
N GLU A 54 -11.82 -18.51 -20.62
CA GLU A 54 -13.14 -19.09 -20.66
C GLU A 54 -13.12 -20.34 -21.54
N LEU A 55 -14.30 -20.86 -21.86
CA LEU A 55 -14.43 -22.08 -22.63
C LEU A 55 -15.35 -21.97 -23.82
N SER A 56 -16.22 -20.96 -23.89
CA SER A 56 -17.14 -20.76 -25.01
C SER A 56 -18.01 -22.01 -25.20
N ARG A 57 -18.86 -22.23 -24.18
CA ARG A 57 -19.76 -23.36 -24.08
C ARG A 57 -20.85 -23.37 -25.13
N GLU A 58 -20.87 -22.43 -26.07
CA GLU A 58 -21.95 -22.37 -27.05
C GLU A 58 -21.97 -23.62 -27.92
N PHE A 59 -23.17 -24.11 -28.18
CA PHE A 59 -23.38 -25.24 -29.08
C PHE A 59 -23.31 -24.74 -30.52
N ASN A 60 -23.77 -25.55 -31.47
CA ASN A 60 -23.89 -25.15 -32.87
C ASN A 60 -22.63 -24.42 -33.34
N LYS A 61 -21.54 -25.18 -33.39
CA LYS A 61 -20.22 -24.56 -33.34
C LYS A 61 -19.81 -23.91 -34.66
N ALA A 62 -20.78 -23.64 -35.52
CA ALA A 62 -20.52 -22.87 -36.73
C ALA A 62 -20.57 -21.36 -36.49
N ASP A 63 -20.89 -20.91 -35.28
CA ASP A 63 -20.96 -19.49 -34.97
C ASP A 63 -20.23 -19.09 -33.70
N ARG A 64 -19.71 -20.07 -32.95
CA ARG A 64 -19.02 -19.78 -31.70
C ARG A 64 -17.63 -19.19 -31.92
N ASP A 65 -17.59 -18.03 -32.56
CA ASP A 65 -16.32 -17.36 -32.82
C ASP A 65 -15.22 -18.38 -33.09
N TYR A 66 -15.43 -19.16 -34.14
CA TYR A 66 -14.46 -20.15 -34.58
C TYR A 66 -13.36 -19.42 -35.33
N MET A 67 -12.80 -18.37 -34.72
CA MET A 67 -12.12 -17.34 -35.48
C MET A 67 -10.64 -17.26 -35.17
N ALA A 68 -10.26 -17.02 -33.92
CA ALA A 68 -8.84 -16.90 -33.60
C ALA A 68 -8.18 -18.27 -33.46
N GLN A 69 -8.93 -19.24 -32.94
CA GLN A 69 -8.38 -20.60 -32.83
C GLN A 69 -8.04 -21.16 -34.20
N LEU A 70 -8.89 -20.91 -35.19
CA LEU A 70 -8.64 -21.42 -36.53
C LEU A 70 -7.34 -20.87 -37.11
N LEU A 71 -7.18 -19.54 -37.08
CA LEU A 71 -5.99 -18.94 -37.63
C LEU A 71 -4.76 -19.34 -36.84
N TYR A 72 -4.88 -19.44 -35.51
CA TYR A 72 -3.76 -19.87 -34.70
C TYR A 72 -3.32 -21.27 -35.08
N SER A 73 -4.28 -22.18 -35.28
CA SER A 73 -3.95 -23.53 -35.71
C SER A 73 -3.30 -23.53 -37.08
N LEU A 74 -3.82 -22.71 -37.99
CA LEU A 74 -3.23 -22.65 -39.33
C LEU A 74 -1.78 -22.20 -39.26
N ALA A 75 -1.51 -21.17 -38.47
CA ALA A 75 -0.15 -20.68 -38.33
C ALA A 75 0.76 -21.72 -37.68
N LYS A 76 0.25 -22.40 -36.65
CA LYS A 76 1.07 -23.35 -35.91
C LYS A 76 1.35 -24.60 -36.72
N ALA A 77 0.44 -25.00 -37.59
CA ALA A 77 0.61 -26.22 -38.37
C ALA A 77 1.56 -25.99 -39.54
N ASN A 78 1.18 -25.10 -40.45
CA ASN A 78 2.00 -24.78 -41.60
C ASN A 78 3.08 -23.79 -41.19
N THR A 79 3.83 -23.28 -42.16
CA THR A 79 4.92 -22.34 -41.91
C THR A 79 4.58 -20.98 -42.52
N ALA A 80 5.44 -20.01 -42.22
CA ALA A 80 5.17 -18.63 -42.62
C ALA A 80 5.15 -18.49 -44.14
N ASP A 81 5.97 -19.26 -44.85
CA ASP A 81 6.04 -19.12 -46.31
C ASP A 81 4.70 -19.46 -46.97
N THR A 82 4.02 -20.49 -46.46
CA THR A 82 2.80 -20.95 -47.09
C THR A 82 1.76 -19.83 -47.17
N LYS A 83 1.10 -19.72 -48.32
CA LYS A 83 0.10 -18.71 -48.57
C LYS A 83 -1.27 -19.29 -48.87
N GLU A 84 -1.34 -20.28 -49.76
CA GLU A 84 -2.59 -20.88 -50.18
C GLU A 84 -2.63 -22.34 -49.72
N ILE A 85 -3.75 -22.76 -49.17
CA ILE A 85 -3.93 -24.09 -48.61
C ILE A 85 -5.34 -24.57 -48.91
N ASN A 86 -5.63 -25.80 -48.46
CA ASN A 86 -6.96 -26.39 -48.56
C ASN A 86 -7.37 -26.84 -47.18
N LEU A 87 -8.50 -26.33 -46.70
CA LEU A 87 -8.99 -26.59 -45.36
C LEU A 87 -10.06 -27.68 -45.40
N THR A 88 -9.97 -28.64 -44.47
CA THR A 88 -10.96 -29.69 -44.32
C THR A 88 -11.40 -29.70 -42.86
N LEU A 89 -12.45 -28.94 -42.58
CA LEU A 89 -12.99 -28.83 -41.23
C LEU A 89 -13.90 -30.02 -40.92
N LEU A 90 -14.23 -30.15 -39.64
CA LEU A 90 -15.01 -31.27 -39.14
C LEU A 90 -16.15 -30.72 -38.28
N LEU A 91 -17.33 -30.63 -38.87
CA LEU A 91 -18.53 -30.30 -38.13
C LEU A 91 -19.19 -31.56 -37.61
N PRO A 92 -20.10 -31.43 -36.63
CA PRO A 92 -20.83 -32.62 -36.16
C PRO A 92 -21.71 -33.19 -37.27
N ILE A 93 -22.18 -34.41 -37.02
CA ILE A 93 -22.95 -35.13 -38.05
C ILE A 93 -24.39 -34.66 -38.12
N ILE A 94 -24.81 -33.75 -37.25
CA ILE A 94 -26.16 -33.19 -37.28
C ILE A 94 -26.17 -31.72 -37.69
N GLN A 95 -25.02 -31.08 -37.80
CA GLN A 95 -24.92 -29.67 -38.16
C GLN A 95 -24.17 -29.48 -39.46
N MET A 96 -24.31 -30.42 -40.38
CA MET A 96 -23.57 -30.38 -41.64
C MET A 96 -24.14 -29.37 -42.63
N LYS A 97 -25.40 -28.96 -42.46
CA LYS A 97 -25.95 -27.94 -43.34
C LYS A 97 -25.33 -26.57 -43.06
N ASN A 98 -24.95 -26.33 -41.80
CA ASN A 98 -24.36 -25.05 -41.43
C ASN A 98 -23.11 -24.71 -42.23
N LYS A 99 -22.58 -25.68 -43.01
CA LYS A 99 -21.48 -25.36 -43.90
C LYS A 99 -21.83 -24.22 -44.84
N THR A 100 -23.12 -24.06 -45.17
CA THR A 100 -23.54 -22.93 -45.97
C THR A 100 -23.16 -21.62 -45.30
N ARG A 101 -23.43 -21.50 -44.01
CA ARG A 101 -23.02 -20.32 -43.26
C ARG A 101 -21.53 -20.28 -43.00
N LEU A 102 -20.81 -21.37 -43.27
CA LEU A 102 -19.38 -21.45 -43.03
C LEU A 102 -18.57 -21.12 -44.27
N ILE A 103 -18.99 -21.63 -45.43
CA ILE A 103 -18.24 -21.41 -46.66
C ILE A 103 -18.34 -19.95 -47.09
N GLU A 104 -19.50 -19.33 -46.89
CA GLU A 104 -19.71 -17.97 -47.38
C GLU A 104 -18.72 -16.99 -46.76
N THR A 105 -18.23 -17.27 -45.56
CA THR A 105 -17.35 -16.34 -44.85
C THR A 105 -15.87 -16.65 -45.00
N LEU A 106 -15.52 -17.85 -45.47
CA LEU A 106 -14.13 -18.28 -45.52
C LEU A 106 -13.59 -18.50 -46.93
N LYS A 107 -14.38 -19.10 -47.82
CA LYS A 107 -13.87 -19.47 -49.13
C LYS A 107 -13.33 -18.26 -49.86
N GLY A 108 -12.13 -18.38 -50.42
CA GLY A 108 -11.52 -17.29 -51.15
C GLY A 108 -11.36 -16.03 -50.34
N GLU A 109 -10.97 -16.16 -49.08
CA GLU A 109 -10.80 -15.03 -48.18
C GLU A 109 -9.36 -14.99 -47.68
N ASN A 110 -8.74 -13.83 -47.75
CA ASN A 110 -7.38 -13.64 -47.28
C ASN A 110 -7.42 -13.12 -45.85
N PHE A 111 -6.71 -13.81 -44.96
CA PHE A 111 -6.70 -13.50 -43.54
C PHE A 111 -5.30 -13.08 -43.13
N LYS A 112 -5.19 -11.91 -42.50
CA LYS A 112 -3.93 -11.38 -42.00
C LYS A 112 -4.03 -11.29 -40.48
N PHE A 113 -2.98 -11.72 -39.79
CA PHE A 113 -3.02 -11.75 -38.33
C PHE A 113 -1.60 -11.72 -37.79
N LYS A 114 -1.51 -11.45 -36.49
CA LYS A 114 -0.21 -11.24 -35.85
C LYS A 114 0.49 -12.55 -35.53
N PHE A 115 -0.17 -13.42 -34.77
CA PHE A 115 0.43 -14.68 -34.30
C PHE A 115 1.70 -14.39 -33.48
N ASN A 116 1.46 -13.75 -32.34
CA ASN A 116 2.51 -13.45 -31.36
C ASN A 116 3.47 -12.38 -31.88
N GLY A 117 2.95 -11.42 -32.65
CA GLY A 117 3.72 -10.29 -33.10
C GLY A 117 4.37 -10.44 -34.46
N ILE A 118 4.53 -11.66 -34.94
CA ILE A 118 5.16 -11.88 -36.26
C ILE A 118 4.00 -11.93 -37.28
N ASP A 119 3.60 -10.75 -37.72
CA ASP A 119 2.44 -10.64 -38.59
C ASP A 119 2.65 -11.44 -39.88
N ARG A 120 1.58 -12.06 -40.36
CA ARG A 120 1.62 -12.86 -41.57
C ARG A 120 0.22 -12.89 -42.17
N GLU A 121 0.12 -13.53 -43.34
CA GLU A 121 -1.11 -13.60 -44.11
C GLU A 121 -1.25 -15.00 -44.67
N ILE A 122 -2.49 -15.36 -45.01
CA ILE A 122 -2.77 -16.69 -45.53
C ILE A 122 -4.10 -16.65 -46.26
N LYS A 123 -4.16 -17.37 -47.39
CA LYS A 123 -5.39 -17.57 -48.14
C LYS A 123 -5.69 -19.05 -48.23
N ILE A 124 -6.96 -19.38 -48.49
CA ILE A 124 -7.39 -20.75 -48.66
C ILE A 124 -8.03 -20.88 -50.03
N ASN A 125 -7.56 -21.84 -50.82
CA ASN A 125 -8.09 -22.05 -52.15
C ASN A 125 -9.57 -22.40 -52.08
N ASP A 126 -9.89 -23.54 -51.47
CA ASP A 126 -11.26 -23.97 -51.31
C ASP A 126 -11.44 -24.56 -49.91
N LEU A 127 -12.67 -24.48 -49.41
CA LEU A 127 -13.02 -25.02 -48.11
C LEU A 127 -13.79 -26.32 -48.27
N MET A 128 -13.60 -27.23 -47.33
CA MET A 128 -14.30 -28.50 -47.33
C MET A 128 -14.68 -28.83 -45.89
N VAL A 129 -15.78 -29.57 -45.75
CA VAL A 129 -16.33 -29.90 -44.44
C VAL A 129 -16.74 -31.36 -44.43
N LEU A 130 -16.49 -32.03 -43.31
CA LEU A 130 -16.89 -33.41 -43.11
C LEU A 130 -17.56 -33.56 -41.76
N PRO A 131 -18.43 -34.56 -41.60
CA PRO A 131 -19.06 -34.79 -40.31
C PRO A 131 -18.15 -35.53 -39.35
N GLU A 132 -18.24 -35.17 -38.08
CA GLU A 132 -17.48 -35.87 -37.05
C GLU A 132 -17.94 -37.32 -36.95
N GLY A 133 -17.01 -38.20 -36.60
CA GLY A 133 -17.28 -39.62 -36.55
C GLY A 133 -17.02 -40.29 -37.88
N TYR A 134 -17.76 -39.88 -38.91
CA TYR A 134 -17.58 -40.47 -40.23
C TYR A 134 -16.12 -40.42 -40.67
N ALA A 135 -15.45 -39.29 -40.43
CA ALA A 135 -14.07 -39.15 -40.85
C ALA A 135 -13.17 -40.16 -40.15
N SER A 136 -13.40 -40.38 -38.85
CA SER A 136 -12.56 -41.31 -38.11
C SER A 136 -12.60 -42.71 -38.70
N TYR A 137 -13.63 -43.03 -39.48
CA TYR A 137 -13.70 -44.33 -40.11
C TYR A 137 -12.51 -44.58 -41.03
N TYR A 138 -12.13 -43.57 -41.81
CA TYR A 138 -11.05 -43.76 -42.77
C TYR A 138 -9.73 -44.05 -42.09
N SER A 139 -9.46 -43.43 -40.95
CA SER A 139 -8.26 -43.75 -40.19
C SER A 139 -8.28 -45.17 -39.64
N LEU A 140 -9.43 -45.83 -39.68
CA LEU A 140 -9.57 -47.16 -39.10
C LEU A 140 -8.79 -48.19 -39.90
N ASP A 141 -8.47 -49.29 -39.23
CA ASP A 141 -7.75 -50.38 -39.88
C ASP A 141 -8.67 -51.14 -40.84
N ILE A 142 -8.04 -51.84 -41.78
CA ILE A 142 -8.79 -52.53 -42.82
C ILE A 142 -9.67 -53.63 -42.23
N GLU A 143 -9.19 -54.30 -41.18
CA GLU A 143 -9.93 -55.43 -40.62
C GLU A 143 -11.33 -55.03 -40.19
N ASN A 144 -11.52 -53.76 -39.83
CA ASN A 144 -12.82 -53.29 -39.35
C ASN A 144 -13.68 -52.68 -40.46
N LYS A 145 -13.07 -52.20 -41.53
CA LYS A 145 -13.85 -51.56 -42.59
C LYS A 145 -14.81 -52.54 -43.23
N LYS A 146 -14.38 -53.78 -43.44
CA LYS A 146 -15.18 -54.73 -44.18
C LYS A 146 -16.53 -54.99 -43.50
N GLY A 147 -16.53 -55.09 -42.18
CA GLY A 147 -17.72 -55.44 -41.45
C GLY A 147 -18.67 -54.26 -41.27
N ASP A 148 -19.75 -54.53 -40.55
CA ASP A 148 -20.74 -53.52 -40.20
C ASP A 148 -20.40 -52.95 -38.82
N VAL A 149 -19.93 -51.71 -38.81
CA VAL A 149 -19.40 -51.09 -37.61
C VAL A 149 -20.28 -49.89 -37.22
N CYS A 150 -19.98 -49.32 -36.05
CA CYS A 150 -20.71 -48.17 -35.54
C CYS A 150 -19.71 -47.21 -34.92
N ILE A 151 -19.29 -46.21 -35.69
CA ILE A 151 -18.40 -45.19 -35.16
C ILE A 151 -19.14 -44.41 -34.08
N LEU A 152 -18.59 -44.40 -32.88
CA LEU A 152 -19.19 -43.75 -31.72
C LEU A 152 -18.19 -42.75 -31.17
N ASP A 153 -18.27 -41.51 -31.63
CA ASP A 153 -17.37 -40.46 -31.21
C ASP A 153 -17.92 -39.82 -29.94
N LEU A 154 -17.25 -40.07 -28.81
CA LEU A 154 -17.64 -39.52 -27.52
C LEU A 154 -16.85 -38.24 -27.27
N GLY A 155 -17.40 -37.12 -27.74
CA GLY A 155 -16.78 -35.83 -27.54
C GLY A 155 -16.93 -35.33 -26.12
N SER A 156 -16.77 -34.01 -25.97
CA SER A 156 -16.93 -33.38 -24.67
C SER A 156 -18.38 -33.04 -24.36
N ARG A 157 -19.14 -32.64 -25.38
CA ARG A 157 -20.57 -32.38 -25.21
C ARG A 157 -21.43 -33.06 -26.26
N THR A 158 -20.82 -33.67 -27.28
CA THR A 158 -21.56 -34.28 -28.38
C THR A 158 -21.09 -35.71 -28.56
N ILE A 159 -22.05 -36.64 -28.55
CA ILE A 159 -21.83 -38.02 -28.95
C ILE A 159 -22.35 -38.16 -30.37
N ASN A 160 -21.45 -38.48 -31.30
CA ASN A 160 -21.80 -38.60 -32.71
C ASN A 160 -21.79 -40.06 -33.09
N ILE A 161 -22.91 -40.55 -33.61
CA ILE A 161 -23.09 -41.94 -33.99
C ILE A 161 -23.20 -42.02 -35.50
N CYS A 162 -22.35 -42.84 -36.11
CA CYS A 162 -22.39 -43.10 -37.55
C CYS A 162 -22.29 -44.60 -37.75
N VAL A 163 -23.41 -45.22 -38.12
CA VAL A 163 -23.47 -46.65 -38.35
C VAL A 163 -23.11 -46.92 -39.81
N LEU A 164 -22.05 -47.70 -40.03
CA LEU A 164 -21.54 -47.96 -41.35
C LEU A 164 -21.74 -49.43 -41.69
N GLU A 165 -22.48 -49.68 -42.76
CA GLU A 165 -22.55 -51.00 -43.38
C GLU A 165 -21.32 -51.17 -44.24
N ASN A 166 -21.33 -52.13 -45.17
CA ASN A 166 -20.13 -52.45 -45.93
C ASN A 166 -19.83 -51.27 -46.84
N ALA A 167 -19.13 -50.29 -46.27
CA ALA A 167 -18.66 -49.10 -46.96
C ALA A 167 -19.81 -48.16 -47.32
N LYS A 168 -20.86 -48.13 -46.52
CA LYS A 168 -21.98 -47.24 -46.75
C LYS A 168 -22.66 -46.93 -45.42
N ILE A 169 -22.88 -45.63 -45.16
CA ILE A 169 -23.47 -45.22 -43.91
C ILE A 169 -24.97 -45.49 -43.93
N VAL A 170 -25.53 -45.75 -42.75
CA VAL A 170 -26.94 -46.07 -42.60
C VAL A 170 -27.59 -45.07 -41.66
N LYS A 171 -27.12 -45.04 -40.41
CA LYS A 171 -27.67 -44.20 -39.37
C LYS A 171 -26.68 -43.11 -39.01
N THR A 172 -27.18 -41.90 -38.83
CA THR A 172 -26.35 -40.74 -38.50
C THR A 172 -27.08 -39.90 -37.49
N ASN A 173 -26.50 -39.71 -36.31
CA ASN A 173 -27.19 -38.98 -35.26
C ASN A 173 -26.19 -38.31 -34.33
N THR A 174 -26.72 -37.34 -33.57
CA THR A 174 -25.95 -36.59 -32.59
C THR A 174 -26.75 -36.53 -31.29
N ILE A 175 -26.03 -36.58 -30.18
CA ILE A 175 -26.64 -36.54 -28.85
C ILE A 175 -25.88 -35.51 -28.01
N LYS A 176 -26.62 -34.71 -27.26
CA LYS A 176 -26.01 -33.70 -26.39
C LYS A 176 -25.58 -34.38 -25.09
N LEU A 177 -24.30 -34.76 -25.02
CA LEU A 177 -23.76 -35.40 -23.83
C LEU A 177 -22.26 -35.59 -23.99
N GLY A 178 -21.52 -35.64 -22.88
CA GLY A 178 -20.09 -35.85 -22.96
C GLY A 178 -19.42 -35.55 -21.63
N SER A 179 -18.10 -35.39 -21.70
CA SER A 179 -17.29 -35.21 -20.50
C SER A 179 -17.65 -33.94 -19.75
N PHE A 180 -18.14 -32.93 -20.47
CA PHE A 180 -18.44 -31.65 -19.82
C PHE A 180 -19.53 -31.81 -18.77
N ASP A 181 -20.56 -32.60 -19.08
CA ASP A 181 -21.61 -32.85 -18.10
C ASP A 181 -21.05 -33.60 -16.90
N PHE A 182 -20.10 -34.50 -17.13
CA PHE A 182 -19.45 -35.19 -16.01
C PHE A 182 -18.69 -34.22 -15.12
N TYR A 183 -17.98 -33.28 -15.73
CA TYR A 183 -17.28 -32.27 -14.95
C TYR A 183 -18.25 -31.42 -14.15
N SER A 184 -19.36 -31.04 -14.77
CA SER A 184 -20.39 -30.29 -14.04
C SER A 184 -20.91 -31.10 -12.87
N LYS A 185 -21.10 -32.41 -13.07
CA LYS A 185 -21.55 -33.27 -11.98
C LYS A 185 -20.54 -33.29 -10.84
N ILE A 186 -19.25 -33.41 -11.17
CA ILE A 186 -18.22 -33.44 -10.12
C ILE A 186 -18.22 -32.13 -9.34
N LYS A 187 -18.25 -31.01 -10.06
CA LYS A 187 -18.23 -29.73 -9.36
C LYS A 187 -19.50 -29.51 -8.55
N SER A 188 -20.62 -30.08 -9.00
CA SER A 188 -21.88 -29.91 -8.26
C SER A 188 -21.73 -30.33 -6.81
N LEU A 189 -20.89 -31.32 -6.53
CA LEU A 189 -20.65 -31.76 -5.17
C LEU A 189 -19.36 -31.20 -4.58
N GLU A 190 -18.38 -30.86 -5.40
CA GLU A 190 -17.16 -30.29 -4.84
C GLU A 190 -17.35 -28.84 -4.43
N ASN A 191 -17.82 -27.99 -5.34
CA ASN A 191 -18.08 -26.60 -5.00
C ASN A 191 -19.10 -26.47 -3.88
N ALA A 192 -19.92 -27.49 -3.67
CA ALA A 192 -20.96 -27.40 -2.67
C ALA A 192 -20.37 -27.25 -1.27
N LYS A 193 -19.33 -28.03 -0.95
CA LYS A 193 -18.82 -28.04 0.42
C LYS A 193 -18.30 -26.66 0.81
N GLY A 194 -17.19 -26.25 0.23
CA GLY A 194 -16.70 -24.90 0.42
C GLY A 194 -15.95 -24.32 -0.75
N GLU A 195 -15.83 -25.09 -1.83
CA GLU A 195 -14.85 -24.81 -2.86
C GLU A 195 -15.40 -23.87 -3.93
N ASP A 196 -14.55 -23.59 -4.92
CA ASP A 196 -14.87 -22.62 -5.97
C ASP A 196 -14.50 -23.13 -7.35
N TYR A 197 -14.45 -24.44 -7.55
CA TYR A 197 -13.99 -25.00 -8.81
C TYR A 197 -15.02 -24.78 -9.91
N ILE A 198 -14.56 -24.95 -11.15
CA ILE A 198 -15.39 -24.79 -12.34
C ILE A 198 -15.01 -25.87 -13.35
N GLU A 199 -15.79 -25.96 -14.42
CA GLU A 199 -15.60 -27.02 -15.41
C GLU A 199 -14.23 -26.97 -16.05
N GLU A 200 -13.56 -25.82 -16.04
CA GLU A 200 -12.30 -25.66 -16.76
C GLU A 200 -11.11 -26.14 -15.95
N ASP A 201 -11.12 -25.89 -14.65
CA ASP A 201 -10.00 -26.22 -13.76
C ASP A 201 -10.29 -27.44 -12.91
N ILE A 202 -10.94 -28.45 -13.49
CA ILE A 202 -11.42 -29.59 -12.72
C ILE A 202 -10.81 -30.88 -13.24
N GLN A 203 -10.47 -30.92 -14.53
CA GLN A 203 -9.77 -32.09 -15.07
C GLN A 203 -8.34 -32.12 -14.58
N ARG A 204 -7.67 -30.97 -14.59
CA ARG A 204 -6.32 -30.89 -14.07
C ARG A 204 -6.26 -31.32 -12.61
N LEU A 205 -7.31 -31.05 -11.84
CA LEU A 205 -7.33 -31.48 -10.44
C LEU A 205 -7.37 -32.99 -10.34
N ILE A 206 -8.16 -33.65 -11.19
CA ILE A 206 -8.17 -35.11 -11.19
C ILE A 206 -6.80 -35.64 -11.60
N ASP A 207 -6.19 -35.02 -12.60
CA ASP A 207 -4.88 -35.47 -13.05
C ASP A 207 -3.83 -35.35 -11.93
N ASN A 208 -3.88 -34.25 -11.18
CA ASN A 208 -2.88 -33.97 -10.16
C ASN A 208 -3.26 -34.50 -8.78
N GLY A 209 -4.39 -35.18 -8.66
CA GLY A 209 -4.73 -35.87 -7.43
C GLY A 209 -5.22 -34.97 -6.31
N LEU A 210 -6.33 -34.27 -6.55
CA LEU A 210 -7.00 -33.52 -5.49
C LEU A 210 -8.46 -33.95 -5.42
N ILE A 211 -9.03 -34.33 -6.54
CA ILE A 211 -10.40 -34.82 -6.62
C ILE A 211 -10.35 -36.33 -6.58
N LYS A 212 -10.84 -36.92 -5.49
CA LYS A 212 -10.88 -38.38 -5.35
C LYS A 212 -12.12 -38.90 -6.08
N VAL A 213 -11.97 -39.06 -7.39
CA VAL A 213 -13.06 -39.58 -8.20
C VAL A 213 -13.19 -41.07 -7.93
N ASP A 214 -14.37 -41.49 -7.50
CA ASP A 214 -14.60 -42.91 -7.22
C ASP A 214 -14.70 -43.69 -8.51
N SER A 215 -14.39 -44.99 -8.42
CA SER A 215 -14.42 -45.83 -9.61
C SER A 215 -15.81 -45.89 -10.23
N LYS A 216 -16.86 -45.85 -9.41
CA LYS A 216 -18.22 -45.97 -9.91
C LYS A 216 -18.76 -44.67 -10.46
N GLN A 217 -18.13 -43.53 -10.18
CA GLN A 217 -18.55 -42.28 -10.79
C GLN A 217 -18.32 -42.33 -12.30
N TYR A 218 -17.30 -43.06 -12.75
CA TYR A 218 -17.13 -43.29 -14.18
C TYR A 218 -18.12 -44.31 -14.71
N ILE A 219 -18.47 -45.31 -13.91
CA ILE A 219 -19.42 -46.34 -14.34
C ILE A 219 -20.78 -45.70 -14.60
N GLU A 220 -21.19 -44.78 -13.72
CA GLU A 220 -22.43 -44.05 -13.93
C GLU A 220 -22.42 -43.31 -15.26
N PHE A 221 -21.32 -42.64 -15.58
CA PHE A 221 -21.22 -41.91 -16.84
C PHE A 221 -21.26 -42.87 -18.03
N LEU A 222 -20.61 -44.02 -17.91
CA LEU A 222 -20.68 -45.02 -18.97
C LEU A 222 -22.12 -45.44 -19.23
N SER A 223 -22.81 -45.85 -18.16
CA SER A 223 -24.18 -46.32 -18.32
C SER A 223 -25.12 -45.20 -18.74
N ASP A 224 -24.77 -43.95 -18.48
CA ASP A 224 -25.56 -42.83 -18.96
C ASP A 224 -25.34 -42.54 -20.43
N ILE A 225 -24.12 -42.72 -20.93
CA ILE A 225 -23.88 -42.58 -22.37
C ILE A 225 -24.34 -43.81 -23.14
N LEU A 226 -24.60 -44.92 -22.45
CA LEU A 226 -25.16 -46.09 -23.11
C LEU A 226 -26.67 -46.20 -22.97
N ASN A 227 -27.26 -45.50 -22.01
CA ASN A 227 -28.72 -45.36 -21.94
C ASN A 227 -29.23 -44.26 -22.85
N ALA A 228 -28.35 -43.67 -23.66
CA ALA A 228 -28.73 -42.69 -24.65
C ALA A 228 -28.46 -43.16 -26.08
N VAL A 229 -28.00 -44.39 -26.24
CA VAL A 229 -27.68 -44.93 -27.56
C VAL A 229 -28.55 -46.12 -27.94
N LYS A 230 -29.23 -46.75 -26.98
CA LYS A 230 -30.04 -47.93 -27.30
C LYS A 230 -31.10 -47.65 -28.35
N PRO A 231 -31.84 -46.55 -28.33
CA PRO A 231 -32.86 -46.33 -29.36
C PRO A 231 -32.31 -46.32 -30.76
N TYR A 232 -31.07 -45.86 -30.94
CA TYR A 232 -30.47 -45.71 -32.25
C TYR A 232 -29.59 -46.88 -32.65
N VAL A 233 -28.95 -47.53 -31.68
CA VAL A 233 -28.02 -48.62 -31.97
C VAL A 233 -28.10 -49.64 -30.85
N ASN A 234 -27.87 -50.90 -31.19
CA ASN A 234 -27.65 -51.96 -30.22
C ASN A 234 -26.16 -52.28 -30.22
N LEU A 235 -25.48 -51.94 -29.13
CA LEU A 235 -24.02 -51.98 -29.12
C LEU A 235 -23.49 -53.40 -29.27
N LYS A 236 -24.24 -54.40 -28.80
CA LYS A 236 -23.80 -55.78 -28.97
C LYS A 236 -23.61 -56.09 -30.44
N THR A 237 -24.53 -55.66 -31.28
CA THR A 237 -24.35 -55.64 -32.72
C THR A 237 -23.50 -54.43 -33.11
N TYR A 238 -23.11 -54.37 -34.38
CA TYR A 238 -22.42 -53.21 -34.93
C TYR A 238 -21.10 -52.95 -34.18
N ASN A 239 -20.16 -53.87 -34.39
CA ASN A 239 -18.82 -53.74 -33.83
C ASN A 239 -18.42 -52.26 -33.78
N THR A 240 -18.02 -51.79 -32.61
CA THR A 240 -17.95 -50.36 -32.34
C THR A 240 -16.51 -49.88 -32.32
N ILE A 241 -16.34 -48.60 -32.66
CA ILE A 241 -15.05 -47.94 -32.65
C ILE A 241 -15.22 -46.70 -31.79
N PHE A 242 -14.94 -46.83 -30.50
CA PHE A 242 -14.97 -45.68 -29.61
C PHE A 242 -13.86 -44.71 -30.00
N THR A 243 -14.22 -43.43 -30.14
CA THR A 243 -13.26 -42.40 -30.48
C THR A 243 -13.52 -41.19 -29.60
N GLY A 244 -12.71 -40.16 -29.78
CA GLY A 244 -12.81 -38.98 -28.95
C GLY A 244 -12.03 -39.14 -27.65
N GLY A 245 -11.63 -38.01 -27.09
CA GLY A 245 -10.84 -38.04 -25.87
C GLY A 245 -11.58 -38.70 -24.72
N THR A 246 -12.90 -38.54 -24.68
CA THR A 246 -13.67 -39.15 -23.60
C THR A 246 -13.44 -40.64 -23.52
N SER A 247 -13.21 -41.30 -24.65
CA SER A 247 -12.96 -42.73 -24.63
C SER A 247 -11.70 -43.06 -23.84
N LEU A 248 -10.64 -42.28 -24.04
CA LEU A 248 -9.41 -42.51 -23.31
C LEU A 248 -9.59 -42.26 -21.82
N MET A 249 -10.49 -41.34 -21.48
CA MET A 249 -10.83 -41.11 -20.08
C MET A 249 -11.56 -42.30 -19.47
N LEU A 250 -12.02 -43.24 -20.29
CA LEU A 250 -12.76 -44.42 -19.82
C LEU A 250 -12.27 -45.70 -20.47
N LYS A 251 -11.08 -45.67 -21.08
CA LYS A 251 -10.59 -46.87 -21.76
C LYS A 251 -10.43 -48.03 -20.79
N GLU A 252 -9.95 -47.76 -19.58
CA GLU A 252 -9.77 -48.81 -18.59
C GLU A 252 -11.08 -49.47 -18.19
N TYR A 253 -12.21 -48.82 -18.47
CA TYR A 253 -13.52 -49.34 -18.09
C TYR A 253 -14.36 -49.80 -19.26
N ILE A 254 -14.18 -49.20 -20.44
CA ILE A 254 -14.94 -49.61 -21.61
C ILE A 254 -14.60 -51.03 -22.01
N GLU A 255 -13.40 -51.52 -21.67
CA GLU A 255 -12.98 -52.86 -22.05
C GLU A 255 -13.59 -53.94 -21.19
N LYS A 256 -14.20 -53.58 -20.05
CA LYS A 256 -14.83 -54.54 -19.16
C LYS A 256 -16.34 -54.60 -19.34
N LEU A 257 -16.81 -54.41 -20.57
CA LEU A 257 -18.23 -54.36 -20.86
C LEU A 257 -18.74 -55.70 -21.36
N PRO A 258 -20.04 -55.97 -21.24
CA PRO A 258 -20.64 -57.18 -21.80
C PRO A 258 -20.99 -57.06 -23.28
N LEU A 259 -20.05 -56.54 -24.06
CA LEU A 259 -20.23 -56.36 -25.50
C LEU A 259 -19.43 -57.43 -26.24
N ASN A 260 -20.07 -58.01 -27.26
CA ASN A 260 -19.51 -59.17 -27.94
C ASN A 260 -18.35 -58.79 -28.86
N LYS A 261 -18.35 -57.58 -29.42
CA LYS A 261 -17.30 -57.17 -30.34
C LYS A 261 -17.21 -55.66 -30.32
N PHE A 262 -16.02 -55.14 -30.02
CA PHE A 262 -15.80 -53.71 -29.90
C PHE A 262 -14.30 -53.47 -29.76
N LYS A 263 -13.94 -52.21 -29.59
CA LYS A 263 -12.56 -51.80 -29.34
C LYS A 263 -12.55 -50.31 -29.09
N VAL A 264 -11.44 -49.83 -28.54
CA VAL A 264 -11.19 -48.41 -28.38
C VAL A 264 -10.14 -48.02 -29.42
N HIS A 265 -10.48 -47.03 -30.23
CA HIS A 265 -9.61 -46.68 -31.36
C HIS A 265 -8.26 -46.21 -30.84
N PRO A 266 -7.16 -46.66 -31.42
CA PRO A 266 -5.86 -46.10 -31.06
C PRO A 266 -5.78 -44.65 -31.51
N ASN A 267 -4.94 -43.87 -30.79
CA ASN A 267 -4.83 -42.44 -30.99
C ASN A 267 -6.21 -41.82 -31.19
N ALA A 268 -7.17 -42.25 -30.36
CA ALA A 268 -8.54 -41.79 -30.51
C ALA A 268 -8.62 -40.27 -30.54
N LEU A 269 -7.75 -39.60 -29.78
CA LEU A 269 -7.79 -38.15 -29.72
C LEU A 269 -7.65 -37.53 -31.10
N THR A 270 -6.89 -38.16 -31.99
CA THR A 270 -6.59 -37.60 -33.30
C THR A 270 -7.15 -38.45 -34.45
N SER A 271 -8.03 -39.40 -34.16
CA SER A 271 -8.56 -40.27 -35.20
C SER A 271 -9.47 -39.50 -36.16
N ASN A 272 -10.39 -38.72 -35.62
CA ASN A 272 -11.30 -37.95 -36.45
C ASN A 272 -10.55 -36.98 -37.35
N VAL A 273 -9.32 -36.63 -36.98
CA VAL A 273 -8.50 -35.73 -37.78
C VAL A 273 -7.71 -36.49 -38.84
N ASP A 274 -7.10 -37.61 -38.45
CA ASP A 274 -6.32 -38.41 -39.39
C ASP A 274 -7.19 -38.96 -40.52
N GLY A 275 -8.39 -39.45 -40.18
CA GLY A 275 -9.27 -39.95 -41.22
C GLY A 275 -9.65 -38.87 -42.22
N ALA A 276 -9.99 -37.68 -41.72
CA ALA A 276 -10.27 -36.56 -42.61
C ALA A 276 -9.06 -36.23 -43.46
N MET A 277 -7.85 -36.41 -42.89
CA MET A 277 -6.64 -36.20 -43.66
C MET A 277 -6.59 -37.13 -44.87
N GLU A 278 -6.84 -38.42 -44.64
CA GLU A 278 -6.92 -39.35 -45.76
C GLU A 278 -7.95 -38.92 -46.79
N ALA A 279 -9.13 -38.52 -46.31
CA ALA A 279 -10.20 -38.17 -47.24
C ALA A 279 -9.80 -36.97 -48.09
N SER A 280 -9.16 -35.98 -47.47
CA SER A 280 -8.70 -34.82 -48.23
C SER A 280 -7.68 -35.23 -49.27
N LYS A 281 -6.75 -36.10 -48.90
CA LYS A 281 -5.83 -36.65 -49.89
C LYS A 281 -6.58 -37.27 -51.06
N LYS A 282 -7.58 -38.10 -50.75
CA LYS A 282 -8.33 -38.76 -51.82
C LYS A 282 -8.98 -37.75 -52.75
N VAL A 283 -9.55 -36.69 -52.19
CA VAL A 283 -10.30 -35.75 -53.01
C VAL A 283 -9.36 -34.89 -53.85
N TRP A 284 -8.51 -34.09 -53.20
CA TRP A 284 -7.69 -33.16 -53.97
C TRP A 284 -6.53 -33.87 -54.65
N ASN A 285 -5.93 -34.84 -53.98
CA ASN A 285 -4.79 -35.56 -54.54
C ASN A 285 -5.23 -36.92 -55.07
N MET B 1 -41.83 -14.77 17.14
CA MET B 1 -42.98 -13.85 16.89
C MET B 1 -42.73 -12.99 15.66
N LYS B 2 -41.88 -11.97 15.80
CA LYS B 2 -41.46 -11.18 14.67
C LYS B 2 -40.60 -12.03 13.74
N ILE B 3 -40.56 -11.64 12.47
CA ILE B 3 -39.83 -12.38 11.44
C ILE B 3 -38.85 -11.44 10.78
N THR B 4 -37.65 -11.94 10.51
CA THR B 4 -36.63 -11.16 9.82
C THR B 4 -35.95 -12.03 8.77
N VAL B 5 -35.55 -11.39 7.67
CA VAL B 5 -34.84 -12.03 6.59
C VAL B 5 -33.57 -11.23 6.32
N VAL B 6 -32.44 -11.93 6.16
CA VAL B 6 -31.15 -11.30 6.02
C VAL B 6 -30.40 -12.00 4.88
N ASP B 7 -30.20 -11.29 3.78
CA ASP B 7 -29.31 -11.74 2.70
C ASP B 7 -27.98 -11.04 2.92
N LEU B 8 -26.99 -11.81 3.40
CA LEU B 8 -25.69 -11.23 3.71
C LEU B 8 -25.01 -10.72 2.45
N GLY B 9 -25.02 -11.52 1.39
CA GLY B 9 -24.39 -11.11 0.15
C GLY B 9 -22.89 -10.93 0.30
N ASN B 10 -22.21 -10.66 -0.81
CA ASN B 10 -20.77 -10.46 -0.80
C ASN B 10 -20.37 -8.99 -0.90
N ILE B 11 -21.22 -8.16 -1.49
CA ILE B 11 -20.97 -6.72 -1.57
C ILE B 11 -22.14 -5.88 -1.09
N ASN B 12 -23.24 -6.50 -0.70
CA ASN B 12 -24.38 -5.77 -0.16
C ASN B 12 -25.16 -6.68 0.77
N VAL B 13 -25.57 -6.12 1.91
CA VAL B 13 -26.41 -6.82 2.89
C VAL B 13 -27.80 -6.22 2.81
N LYS B 14 -28.81 -7.08 2.82
CA LYS B 14 -30.19 -6.67 2.58
C LYS B 14 -31.06 -7.31 3.66
N TYR B 15 -31.69 -6.49 4.48
CA TYR B 15 -32.47 -7.03 5.56
C TYR B 15 -33.89 -6.52 5.49
N VAL B 16 -34.82 -7.37 5.91
CA VAL B 16 -36.23 -6.99 5.91
C VAL B 16 -36.89 -7.60 7.14
N GLY B 17 -37.42 -6.74 8.01
CA GLY B 17 -38.14 -7.15 9.19
C GLY B 17 -39.25 -6.17 9.46
N GLU B 18 -39.32 -5.67 10.69
CA GLU B 18 -40.24 -4.57 10.98
C GLU B 18 -39.90 -3.34 10.14
N ASN B 19 -38.61 -3.12 9.90
CA ASN B 19 -38.13 -2.01 9.07
C ASN B 19 -37.13 -2.56 8.08
N LYS B 20 -37.42 -2.41 6.79
CA LYS B 20 -36.59 -2.95 5.73
C LYS B 20 -35.42 -2.01 5.42
N GLY B 21 -34.50 -2.49 4.61
CA GLY B 21 -33.40 -1.66 4.16
C GLY B 21 -32.21 -2.52 3.76
N ARG B 22 -31.09 -1.82 3.57
CA ARG B 22 -29.87 -2.48 3.10
C ARG B 22 -28.68 -1.60 3.45
N PHE B 23 -27.50 -2.17 3.25
CA PHE B 23 -26.24 -1.46 3.42
C PHE B 23 -25.14 -2.24 2.72
N SER B 24 -23.90 -1.81 2.88
CA SER B 24 -22.77 -2.45 2.22
C SER B 24 -22.20 -3.57 3.07
N SER B 25 -21.59 -4.55 2.41
CA SER B 25 -21.05 -5.71 3.08
C SER B 25 -19.65 -5.47 3.63
N LYS B 26 -19.06 -4.29 3.40
CA LYS B 26 -17.72 -4.02 3.88
C LYS B 26 -17.66 -4.18 5.39
N ILE B 27 -16.64 -4.88 5.86
CA ILE B 27 -16.39 -5.05 7.29
C ILE B 27 -14.89 -4.93 7.53
N THR B 28 -14.52 -4.27 8.61
CA THR B 28 -13.12 -4.09 8.97
C THR B 28 -12.97 -4.16 10.48
N ASN B 29 -11.99 -4.93 10.93
CA ASN B 29 -11.63 -5.01 12.34
C ASN B 29 -10.52 -4.03 12.69
N ASP B 30 -10.07 -3.23 11.73
CA ASP B 30 -8.95 -2.33 11.97
C ASP B 30 -9.31 -1.30 13.03
N TYR B 31 -8.31 -0.93 13.83
CA TYR B 31 -8.51 0.10 14.84
C TYR B 31 -8.89 1.41 14.18
N GLN B 32 -9.82 2.13 14.81
CA GLN B 32 -10.26 3.42 14.33
C GLN B 32 -10.44 4.36 15.52
N SER B 33 -9.98 5.60 15.36
CA SER B 33 -9.99 6.55 16.47
C SER B 33 -11.37 7.15 16.67
N TYR B 34 -11.89 7.84 15.66
CA TYR B 34 -13.18 8.51 15.75
C TYR B 34 -14.29 7.46 15.61
N GLU B 35 -14.43 6.65 16.67
CA GLU B 35 -15.45 5.61 16.67
C GLU B 35 -16.84 6.21 16.53
N GLU B 36 -17.11 7.29 17.24
CA GLU B 36 -18.38 8.00 17.14
C GLU B 36 -18.43 8.69 15.79
N GLY B 37 -19.17 8.10 14.85
CA GLY B 37 -19.23 8.62 13.50
C GLY B 37 -19.29 7.51 12.48
N PHE B 38 -18.87 6.31 12.89
CA PHE B 38 -18.98 5.12 12.09
C PHE B 38 -20.16 4.28 12.57
N GLN B 39 -20.48 3.25 11.80
CA GLN B 39 -21.45 2.23 12.19
C GLN B 39 -20.67 1.01 12.67
N ARG B 40 -20.83 0.68 13.95
CA ARG B 40 -19.95 -0.27 14.61
C ARG B 40 -20.76 -1.22 15.46
N VAL B 41 -20.19 -2.41 15.69
CA VAL B 41 -20.78 -3.39 16.59
C VAL B 41 -19.64 -4.15 17.27
N GLU B 42 -19.77 -4.34 18.58
CA GLU B 42 -18.79 -5.08 19.36
C GLU B 42 -19.47 -6.34 19.91
N TYR B 43 -18.97 -7.50 19.49
CA TYR B 43 -19.45 -8.79 19.95
C TYR B 43 -18.35 -9.48 20.74
N ASN B 44 -18.67 -9.90 21.95
CA ASN B 44 -17.76 -10.62 22.84
C ASN B 44 -16.33 -10.07 22.74
N GLY B 45 -16.22 -8.75 22.77
CA GLY B 45 -14.95 -8.08 22.91
C GLY B 45 -14.23 -7.74 21.62
N ILE B 46 -14.73 -8.20 20.48
CA ILE B 46 -14.15 -7.86 19.18
C ILE B 46 -15.09 -6.89 18.48
N LYS B 47 -14.53 -5.79 17.99
CA LYS B 47 -15.31 -4.73 17.38
C LYS B 47 -15.13 -4.74 15.87
N THR B 48 -16.20 -4.35 15.17
CA THR B 48 -16.19 -4.29 13.72
C THR B 48 -16.92 -3.02 13.28
N TYR B 49 -16.29 -2.27 12.38
CA TYR B 49 -16.87 -1.07 11.81
C TYR B 49 -17.41 -1.41 10.43
N ILE B 50 -18.72 -1.41 10.30
CA ILE B 50 -19.38 -1.88 9.09
C ILE B 50 -19.52 -0.74 8.10
N GLY B 51 -19.63 -1.10 6.82
CA GLY B 51 -19.80 -0.15 5.75
C GLY B 51 -18.51 0.44 5.21
N VAL B 52 -17.36 0.03 5.73
CA VAL B 52 -16.07 0.57 5.29
C VAL B 52 -15.01 -0.50 5.46
N GLY B 53 -14.01 -0.45 4.58
CA GLY B 53 -12.83 -1.29 4.73
C GLY B 53 -12.72 -2.37 3.68
N GLU B 54 -12.54 -3.61 4.13
CA GLU B 54 -12.31 -4.72 3.24
C GLU B 54 -13.63 -5.23 2.70
N LEU B 55 -13.61 -6.39 2.04
CA LEU B 55 -14.79 -6.96 1.43
C LEU B 55 -15.06 -8.40 1.81
N SER B 56 -14.09 -9.13 2.35
CA SER B 56 -14.27 -10.53 2.76
C SER B 56 -14.72 -11.37 1.58
N ARG B 57 -13.83 -11.48 0.60
CA ARG B 57 -14.03 -12.18 -0.66
C ARG B 57 -14.20 -13.68 -0.49
N GLU B 58 -14.22 -14.21 0.71
CA GLU B 58 -14.30 -15.66 0.90
C GLU B 58 -15.62 -16.19 0.35
N PHE B 59 -15.53 -17.35 -0.32
CA PHE B 59 -16.69 -18.06 -0.83
C PHE B 59 -17.34 -18.82 0.33
N ASN B 60 -18.23 -19.75 0.01
CA ASN B 60 -18.84 -20.65 1.00
C ASN B 60 -19.27 -19.88 2.25
N LYS B 61 -20.27 -19.02 2.04
CA LYS B 61 -20.48 -17.90 2.95
C LYS B 61 -21.12 -18.32 4.27
N ALA B 62 -21.06 -19.61 4.60
CA ALA B 62 -21.48 -20.08 5.91
C ALA B 62 -20.39 -19.95 6.97
N ASP B 63 -19.18 -19.50 6.59
CA ASP B 63 -18.08 -19.35 7.54
C ASP B 63 -17.36 -18.02 7.45
N ARG B 64 -17.72 -17.18 6.49
CA ARG B 64 -17.06 -15.89 6.30
C ARG B 64 -17.49 -14.87 7.36
N ASP B 65 -17.21 -15.17 8.62
CA ASP B 65 -17.56 -14.28 9.71
C ASP B 65 -18.87 -13.56 9.41
N TYR B 66 -19.91 -14.36 9.25
CA TYR B 66 -21.26 -13.83 9.04
C TYR B 66 -21.80 -13.34 10.37
N MET B 67 -21.02 -12.52 11.07
CA MET B 67 -21.20 -12.39 12.50
C MET B 67 -21.66 -10.99 12.91
N ALA B 68 -20.87 -9.95 12.60
CA ALA B 68 -21.25 -8.61 13.01
C ALA B 68 -22.30 -8.02 12.08
N GLN B 69 -22.23 -8.35 10.79
CA GLN B 69 -23.23 -7.86 9.85
C GLN B 69 -24.62 -8.38 10.23
N LEU B 70 -24.70 -9.64 10.64
CA LEU B 70 -25.99 -10.22 10.99
C LEU B 70 -26.62 -9.48 12.16
N LEU B 71 -25.87 -9.31 13.25
CA LEU B 71 -26.40 -8.63 14.42
C LEU B 71 -26.72 -7.18 14.12
N TYR B 72 -25.87 -6.52 13.32
CA TYR B 72 -26.14 -5.14 12.94
C TYR B 72 -27.45 -5.03 12.17
N SER B 73 -27.68 -5.95 11.23
CA SER B 73 -28.92 -5.95 10.49
C SER B 73 -30.11 -6.21 11.41
N LEU B 74 -29.96 -7.14 12.35
CA LEU B 74 -31.04 -7.43 13.29
C LEU B 74 -31.40 -6.19 14.09
N ALA B 75 -30.38 -5.49 14.60
CA ALA B 75 -30.63 -4.29 15.39
C ALA B 75 -31.27 -3.20 14.53
N LYS B 76 -30.79 -3.03 13.30
CA LYS B 76 -31.28 -1.95 12.45
C LYS B 76 -32.70 -2.21 11.97
N ALA B 77 -33.07 -3.48 11.78
CA ALA B 77 -34.40 -3.79 11.28
C ALA B 77 -35.45 -3.69 12.37
N ASN B 78 -35.30 -4.51 13.41
CA ASN B 78 -36.23 -4.50 14.53
C ASN B 78 -35.86 -3.35 15.47
N THR B 79 -36.52 -3.29 16.62
CA THR B 79 -36.29 -2.24 17.60
C THR B 79 -35.70 -2.85 18.88
N ALA B 80 -35.31 -1.95 19.79
CA ALA B 80 -34.61 -2.37 20.99
C ALA B 80 -35.48 -3.27 21.87
N ASP B 81 -36.79 -3.03 21.90
CA ASP B 81 -37.66 -3.80 22.77
C ASP B 81 -37.67 -5.27 22.38
N THR B 82 -37.65 -5.57 21.08
CA THR B 82 -37.78 -6.94 20.63
C THR B 82 -36.66 -7.80 21.19
N LYS B 83 -37.03 -9.00 21.64
CA LYS B 83 -36.10 -9.94 22.23
C LYS B 83 -36.02 -11.25 21.45
N GLU B 84 -37.16 -11.84 21.10
CA GLU B 84 -37.20 -13.12 20.41
C GLU B 84 -37.79 -12.90 19.02
N ILE B 85 -37.17 -13.53 18.02
CA ILE B 85 -37.55 -13.36 16.62
C ILE B 85 -37.37 -14.70 15.91
N ASN B 86 -37.71 -14.71 14.63
CA ASN B 86 -37.51 -15.86 13.76
C ASN B 86 -36.71 -15.40 12.54
N LEU B 87 -35.57 -16.05 12.32
CA LEU B 87 -34.65 -15.68 11.26
C LEU B 87 -34.84 -16.60 10.07
N THR B 88 -34.87 -16.00 8.87
CA THR B 88 -34.96 -16.74 7.61
C THR B 88 -33.81 -16.27 6.73
N LEU B 89 -32.68 -16.95 6.83
CA LEU B 89 -31.50 -16.62 6.05
C LEU B 89 -31.60 -17.20 4.64
N LEU B 90 -30.72 -16.73 3.77
CA LEU B 90 -30.71 -17.11 2.35
C LEU B 90 -29.30 -17.54 1.96
N LEU B 91 -29.08 -18.84 1.94
CA LEU B 91 -27.84 -19.39 1.42
C LEU B 91 -27.96 -19.65 -0.07
N PRO B 92 -26.85 -19.83 -0.77
CA PRO B 92 -26.93 -20.17 -2.19
C PRO B 92 -27.57 -21.54 -2.39
N ILE B 93 -27.96 -21.81 -3.64
CA ILE B 93 -28.68 -23.04 -3.94
C ILE B 93 -27.78 -24.26 -4.02
N ILE B 94 -26.46 -24.08 -3.89
CA ILE B 94 -25.52 -25.20 -3.89
C ILE B 94 -24.88 -25.41 -2.52
N GLN B 95 -25.10 -24.52 -1.56
CA GLN B 95 -24.50 -24.61 -0.24
C GLN B 95 -25.57 -24.75 0.84
N MET B 96 -26.68 -25.41 0.50
CA MET B 96 -27.79 -25.52 1.43
C MET B 96 -27.56 -26.54 2.53
N LYS B 97 -26.61 -27.48 2.34
CA LYS B 97 -26.29 -28.41 3.41
C LYS B 97 -25.57 -27.71 4.56
N ASN B 98 -24.78 -26.67 4.25
CA ASN B 98 -24.04 -25.97 5.27
C ASN B 98 -24.94 -25.39 6.36
N LYS B 99 -26.25 -25.42 6.18
CA LYS B 99 -27.15 -25.03 7.27
C LYS B 99 -26.89 -25.84 8.52
N THR B 100 -26.40 -27.07 8.37
CA THR B 100 -26.04 -27.86 9.54
C THR B 100 -24.98 -27.13 10.36
N ARG B 101 -23.95 -26.61 9.70
CA ARG B 101 -22.93 -25.82 10.40
C ARG B 101 -23.45 -24.45 10.80
N LEU B 102 -24.62 -24.05 10.32
CA LEU B 102 -25.18 -22.74 10.62
C LEU B 102 -26.16 -22.79 11.79
N ILE B 103 -27.01 -23.81 11.83
CA ILE B 103 -28.01 -23.89 12.89
C ILE B 103 -27.34 -24.19 14.23
N GLU B 104 -26.30 -25.03 14.23
CA GLU B 104 -25.69 -25.45 15.48
C GLU B 104 -25.15 -24.27 16.28
N THR B 105 -24.78 -23.18 15.61
CA THR B 105 -24.17 -22.03 16.27
C THR B 105 -25.14 -20.92 16.61
N LEU B 106 -26.33 -20.92 16.04
CA LEU B 106 -27.28 -19.82 16.19
C LEU B 106 -28.56 -20.19 16.91
N LYS B 107 -29.13 -21.35 16.61
CA LYS B 107 -30.43 -21.71 17.16
C LYS B 107 -30.41 -21.66 18.69
N GLY B 108 -31.41 -21.00 19.27
CA GLY B 108 -31.49 -20.91 20.71
C GLY B 108 -30.27 -20.29 21.35
N GLU B 109 -29.72 -19.24 20.74
CA GLU B 109 -28.53 -18.57 21.23
C GLU B 109 -28.87 -17.10 21.50
N ASN B 110 -28.49 -16.62 22.68
CA ASN B 110 -28.70 -15.22 23.04
C ASN B 110 -27.45 -14.42 22.71
N PHE B 111 -27.64 -13.35 21.95
CA PHE B 111 -26.54 -12.51 21.48
C PHE B 111 -26.67 -11.13 22.08
N LYS B 112 -25.60 -10.65 22.71
CA LYS B 112 -25.54 -9.33 23.31
C LYS B 112 -24.47 -8.53 22.58
N PHE B 113 -24.78 -7.29 22.24
CA PHE B 113 -23.84 -6.48 21.46
C PHE B 113 -24.13 -5.00 21.70
N LYS B 114 -23.18 -4.18 21.28
CA LYS B 114 -23.24 -2.74 21.57
C LYS B 114 -24.17 -2.01 20.61
N PHE B 115 -23.91 -2.12 19.30
CA PHE B 115 -24.65 -1.39 18.28
C PHE B 115 -24.54 0.12 18.51
N ASN B 116 -23.30 0.60 18.36
CA ASN B 116 -22.99 2.02 18.47
C ASN B 116 -23.11 2.52 19.90
N GLY B 117 -22.78 1.68 20.87
CA GLY B 117 -22.72 2.07 22.25
C GLY B 117 -23.99 1.81 23.04
N ILE B 118 -25.13 1.65 22.38
CA ILE B 118 -26.40 1.40 23.08
C ILE B 118 -26.54 -0.12 23.17
N ASP B 119 -25.92 -0.69 24.20
CA ASP B 119 -25.87 -2.14 24.33
C ASP B 119 -27.28 -2.72 24.43
N ARG B 120 -27.47 -3.88 23.81
CA ARG B 120 -28.74 -4.57 23.82
C ARG B 120 -28.51 -6.06 23.62
N GLU B 121 -29.60 -6.82 23.67
CA GLU B 121 -29.56 -8.27 23.60
C GLU B 121 -30.71 -8.74 22.72
N ILE B 122 -30.56 -9.96 22.19
CA ILE B 122 -31.58 -10.51 21.31
C ILE B 122 -31.42 -12.02 21.26
N LYS B 123 -32.55 -12.73 21.23
CA LYS B 123 -32.57 -14.16 21.04
C LYS B 123 -33.41 -14.49 19.82
N ILE B 124 -33.19 -15.67 19.27
CA ILE B 124 -33.92 -16.17 18.11
C ILE B 124 -34.59 -17.48 18.50
N ASN B 125 -35.91 -17.56 18.29
CA ASN B 125 -36.64 -18.77 18.63
C ASN B 125 -36.12 -19.94 17.80
N ASP B 126 -36.27 -19.87 16.48
CA ASP B 126 -35.79 -20.91 15.59
C ASP B 126 -35.18 -20.26 14.36
N LEU B 127 -34.24 -20.97 13.75
CA LEU B 127 -33.56 -20.53 12.55
C LEU B 127 -34.11 -21.28 11.34
N MET B 128 -34.15 -20.60 10.20
CA MET B 128 -34.60 -21.18 8.95
C MET B 128 -33.71 -20.68 7.83
N VAL B 129 -33.56 -21.51 6.80
CA VAL B 129 -32.66 -21.21 5.70
C VAL B 129 -33.36 -21.56 4.39
N LEU B 130 -33.16 -20.74 3.38
CA LEU B 130 -33.69 -20.97 2.05
C LEU B 130 -32.61 -20.74 1.02
N PRO B 131 -32.72 -21.38 -0.15
CA PRO B 131 -31.73 -21.16 -1.20
C PRO B 131 -32.00 -19.87 -1.97
N GLU B 132 -30.93 -19.22 -2.37
CA GLU B 132 -31.05 -18.01 -3.18
C GLU B 132 -31.66 -18.36 -4.54
N GLY B 133 -32.40 -17.41 -5.09
CA GLY B 133 -33.11 -17.64 -6.33
C GLY B 133 -34.49 -18.19 -6.10
N TYR B 134 -34.56 -19.39 -5.50
CA TYR B 134 -35.85 -20.01 -5.24
C TYR B 134 -36.78 -19.07 -4.48
N ALA B 135 -36.23 -18.37 -3.48
CA ALA B 135 -37.06 -17.47 -2.68
C ALA B 135 -37.65 -16.35 -3.54
N SER B 136 -36.86 -15.80 -4.45
CA SER B 136 -37.34 -14.70 -5.28
C SER B 136 -38.55 -15.09 -6.10
N TYR B 137 -38.77 -16.39 -6.30
CA TYR B 137 -39.93 -16.85 -7.04
C TYR B 137 -41.22 -16.40 -6.37
N TYR B 138 -41.29 -16.52 -5.04
CA TYR B 138 -42.52 -16.20 -4.33
C TYR B 138 -42.88 -14.73 -4.46
N SER B 139 -41.88 -13.84 -4.46
CA SER B 139 -42.16 -12.43 -4.69
C SER B 139 -42.66 -12.15 -6.09
N LEU B 140 -42.56 -13.13 -6.99
CA LEU B 140 -42.93 -12.94 -8.38
C LEU B 140 -44.44 -12.77 -8.52
N ASP B 141 -44.84 -12.15 -9.63
CA ASP B 141 -46.25 -11.95 -9.92
C ASP B 141 -46.89 -13.27 -10.34
N ILE B 142 -48.22 -13.31 -10.20
CA ILE B 142 -48.96 -14.54 -10.48
C ILE B 142 -48.85 -14.93 -11.95
N GLU B 143 -48.81 -13.95 -12.85
CA GLU B 143 -48.79 -14.25 -14.28
C GLU B 143 -47.62 -15.15 -14.65
N ASN B 144 -46.52 -15.08 -13.89
CA ASN B 144 -45.33 -15.85 -14.21
C ASN B 144 -45.27 -17.17 -13.46
N LYS B 145 -45.94 -17.29 -12.31
CA LYS B 145 -45.87 -18.52 -11.54
C LYS B 145 -46.43 -19.70 -12.32
N LYS B 146 -47.53 -19.48 -13.05
CA LYS B 146 -48.21 -20.59 -13.70
C LYS B 146 -47.30 -21.30 -14.70
N GLY B 147 -46.52 -20.54 -15.46
CA GLY B 147 -45.71 -21.10 -16.51
C GLY B 147 -44.44 -21.76 -15.99
N ASP B 148 -43.64 -22.23 -16.94
CA ASP B 148 -42.33 -22.82 -16.65
C ASP B 148 -41.26 -21.74 -16.79
N VAL B 149 -40.71 -21.32 -15.65
CA VAL B 149 -39.80 -20.19 -15.59
C VAL B 149 -38.43 -20.65 -15.14
N CYS B 150 -37.46 -19.73 -15.18
CA CYS B 150 -36.09 -20.02 -14.78
C CYS B 150 -35.57 -18.82 -13.99
N ILE B 151 -35.65 -18.91 -12.67
CA ILE B 151 -35.10 -17.85 -11.83
C ILE B 151 -33.59 -17.83 -12.00
N LEU B 152 -33.06 -16.69 -12.43
CA LEU B 152 -31.65 -16.50 -12.71
C LEU B 152 -31.16 -15.34 -11.85
N ASP B 153 -30.63 -15.65 -10.67
CA ASP B 153 -30.16 -14.64 -9.74
C ASP B 153 -28.70 -14.35 -10.07
N LEU B 154 -28.44 -13.16 -10.61
CA LEU B 154 -27.09 -12.73 -10.97
C LEU B 154 -26.52 -11.92 -9.81
N GLY B 155 -25.87 -12.61 -8.88
CA GLY B 155 -25.25 -11.96 -7.74
C GLY B 155 -23.97 -11.26 -8.12
N SER B 156 -23.14 -11.02 -7.11
CA SER B 156 -21.84 -10.39 -7.32
C SER B 156 -20.77 -11.40 -7.70
N ARG B 157 -20.82 -12.60 -7.13
CA ARG B 157 -19.89 -13.66 -7.49
C ARG B 157 -20.59 -14.98 -7.78
N THR B 158 -21.89 -15.08 -7.54
CA THR B 158 -22.62 -16.33 -7.71
C THR B 158 -23.82 -16.08 -8.60
N ILE B 159 -23.94 -16.88 -9.66
CA ILE B 159 -25.14 -16.94 -10.48
C ILE B 159 -25.90 -18.19 -10.04
N ASN B 160 -27.10 -18.00 -9.51
CA ASN B 160 -27.92 -19.10 -9.02
C ASN B 160 -29.07 -19.34 -9.99
N ILE B 161 -29.17 -20.56 -10.48
CA ILE B 161 -30.19 -20.96 -11.45
C ILE B 161 -31.16 -21.91 -10.77
N CYS B 162 -32.44 -21.58 -10.83
CA CYS B 162 -33.50 -22.44 -10.32
C CYS B 162 -34.60 -22.52 -11.37
N VAL B 163 -34.69 -23.66 -12.04
CA VAL B 163 -35.69 -23.86 -13.09
C VAL B 163 -36.95 -24.41 -12.44
N LEU B 164 -38.05 -23.69 -12.58
CA LEU B 164 -39.31 -24.03 -11.93
C LEU B 164 -40.33 -24.42 -13.00
N GLU B 165 -40.82 -25.65 -12.90
CA GLU B 165 -41.98 -26.08 -13.66
C GLU B 165 -43.22 -25.58 -12.93
N ASN B 166 -44.39 -26.13 -13.23
CA ASN B 166 -45.63 -25.60 -12.68
C ASN B 166 -45.63 -25.85 -11.19
N ALA B 167 -45.00 -24.92 -10.46
CA ALA B 167 -44.93 -24.92 -9.00
C ALA B 167 -44.06 -26.05 -8.47
N LYS B 168 -43.03 -26.45 -9.22
CA LYS B 168 -42.12 -27.49 -8.78
C LYS B 168 -40.76 -27.27 -9.43
N ILE B 169 -39.71 -27.27 -8.61
CA ILE B 169 -38.36 -27.03 -9.12
C ILE B 169 -37.86 -28.28 -9.85
N VAL B 170 -36.99 -28.06 -10.83
CA VAL B 170 -36.44 -29.13 -11.65
C VAL B 170 -34.92 -29.10 -11.55
N LYS B 171 -34.33 -27.99 -12.00
CA LYS B 171 -32.89 -27.83 -12.06
C LYS B 171 -32.45 -26.79 -11.04
N THR B 172 -31.35 -27.08 -10.34
CA THR B 172 -30.83 -26.19 -9.31
C THR B 172 -29.32 -26.19 -9.41
N ASN B 173 -28.73 -25.03 -9.65
CA ASN B 173 -27.29 -24.98 -9.86
C ASN B 173 -26.74 -23.61 -9.46
N THR B 174 -25.42 -23.59 -9.25
CA THR B 174 -24.69 -22.39 -8.90
C THR B 174 -23.45 -22.29 -9.78
N ILE B 175 -23.10 -21.06 -10.15
CA ILE B 175 -21.95 -20.79 -10.99
C ILE B 175 -21.14 -19.68 -10.34
N LYS B 176 -19.81 -19.82 -10.34
CA LYS B 176 -18.93 -18.81 -9.78
C LYS B 176 -18.71 -17.72 -10.83
N LEU B 177 -19.49 -16.64 -10.73
CA LEU B 177 -19.36 -15.52 -11.65
C LEU B 177 -20.28 -14.40 -11.22
N GLY B 178 -19.94 -13.16 -11.57
CA GLY B 178 -20.79 -12.04 -11.22
C GLY B 178 -20.07 -10.72 -11.42
N SER B 179 -20.62 -9.68 -10.81
CA SER B 179 -20.12 -8.33 -11.02
C SER B 179 -18.71 -8.16 -10.51
N PHE B 180 -18.31 -8.95 -9.50
CA PHE B 180 -16.98 -8.80 -8.93
C PHE B 180 -15.90 -9.09 -9.97
N ASP B 181 -16.10 -10.12 -10.78
CA ASP B 181 -15.15 -10.42 -11.83
C ASP B 181 -15.08 -9.29 -12.84
N PHE B 182 -16.23 -8.66 -13.12
CA PHE B 182 -16.24 -7.51 -14.01
C PHE B 182 -15.42 -6.36 -13.44
N TYR B 183 -15.57 -6.10 -12.14
CA TYR B 183 -14.78 -5.05 -11.50
C TYR B 183 -13.29 -5.38 -11.57
N SER B 184 -12.94 -6.64 -11.32
CA SER B 184 -11.55 -7.05 -11.45
C SER B 184 -11.05 -6.82 -12.87
N LYS B 185 -11.89 -7.10 -13.86
CA LYS B 185 -11.51 -6.86 -15.25
C LYS B 185 -11.26 -5.38 -15.50
N ILE B 186 -12.13 -4.52 -14.99
CA ILE B 186 -11.96 -3.08 -15.20
C ILE B 186 -10.67 -2.60 -14.56
N LYS B 187 -10.43 -3.02 -13.32
CA LYS B 187 -9.21 -2.57 -12.66
C LYS B 187 -7.97 -3.15 -13.32
N SER B 188 -8.08 -4.33 -13.93
CA SER B 188 -6.92 -4.93 -14.59
C SER B 188 -6.30 -3.99 -15.63
N LEU B 189 -7.12 -3.15 -16.26
CA LEU B 189 -6.63 -2.18 -17.21
C LEU B 189 -6.51 -0.78 -16.64
N GLU B 190 -7.29 -0.45 -15.62
CA GLU B 190 -7.15 0.89 -15.03
C GLU B 190 -5.90 1.00 -14.17
N ASN B 191 -5.75 0.10 -13.19
CA ASN B 191 -4.57 0.12 -12.34
C ASN B 191 -3.30 -0.08 -13.15
N ALA B 192 -3.40 -0.65 -14.35
CA ALA B 192 -2.22 -0.91 -15.14
C ALA B 192 -1.51 0.37 -15.52
N LYS B 193 -2.26 1.39 -15.95
CA LYS B 193 -1.63 2.59 -16.49
C LYS B 193 -0.78 3.27 -15.43
N GLY B 194 -1.41 3.86 -14.42
CA GLY B 194 -0.69 4.39 -13.28
C GLY B 194 -1.44 4.33 -11.97
N GLU B 195 -2.65 3.79 -12.00
CA GLU B 195 -3.61 4.02 -10.92
C GLU B 195 -3.47 2.97 -9.82
N ASP B 196 -4.32 3.09 -8.80
CA ASP B 196 -4.24 2.26 -7.60
C ASP B 196 -5.61 1.75 -7.18
N TYR B 197 -6.56 1.66 -8.10
CA TYR B 197 -7.92 1.29 -7.75
C TYR B 197 -8.03 -0.18 -7.36
N ILE B 198 -9.14 -0.52 -6.71
CA ILE B 198 -9.42 -1.88 -6.27
C ILE B 198 -10.90 -2.16 -6.48
N GLU B 199 -11.27 -3.43 -6.26
CA GLU B 199 -12.64 -3.85 -6.55
C GLU B 199 -13.67 -3.10 -5.71
N GLU B 200 -13.26 -2.53 -4.58
CA GLU B 200 -14.22 -1.92 -3.66
C GLU B 200 -14.54 -0.48 -4.04
N ASP B 201 -13.55 0.27 -4.51
CA ASP B 201 -13.70 1.69 -4.83
C ASP B 201 -13.77 1.91 -6.33
N ILE B 202 -14.46 1.03 -7.07
CA ILE B 202 -14.44 1.07 -8.51
C ILE B 202 -15.85 1.24 -9.07
N GLN B 203 -16.85 0.77 -8.34
CA GLN B 203 -18.23 1.01 -8.74
C GLN B 203 -18.61 2.46 -8.53
N ARG B 204 -18.22 3.03 -7.39
CA ARG B 204 -18.46 4.44 -7.13
C ARG B 204 -17.83 5.31 -8.20
N LEU B 205 -16.68 4.91 -8.73
CA LEU B 205 -16.03 5.67 -9.78
C LEU B 205 -16.88 5.68 -11.05
N ILE B 206 -17.46 4.54 -11.40
CA ILE B 206 -18.34 4.48 -12.56
C ILE B 206 -19.55 5.37 -12.31
N ASP B 207 -20.11 5.30 -11.10
CA ASP B 207 -21.28 6.12 -10.78
C ASP B 207 -20.97 7.60 -10.90
N ASN B 208 -19.80 8.03 -10.43
CA ASN B 208 -19.44 9.43 -10.39
C ASN B 208 -18.70 9.91 -11.64
N GLY B 209 -18.51 9.03 -12.62
CA GLY B 209 -17.99 9.46 -13.90
C GLY B 209 -16.50 9.71 -13.92
N LEU B 210 -15.71 8.69 -13.63
CA LEU B 210 -14.27 8.76 -13.80
C LEU B 210 -13.79 7.61 -14.68
N ILE B 211 -14.49 6.48 -14.60
CA ILE B 211 -14.19 5.31 -15.41
C ILE B 211 -15.12 5.34 -16.61
N LYS B 212 -14.55 5.55 -17.80
CA LYS B 212 -15.34 5.58 -19.04
C LYS B 212 -15.55 4.14 -19.50
N VAL B 213 -16.55 3.50 -18.91
CA VAL B 213 -16.89 2.14 -19.28
C VAL B 213 -17.57 2.15 -20.64
N ASP B 214 -16.99 1.43 -21.60
CA ASP B 214 -17.57 1.38 -22.93
C ASP B 214 -18.84 0.54 -22.93
N SER B 215 -19.71 0.82 -23.89
CA SER B 215 -20.98 0.08 -23.97
C SER B 215 -20.76 -1.40 -24.17
N LYS B 216 -19.73 -1.78 -24.93
CA LYS B 216 -19.49 -3.19 -25.23
C LYS B 216 -18.80 -3.93 -24.10
N GLN B 217 -18.20 -3.21 -23.13
CA GLN B 217 -17.65 -3.89 -21.97
C GLN B 217 -18.74 -4.58 -21.16
N TYR B 218 -19.95 -4.03 -21.17
CA TYR B 218 -21.10 -4.70 -20.56
C TYR B 218 -21.60 -5.84 -21.44
N ILE B 219 -21.53 -5.68 -22.76
CA ILE B 219 -21.99 -6.73 -23.66
C ILE B 219 -21.13 -7.98 -23.49
N GLU B 220 -19.82 -7.79 -23.34
CA GLU B 220 -18.94 -8.91 -23.09
C GLU B 220 -19.33 -9.65 -21.83
N PHE B 221 -19.64 -8.93 -20.75
CA PHE B 221 -20.05 -9.56 -19.51
C PHE B 221 -21.37 -10.29 -19.66
N LEU B 222 -22.31 -9.71 -20.42
CA LEU B 222 -23.57 -10.40 -20.70
C LEU B 222 -23.32 -11.73 -21.39
N SER B 223 -22.57 -11.69 -22.49
CA SER B 223 -22.31 -12.91 -23.25
C SER B 223 -21.46 -13.90 -22.48
N ASP B 224 -20.69 -13.44 -21.49
CA ASP B 224 -19.94 -14.33 -20.63
C ASP B 224 -20.82 -15.00 -19.58
N ILE B 225 -21.81 -14.29 -19.05
CA ILE B 225 -22.77 -14.92 -18.14
C ILE B 225 -23.80 -15.76 -18.87
N LEU B 226 -23.91 -15.61 -20.18
CA LEU B 226 -24.79 -16.47 -20.97
C LEU B 226 -24.06 -17.61 -21.64
N ASN B 227 -22.75 -17.54 -21.77
CA ASN B 227 -21.95 -18.68 -22.19
C ASN B 227 -21.61 -19.60 -21.04
N ALA B 228 -22.19 -19.34 -19.86
CA ALA B 228 -22.04 -20.21 -18.70
C ALA B 228 -23.37 -20.81 -18.26
N VAL B 229 -24.44 -20.56 -18.99
CA VAL B 229 -25.76 -21.07 -18.63
C VAL B 229 -26.33 -22.01 -19.69
N LYS B 230 -25.79 -22.02 -20.90
CA LYS B 230 -26.33 -22.89 -21.95
C LYS B 230 -26.35 -24.36 -21.55
N PRO B 231 -25.31 -24.92 -20.94
CA PRO B 231 -25.36 -26.36 -20.60
C PRO B 231 -26.52 -26.71 -19.68
N TYR B 232 -26.91 -25.80 -18.81
CA TYR B 232 -27.95 -26.06 -17.82
C TYR B 232 -29.33 -25.58 -18.24
N VAL B 233 -29.41 -24.51 -19.04
CA VAL B 233 -30.68 -23.95 -19.43
C VAL B 233 -30.55 -23.38 -20.83
N ASN B 234 -31.65 -23.41 -21.58
CA ASN B 234 -31.78 -22.69 -22.85
C ASN B 234 -32.67 -21.49 -22.59
N LEU B 235 -32.07 -20.29 -22.63
CA LEU B 235 -32.77 -19.09 -22.19
C LEU B 235 -33.98 -18.77 -23.05
N LYS B 236 -33.94 -19.14 -24.33
CA LYS B 236 -35.10 -18.90 -25.19
C LYS B 236 -36.33 -19.59 -24.62
N THR B 237 -36.16 -20.83 -24.17
CA THR B 237 -37.16 -21.51 -23.36
C THR B 237 -37.06 -21.02 -21.92
N TYR B 238 -38.03 -21.43 -21.09
CA TYR B 238 -37.99 -21.16 -19.66
C TYR B 238 -37.96 -19.64 -19.39
N ASN B 239 -39.10 -19.01 -19.68
CA ASN B 239 -39.27 -17.59 -19.41
C ASN B 239 -38.54 -17.20 -18.13
N THR B 240 -37.68 -16.20 -18.22
CA THR B 240 -36.67 -15.96 -17.20
C THR B 240 -37.02 -14.76 -16.34
N ILE B 241 -36.55 -14.80 -15.11
CA ILE B 241 -36.73 -13.71 -14.14
C ILE B 241 -35.34 -13.34 -13.66
N PHE B 242 -34.72 -12.36 -14.33
CA PHE B 242 -33.44 -11.86 -13.87
C PHE B 242 -33.61 -11.17 -12.53
N THR B 243 -32.76 -11.51 -11.57
CA THR B 243 -32.78 -10.90 -10.25
C THR B 243 -31.36 -10.59 -9.83
N GLY B 244 -31.23 -10.01 -8.65
CA GLY B 244 -29.93 -9.58 -8.18
C GLY B 244 -29.55 -8.21 -8.69
N GLY B 245 -28.69 -7.54 -7.95
CA GLY B 245 -28.30 -6.19 -8.33
C GLY B 245 -27.62 -6.15 -9.68
N THR B 246 -26.88 -7.20 -10.03
CA THR B 246 -26.19 -7.22 -11.31
C THR B 246 -27.17 -7.01 -12.46
N SER B 247 -28.41 -7.49 -12.33
CA SER B 247 -29.39 -7.29 -13.39
C SER B 247 -29.67 -5.82 -13.63
N LEU B 248 -29.81 -5.06 -12.54
CA LEU B 248 -30.06 -3.62 -12.68
C LEU B 248 -28.86 -2.91 -13.29
N MET B 249 -27.66 -3.43 -13.05
CA MET B 249 -26.46 -2.91 -13.70
C MET B 249 -26.46 -3.18 -15.20
N LEU B 250 -27.35 -4.04 -15.68
CA LEU B 250 -27.42 -4.39 -17.10
C LEU B 250 -28.86 -4.39 -17.62
N LYS B 251 -29.78 -3.77 -16.89
CA LYS B 251 -31.17 -3.78 -17.32
C LYS B 251 -31.35 -3.11 -18.67
N GLU B 252 -30.61 -2.02 -18.92
CA GLU B 252 -30.73 -1.32 -20.19
C GLU B 252 -30.25 -2.18 -21.36
N TYR B 253 -29.51 -3.25 -21.09
CA TYR B 253 -28.97 -4.11 -22.14
C TYR B 253 -29.61 -5.49 -22.18
N ILE B 254 -30.08 -6.00 -21.05
CA ILE B 254 -30.74 -7.31 -21.04
C ILE B 254 -32.02 -7.29 -21.84
N GLU B 255 -32.65 -6.12 -21.99
CA GLU B 255 -33.91 -6.02 -22.70
C GLU B 255 -33.73 -6.04 -24.22
N LYS B 256 -32.51 -5.88 -24.72
CA LYS B 256 -32.22 -5.90 -26.15
C LYS B 256 -31.68 -7.24 -26.60
N LEU B 257 -32.13 -8.33 -26.00
CA LEU B 257 -31.63 -9.66 -26.29
C LEU B 257 -32.53 -10.38 -27.28
N PRO B 258 -32.00 -11.38 -27.99
CA PRO B 258 -32.83 -12.22 -28.87
C PRO B 258 -33.54 -13.35 -28.14
N LEU B 259 -34.16 -13.03 -27.01
CA LEU B 259 -34.89 -13.99 -26.20
C LEU B 259 -36.39 -13.79 -26.40
N ASN B 260 -37.10 -14.91 -26.55
CA ASN B 260 -38.50 -14.86 -26.93
C ASN B 260 -39.40 -14.44 -25.78
N LYS B 261 -39.03 -14.74 -24.54
CA LYS B 261 -39.86 -14.40 -23.38
C LYS B 261 -38.96 -14.28 -22.17
N PHE B 262 -39.00 -13.13 -21.50
CA PHE B 262 -38.15 -12.86 -20.36
C PHE B 262 -38.61 -11.55 -19.73
N LYS B 263 -37.89 -11.13 -18.69
CA LYS B 263 -38.13 -9.86 -18.03
C LYS B 263 -37.06 -9.68 -16.97
N VAL B 264 -36.93 -8.44 -16.51
CA VAL B 264 -36.08 -8.11 -15.37
C VAL B 264 -36.99 -7.85 -14.18
N HIS B 265 -36.76 -8.57 -13.09
CA HIS B 265 -37.65 -8.51 -11.95
C HIS B 265 -37.66 -7.10 -11.39
N PRO B 266 -38.83 -6.53 -11.07
CA PRO B 266 -38.85 -5.25 -10.37
C PRO B 266 -38.29 -5.42 -8.97
N ASN B 267 -37.76 -4.32 -8.44
CA ASN B 267 -37.06 -4.31 -7.16
C ASN B 267 -36.16 -5.54 -7.04
N ALA B 268 -35.44 -5.85 -8.12
CA ALA B 268 -34.62 -7.05 -8.15
C ALA B 268 -33.67 -7.10 -6.97
N LEU B 269 -33.19 -5.94 -6.52
CA LEU B 269 -32.24 -5.91 -5.42
C LEU B 269 -32.81 -6.58 -4.18
N THR B 270 -34.13 -6.48 -3.96
CA THR B 270 -34.76 -6.99 -2.75
C THR B 270 -35.75 -8.12 -3.03
N SER B 271 -35.74 -8.69 -4.24
CA SER B 271 -36.69 -9.73 -4.58
C SER B 271 -36.42 -11.01 -3.78
N ASN B 272 -35.16 -11.44 -3.75
CA ASN B 272 -34.79 -12.65 -3.03
C ASN B 272 -35.12 -12.54 -1.55
N VAL B 273 -35.26 -11.31 -1.04
CA VAL B 273 -35.60 -11.08 0.35
C VAL B 273 -37.11 -11.07 0.56
N ASP B 274 -37.82 -10.36 -0.32
CA ASP B 274 -39.29 -10.28 -0.20
C ASP B 274 -39.93 -11.66 -0.35
N GLY B 275 -39.47 -12.44 -1.34
CA GLY B 275 -40.03 -13.78 -1.50
C GLY B 275 -39.83 -14.64 -0.26
N ALA B 276 -38.63 -14.61 0.31
CA ALA B 276 -38.38 -15.33 1.55
C ALA B 276 -39.28 -14.81 2.66
N MET B 277 -39.59 -13.52 2.63
CA MET B 277 -40.52 -12.96 3.61
C MET B 277 -41.88 -13.62 3.50
N GLU B 278 -42.40 -13.73 2.28
CA GLU B 278 -43.67 -14.45 2.08
C GLU B 278 -43.57 -15.89 2.59
N ALA B 279 -42.47 -16.57 2.26
CA ALA B 279 -42.36 -17.97 2.66
C ALA B 279 -42.36 -18.10 4.17
N SER B 280 -41.66 -17.21 4.86
CA SER B 280 -41.64 -17.24 6.32
C SER B 280 -43.04 -17.02 6.88
N LYS B 281 -43.77 -16.06 6.30
CA LYS B 281 -45.17 -15.88 6.70
C LYS B 281 -45.94 -17.18 6.54
N LYS B 282 -45.78 -17.84 5.39
CA LYS B 282 -46.52 -19.07 5.15
C LYS B 282 -46.20 -20.13 6.20
N VAL B 283 -44.93 -20.25 6.57
CA VAL B 283 -44.53 -21.32 7.48
C VAL B 283 -44.98 -21.02 8.90
N TRP B 284 -44.47 -19.94 9.48
CA TRP B 284 -44.76 -19.70 10.89
C TRP B 284 -46.19 -19.15 11.07
N ASN B 285 -46.62 -18.28 10.17
CA ASN B 285 -47.96 -17.70 10.27
C ASN B 285 -48.91 -18.38 9.31
N MET C 1 27.93 -6.39 -22.30
CA MET C 1 28.87 -7.45 -21.83
C MET C 1 28.48 -7.93 -20.45
N LYS C 2 28.80 -7.13 -19.43
CA LYS C 2 28.36 -7.43 -18.08
C LYS C 2 26.85 -7.27 -17.98
N ILE C 3 26.25 -7.97 -17.03
CA ILE C 3 24.80 -7.97 -16.84
C ILE C 3 24.50 -7.54 -15.41
N THR C 4 23.46 -6.72 -15.27
CA THR C 4 23.02 -6.27 -13.96
C THR C 4 21.50 -6.33 -13.88
N VAL C 5 21.01 -6.62 -12.68
CA VAL C 5 19.58 -6.68 -12.39
C VAL C 5 19.31 -5.78 -11.19
N VAL C 6 18.26 -4.97 -11.29
CA VAL C 6 17.94 -3.97 -10.28
C VAL C 6 16.45 -4.03 -10.01
N ASP C 7 16.08 -4.49 -8.81
CA ASP C 7 14.71 -4.39 -8.32
C ASP C 7 14.65 -3.15 -7.44
N LEU C 8 14.03 -2.08 -7.95
CA LEU C 8 13.96 -0.83 -7.20
C LEU C 8 13.15 -0.99 -5.94
N GLY C 9 11.99 -1.62 -6.02
CA GLY C 9 11.16 -1.81 -4.86
C GLY C 9 10.67 -0.50 -4.28
N ASN C 10 9.80 -0.58 -3.28
CA ASN C 10 9.26 0.62 -2.64
C ASN C 10 9.91 0.91 -1.29
N ILE C 11 10.44 -0.10 -0.61
CA ILE C 11 11.14 0.09 0.64
C ILE C 11 12.51 -0.57 0.67
N ASN C 12 12.90 -1.28 -0.39
CA ASN C 12 14.22 -1.87 -0.48
C ASN C 12 14.63 -1.99 -1.94
N VAL C 13 15.88 -1.66 -2.21
CA VAL C 13 16.47 -1.79 -3.54
C VAL C 13 17.44 -2.97 -3.50
N LYS C 14 17.39 -3.81 -4.52
CA LYS C 14 18.13 -5.07 -4.55
C LYS C 14 18.83 -5.17 -5.90
N TYR C 15 20.15 -5.19 -5.89
CA TYR C 15 20.88 -5.24 -7.13
C TYR C 15 21.81 -6.41 -7.17
N VAL C 16 21.99 -6.95 -8.36
CA VAL C 16 22.89 -8.10 -8.54
C VAL C 16 23.60 -7.94 -9.87
N GLY C 17 24.92 -7.86 -9.81
CA GLY C 17 25.76 -7.78 -10.98
C GLY C 17 27.06 -8.51 -10.72
N GLU C 18 28.19 -7.84 -10.97
CA GLU C 18 29.46 -8.41 -10.56
C GLU C 18 29.53 -8.58 -9.04
N ASN C 19 28.92 -7.67 -8.30
CA ASN C 19 28.83 -7.74 -6.85
C ASN C 19 27.39 -7.50 -6.44
N LYS C 20 26.80 -8.47 -5.76
CA LYS C 20 25.41 -8.41 -5.36
C LYS C 20 25.24 -7.60 -4.07
N GLY C 21 24.00 -7.33 -3.73
CA GLY C 21 23.69 -6.68 -2.47
C GLY C 21 22.36 -5.96 -2.54
N ARG C 22 22.14 -5.13 -1.51
CA ARG C 22 20.88 -4.42 -1.39
C ARG C 22 21.07 -3.23 -0.47
N PHE C 23 20.05 -2.38 -0.41
CA PHE C 23 20.01 -1.24 0.49
C PHE C 23 18.57 -0.77 0.59
N SER C 24 18.36 0.36 1.27
CA SER C 24 17.02 0.88 1.48
C SER C 24 16.62 1.82 0.36
N SER C 25 15.31 1.90 0.13
CA SER C 25 14.78 2.72 -0.95
C SER C 25 14.62 4.19 -0.57
N LYS C 26 14.92 4.55 0.67
CA LYS C 26 14.76 5.93 1.10
C LYS C 26 15.61 6.85 0.24
N ILE C 27 15.01 7.94 -0.22
CA ILE C 27 15.70 8.97 -1.00
C ILE C 27 15.22 10.32 -0.53
N THR C 28 16.16 11.27 -0.43
CA THR C 28 15.84 12.62 0.00
C THR C 28 16.69 13.61 -0.77
N ASN C 29 16.05 14.66 -1.29
CA ASN C 29 16.75 15.76 -1.93
C ASN C 29 17.05 16.89 -0.96
N ASP C 30 16.71 16.72 0.31
CA ASP C 30 16.90 17.80 1.29
C ASP C 30 18.36 18.13 1.44
N TYR C 31 18.64 19.42 1.66
CA TYR C 31 20.01 19.86 1.89
C TYR C 31 20.57 19.20 3.14
N GLN C 32 21.84 18.82 3.07
CA GLN C 32 22.53 18.20 4.19
C GLN C 32 23.94 18.76 4.27
N SER C 33 24.38 19.08 5.48
CA SER C 33 25.68 19.72 5.67
C SER C 33 26.82 18.72 5.56
N TYR C 34 26.84 17.73 6.46
CA TYR C 34 27.91 16.74 6.50
C TYR C 34 27.70 15.73 5.37
N GLU C 35 27.94 16.21 4.14
CA GLU C 35 27.78 15.36 2.97
C GLU C 35 28.70 14.15 3.05
N GLU C 36 29.95 14.37 3.46
CA GLU C 36 30.90 13.27 3.63
C GLU C 36 30.49 12.47 4.85
N GLY C 37 29.88 11.31 4.62
CA GLY C 37 29.36 10.50 5.69
C GLY C 37 28.05 9.84 5.31
N PHE C 38 27.40 10.40 4.30
CA PHE C 38 26.19 9.82 3.71
C PHE C 38 26.54 9.11 2.41
N GLN C 39 25.56 8.39 1.88
CA GLN C 39 25.65 7.79 0.55
C GLN C 39 24.84 8.68 -0.40
N ARG C 40 25.54 9.29 -1.36
CA ARG C 40 24.97 10.36 -2.15
C ARG C 40 25.31 10.17 -3.62
N VAL C 41 24.47 10.73 -4.47
CA VAL C 41 24.72 10.77 -5.91
C VAL C 41 24.16 12.06 -6.47
N GLU C 42 24.94 12.71 -7.33
CA GLU C 42 24.53 13.94 -8.00
C GLU C 42 24.42 13.67 -9.49
N TYR C 43 23.21 13.82 -10.02
CA TYR C 43 22.95 13.66 -11.45
C TYR C 43 22.51 14.99 -12.03
N ASN C 44 23.19 15.42 -13.09
CA ASN C 44 22.89 16.67 -13.79
C ASN C 44 22.50 17.80 -12.83
N GLY C 45 23.27 17.92 -11.75
CA GLY C 45 23.18 19.06 -10.87
C GLY C 45 22.23 18.91 -9.71
N ILE C 46 21.45 17.83 -9.65
CA ILE C 46 20.54 17.57 -8.53
C ILE C 46 21.14 16.42 -7.72
N LYS C 47 21.23 16.62 -6.41
CA LYS C 47 21.86 15.66 -5.51
C LYS C 47 20.80 14.92 -4.71
N THR C 48 21.08 13.66 -4.40
CA THR C 48 20.20 12.84 -3.60
C THR C 48 21.02 12.02 -2.63
N TYR C 49 20.61 12.03 -1.36
CA TYR C 49 21.25 11.25 -0.31
C TYR C 49 20.41 10.01 -0.07
N ILE C 50 20.94 8.86 -0.44
CA ILE C 50 20.20 7.62 -0.43
C ILE C 50 20.31 6.96 0.94
N GLY C 51 19.32 6.13 1.27
CA GLY C 51 19.30 5.40 2.51
C GLY C 51 18.72 6.15 3.69
N VAL C 52 18.26 7.38 3.48
CA VAL C 52 17.71 8.18 4.57
C VAL C 52 16.67 9.14 4.00
N GLY C 53 15.67 9.45 4.82
CA GLY C 53 14.71 10.48 4.47
C GLY C 53 13.32 9.94 4.20
N GLU C 54 12.77 10.33 3.06
CA GLU C 54 11.40 9.98 2.69
C GLU C 54 11.38 8.57 2.12
N LEU C 55 10.23 8.20 1.55
CA LEU C 55 10.05 6.85 1.01
C LEU C 55 9.53 6.82 -0.42
N SER C 56 8.97 7.93 -0.93
CA SER C 56 8.47 7.99 -2.30
C SER C 56 7.41 6.90 -2.53
N ARG C 57 6.31 7.08 -1.82
CA ARG C 57 5.16 6.17 -1.79
C ARG C 57 4.43 6.09 -3.12
N GLU C 58 4.88 6.76 -4.17
CA GLU C 58 4.16 6.76 -5.44
C GLU C 58 4.09 5.36 -6.03
N PHE C 59 2.92 5.03 -6.57
CA PHE C 59 2.71 3.76 -7.26
C PHE C 59 3.28 3.89 -8.66
N ASN C 60 2.92 2.95 -9.55
CA ASN C 60 3.29 3.01 -10.96
C ASN C 60 4.76 3.38 -11.14
N LYS C 61 5.61 2.48 -10.69
CA LYS C 61 6.98 2.85 -10.34
C LYS C 61 7.87 3.08 -11.56
N ALA C 62 7.27 3.29 -12.73
CA ALA C 62 8.01 3.69 -13.91
C ALA C 62 8.25 5.19 -13.98
N ASP C 63 7.72 5.98 -13.03
CA ASP C 63 7.91 7.41 -13.02
C ASP C 63 8.33 7.99 -11.67
N ARG C 64 8.39 7.15 -10.64
CA ARG C 64 8.75 7.62 -9.31
C ARG C 64 10.24 7.90 -9.17
N ASP C 65 10.75 8.83 -9.98
CA ASP C 65 12.15 9.20 -9.92
C ASP C 65 13.03 7.99 -9.68
N TYR C 66 12.92 7.01 -10.56
CA TYR C 66 13.72 5.80 -10.48
C TYR C 66 15.13 6.13 -10.95
N MET C 67 15.71 7.19 -10.40
CA MET C 67 16.80 7.87 -11.08
C MET C 67 18.12 7.76 -10.34
N ALA C 68 18.19 8.24 -9.11
CA ALA C 68 19.46 8.20 -8.37
C ALA C 68 19.71 6.81 -7.79
N GLN C 69 18.65 6.13 -7.37
CA GLN C 69 18.82 4.78 -6.85
C GLN C 69 19.38 3.85 -7.91
N LEU C 70 18.91 3.99 -9.14
CA LEU C 70 19.38 3.13 -10.21
C LEU C 70 20.88 3.31 -10.45
N LEU C 71 21.33 4.55 -10.61
CA LEU C 71 22.74 4.80 -10.85
C LEU C 71 23.58 4.39 -9.65
N TYR C 72 23.08 4.64 -8.44
CA TYR C 72 23.81 4.24 -7.25
C TYR C 72 23.99 2.73 -7.21
N SER C 73 22.94 1.98 -7.53
CA SER C 73 23.05 0.53 -7.58
C SER C 73 24.02 0.09 -8.66
N LEU C 74 23.98 0.73 -9.82
CA LEU C 74 24.91 0.38 -10.89
C LEU C 74 26.35 0.58 -10.44
N ALA C 75 26.64 1.71 -9.81
CA ALA C 75 27.98 1.98 -9.34
C ALA C 75 28.40 1.00 -8.25
N LYS C 76 27.49 0.68 -7.33
CA LYS C 76 27.83 -0.18 -6.21
C LYS C 76 28.03 -1.63 -6.65
N ALA C 77 27.32 -2.07 -7.69
CA ALA C 77 27.41 -3.45 -8.11
C ALA C 77 28.67 -3.67 -8.95
N ASN C 78 28.76 -2.98 -10.08
CA ASN C 78 29.92 -3.10 -10.96
C ASN C 78 31.05 -2.23 -10.41
N THR C 79 32.13 -2.10 -11.17
CA THR C 79 33.29 -1.32 -10.76
C THR C 79 33.46 -0.13 -11.68
N ALA C 80 34.42 0.74 -11.31
CA ALA C 80 34.60 2.00 -12.02
C ALA C 80 35.02 1.77 -13.47
N ASP C 81 35.80 0.72 -13.74
CA ASP C 81 36.29 0.49 -15.09
C ASP C 81 35.14 0.23 -16.06
N THR C 82 34.13 -0.51 -15.62
CA THR C 82 33.05 -0.90 -16.51
C THR C 82 32.36 0.31 -17.11
N LYS C 83 32.09 0.25 -18.41
CA LYS C 83 31.45 1.34 -19.15
C LYS C 83 30.13 0.93 -19.76
N GLU C 84 30.07 -0.22 -20.43
CA GLU C 84 28.87 -0.68 -21.10
C GLU C 84 28.38 -1.96 -20.43
N ILE C 85 27.07 -2.03 -20.20
CA ILE C 85 26.45 -3.15 -19.48
C ILE C 85 25.10 -3.45 -20.11
N ASN C 86 24.43 -4.46 -19.58
CA ASN C 86 23.08 -4.82 -19.98
C ASN C 86 22.20 -4.85 -18.74
N LEU C 87 21.15 -4.06 -18.75
CA LEU C 87 20.26 -3.91 -17.60
C LEU C 87 19.02 -4.77 -17.79
N THR C 88 18.63 -5.46 -16.72
CA THR C 88 17.42 -6.28 -16.70
C THR C 88 16.60 -5.85 -15.48
N LEU C 89 15.72 -4.88 -15.69
CA LEU C 89 14.88 -4.36 -14.63
C LEU C 89 13.67 -5.27 -14.40
N LEU C 90 12.99 -5.03 -13.29
CA LEU C 90 11.85 -5.84 -12.87
C LEU C 90 10.68 -4.93 -12.53
N LEU C 91 9.76 -4.78 -13.47
CA LEU C 91 8.52 -4.08 -13.22
C LEU C 91 7.47 -5.04 -12.72
N PRO C 92 6.39 -4.55 -12.13
CA PRO C 92 5.31 -5.44 -11.70
C PRO C 92 4.65 -6.10 -12.89
N ILE C 93 3.86 -7.14 -12.61
CA ILE C 93 3.24 -7.93 -13.66
C ILE C 93 2.04 -7.26 -14.28
N ILE C 94 1.61 -6.11 -13.77
CA ILE C 94 0.49 -5.36 -14.33
C ILE C 94 0.94 -4.06 -14.98
N GLN C 95 2.19 -3.67 -14.84
CA GLN C 95 2.71 -2.42 -15.38
C GLN C 95 3.81 -2.68 -16.41
N MET C 96 3.71 -3.79 -17.13
CA MET C 96 4.76 -4.17 -18.07
C MET C 96 4.72 -3.35 -19.35
N LYS C 97 3.60 -2.71 -19.67
CA LYS C 97 3.56 -1.86 -20.86
C LYS C 97 4.38 -0.59 -20.64
N ASN C 98 4.46 -0.11 -19.40
CA ASN C 98 5.21 1.10 -19.11
C ASN C 98 6.67 1.01 -19.51
N LYS C 99 7.14 -0.17 -19.89
CA LYS C 99 8.50 -0.28 -20.43
C LYS C 99 8.68 0.65 -21.62
N THR C 100 7.60 0.92 -22.36
CA THR C 100 7.70 1.89 -23.46
C THR C 100 8.18 3.23 -22.95
N ARG C 101 7.60 3.71 -21.84
CA ARG C 101 8.06 4.95 -21.23
C ARG C 101 9.39 4.80 -20.53
N LEU C 102 9.87 3.58 -20.36
CA LEU C 102 11.12 3.32 -19.67
C LEU C 102 12.30 3.19 -20.62
N ILE C 103 12.10 2.49 -21.75
CA ILE C 103 13.19 2.29 -22.69
C ILE C 103 13.55 3.60 -23.38
N GLU C 104 12.55 4.43 -23.69
CA GLU C 104 12.80 5.64 -24.45
C GLU C 104 13.79 6.56 -23.75
N THR C 105 13.87 6.50 -22.41
CA THR C 105 14.70 7.41 -21.66
C THR C 105 16.05 6.84 -21.27
N LEU C 106 16.24 5.52 -21.38
CA LEU C 106 17.45 4.86 -20.90
C LEU C 106 18.28 4.22 -22.00
N LYS C 107 17.64 3.56 -22.96
CA LYS C 107 18.38 2.80 -23.96
C LYS C 107 19.38 3.69 -24.69
N GLY C 108 20.62 3.24 -24.80
CA GLY C 108 21.64 3.99 -25.49
C GLY C 108 21.85 5.37 -24.91
N GLU C 109 21.85 5.49 -23.59
CA GLU C 109 22.03 6.76 -22.90
C GLU C 109 23.24 6.67 -22.00
N ASN C 110 24.12 7.66 -22.09
CA ASN C 110 25.30 7.74 -21.23
C ASN C 110 25.01 8.58 -20.01
N PHE C 111 25.26 8.02 -18.84
CA PHE C 111 24.95 8.66 -17.56
C PHE C 111 26.25 8.93 -16.82
N LYS C 112 26.44 10.18 -16.41
CA LYS C 112 27.60 10.60 -15.64
C LYS C 112 27.13 11.08 -14.28
N PHE C 113 27.82 10.66 -13.23
CA PHE C 113 27.37 10.98 -11.88
C PHE C 113 28.57 10.92 -10.92
N LYS C 114 28.36 11.47 -9.73
CA LYS C 114 29.45 11.62 -8.77
C LYS C 114 29.70 10.32 -8.01
N PHE C 115 28.68 9.79 -7.35
CA PHE C 115 28.82 8.60 -6.49
C PHE C 115 29.83 8.86 -5.38
N ASN C 116 29.46 9.80 -4.50
CA ASN C 116 30.25 10.15 -3.34
C ASN C 116 31.53 10.88 -3.70
N GLY C 117 31.48 11.69 -4.76
CA GLY C 117 32.58 12.54 -5.14
C GLY C 117 33.52 11.95 -6.16
N ILE C 118 33.53 10.64 -6.35
CA ILE C 118 34.41 10.00 -7.33
C ILE C 118 33.61 9.90 -8.62
N ASP C 119 33.63 10.99 -9.39
CA ASP C 119 32.81 11.06 -10.59
C ASP C 119 33.17 9.96 -11.56
N ARG C 120 32.15 9.43 -12.24
CA ARG C 120 32.34 8.37 -13.22
C ARG C 120 31.18 8.42 -14.21
N GLU C 121 31.26 7.55 -15.21
CA GLU C 121 30.31 7.50 -16.30
C GLU C 121 29.99 6.04 -16.62
N ILE C 122 28.85 5.83 -17.27
CA ILE C 122 28.42 4.48 -17.60
C ILE C 122 27.39 4.55 -18.71
N LYS C 123 27.47 3.60 -19.64
CA LYS C 123 26.47 3.44 -20.69
C LYS C 123 25.88 2.05 -20.60
N ILE C 124 24.69 1.89 -21.18
CA ILE C 124 24.01 0.61 -21.23
C ILE C 124 23.75 0.26 -22.69
N ASN C 125 24.19 -0.94 -23.09
CA ASN C 125 24.01 -1.37 -24.47
C ASN C 125 22.52 -1.44 -24.81
N ASP C 126 21.79 -2.32 -24.13
CA ASP C 126 20.36 -2.48 -24.34
C ASP C 126 19.68 -2.66 -22.99
N LEU C 127 18.43 -2.26 -22.92
CA LEU C 127 17.62 -2.40 -21.73
C LEU C 127 16.64 -3.54 -21.89
N MET C 128 16.34 -4.22 -20.78
CA MET C 128 15.40 -5.32 -20.77
C MET C 128 14.57 -5.21 -19.50
N VAL C 129 13.34 -5.71 -19.58
CA VAL C 129 12.39 -5.60 -18.47
C VAL C 129 11.67 -6.93 -18.33
N LEU C 130 11.43 -7.33 -17.08
CA LEU C 130 10.69 -8.54 -16.78
C LEU C 130 9.66 -8.25 -15.70
N PRO C 131 8.57 -9.01 -15.65
CA PRO C 131 7.57 -8.81 -14.61
C PRO C 131 8.00 -9.44 -13.29
N GLU C 132 7.64 -8.78 -12.20
CA GLU C 132 7.92 -9.32 -10.87
C GLU C 132 7.12 -10.60 -10.66
N GLY C 133 7.69 -11.50 -9.88
CA GLY C 133 7.08 -12.81 -9.66
C GLY C 133 7.54 -13.81 -10.69
N TYR C 134 7.22 -13.56 -11.96
CA TYR C 134 7.62 -14.47 -13.03
C TYR C 134 9.11 -14.77 -12.99
N ALA C 135 9.92 -13.75 -12.75
CA ALA C 135 11.36 -13.95 -12.74
C ALA C 135 11.77 -14.89 -11.61
N SER C 136 11.16 -14.75 -10.44
CA SER C 136 11.53 -15.59 -9.31
C SER C 136 11.33 -17.07 -9.61
N TYR C 137 10.51 -17.39 -10.61
CA TYR C 137 10.29 -18.78 -10.98
C TYR C 137 11.60 -19.44 -11.41
N TYR C 138 12.40 -18.73 -12.20
CA TYR C 138 13.62 -19.33 -12.73
C TYR C 138 14.62 -19.66 -11.62
N SER C 139 14.69 -18.84 -10.58
CA SER C 139 15.54 -19.16 -9.44
C SER C 139 15.04 -20.37 -8.67
N LEU C 140 13.82 -20.82 -8.95
CA LEU C 140 13.22 -21.92 -8.22
C LEU C 140 13.93 -23.23 -8.52
N ASP C 141 13.79 -24.18 -7.60
CA ASP C 141 14.38 -25.49 -7.78
C ASP C 141 13.62 -26.29 -8.83
N ILE C 142 14.29 -27.30 -9.38
CA ILE C 142 13.71 -28.09 -10.46
C ILE C 142 12.47 -28.86 -9.98
N GLU C 143 12.48 -29.32 -8.73
CA GLU C 143 11.38 -30.14 -8.24
C GLU C 143 10.04 -29.41 -8.36
N ASN C 144 10.06 -28.08 -8.32
CA ASN C 144 8.83 -27.31 -8.37
C ASN C 144 8.47 -26.84 -9.77
N LYS C 145 9.45 -26.75 -10.67
CA LYS C 145 9.16 -26.26 -12.02
C LYS C 145 8.21 -27.19 -12.75
N LYS C 146 8.38 -28.51 -12.58
CA LYS C 146 7.60 -29.46 -13.35
C LYS C 146 6.10 -29.31 -13.10
N GLY C 147 5.72 -29.09 -11.84
CA GLY C 147 4.32 -29.04 -11.49
C GLY C 147 3.66 -27.72 -11.83
N ASP C 148 2.39 -27.62 -11.46
CA ASP C 148 1.60 -26.40 -11.62
C ASP C 148 1.68 -25.57 -10.34
N VAL C 149 2.41 -24.46 -10.40
CA VAL C 149 2.71 -23.67 -9.23
C VAL C 149 2.08 -22.29 -9.36
N CYS C 150 2.17 -21.51 -8.29
CA CYS C 150 1.61 -20.16 -8.25
C CYS C 150 2.60 -19.26 -7.53
N ILE C 151 3.43 -18.56 -8.29
CA ILE C 151 4.36 -17.61 -7.71
C ILE C 151 3.56 -16.47 -7.09
N LEU C 152 3.74 -16.27 -5.79
CA LEU C 152 3.02 -15.26 -5.02
C LEU C 152 4.04 -14.34 -4.37
N ASP C 153 4.37 -13.25 -5.06
CA ASP C 153 5.36 -12.29 -4.56
C ASP C 153 4.64 -11.28 -3.67
N LEU C 154 4.91 -11.36 -2.37
CA LEU C 154 4.31 -10.45 -1.39
C LEU C 154 5.28 -9.30 -1.14
N GLY C 155 5.16 -8.25 -1.95
CA GLY C 155 5.99 -7.08 -1.81
C GLY C 155 5.57 -6.23 -0.63
N SER C 156 5.99 -4.97 -0.67
CA SER C 156 5.64 -4.01 0.37
C SER C 156 4.28 -3.37 0.13
N ARG C 157 3.92 -3.11 -1.12
CA ARG C 157 2.62 -2.58 -1.46
C ARG C 157 1.94 -3.35 -2.59
N THR C 158 2.65 -4.27 -3.24
CA THR C 158 2.12 -4.99 -4.38
C THR C 158 2.25 -6.49 -4.15
N ILE C 159 1.14 -7.21 -4.27
CA ILE C 159 1.15 -8.66 -4.32
C ILE C 159 1.01 -9.06 -5.78
N ASN C 160 2.03 -9.74 -6.30
CA ASN C 160 2.05 -10.14 -7.70
C ASN C 160 1.82 -11.65 -7.79
N ILE C 161 0.82 -12.04 -8.55
CA ILE C 161 0.43 -13.43 -8.70
C ILE C 161 0.72 -13.85 -10.13
N CYS C 162 1.48 -14.94 -10.27
CA CYS C 162 1.78 -15.52 -11.58
C CYS C 162 1.57 -17.03 -11.47
N VAL C 163 0.49 -17.52 -12.05
CA VAL C 163 0.16 -18.94 -12.02
C VAL C 163 0.83 -19.61 -13.21
N LEU C 164 1.70 -20.58 -12.94
CA LEU C 164 2.48 -21.24 -13.97
C LEU C 164 2.04 -22.69 -14.08
N GLU C 165 1.58 -23.07 -15.27
CA GLU C 165 1.38 -24.46 -15.60
C GLU C 165 2.72 -25.05 -16.00
N ASN C 166 2.73 -26.19 -16.69
CA ASN C 166 3.99 -26.88 -16.97
C ASN C 166 4.80 -26.02 -17.93
N ALA C 167 5.53 -25.07 -17.34
CA ALA C 167 6.43 -24.17 -18.07
C ALA C 167 5.68 -23.18 -18.94
N LYS C 168 4.47 -22.78 -18.52
CA LYS C 168 3.70 -21.79 -19.26
C LYS C 168 2.78 -21.05 -18.30
N ILE C 169 2.81 -19.72 -18.36
CA ILE C 169 2.00 -18.91 -17.46
C ILE C 169 0.54 -18.94 -17.90
N VAL C 170 -0.35 -18.79 -16.93
CA VAL C 170 -1.79 -18.83 -17.18
C VAL C 170 -2.41 -17.54 -16.68
N LYS C 171 -2.31 -17.29 -15.39
CA LYS C 171 -2.92 -16.14 -14.75
C LYS C 171 -1.84 -15.17 -14.29
N THR C 172 -2.07 -13.88 -14.50
CA THR C 172 -1.10 -12.85 -14.15
C THR C 172 -1.87 -11.66 -13.59
N ASN C 173 -1.60 -11.29 -12.34
CA ASN C 173 -2.37 -10.23 -11.71
C ASN C 173 -1.54 -9.52 -10.66
N THR C 174 -2.00 -8.33 -10.29
CA THR C 174 -1.38 -7.50 -9.28
C THR C 174 -2.46 -7.00 -8.34
N ILE C 175 -2.11 -6.89 -7.05
CA ILE C 175 -3.02 -6.43 -6.02
C ILE C 175 -2.30 -5.37 -5.19
N LYS C 176 -3.01 -4.29 -4.87
CA LYS C 176 -2.44 -3.23 -4.04
C LYS C 176 -2.55 -3.62 -2.58
N LEU C 177 -1.47 -4.18 -2.04
CA LEU C 177 -1.44 -4.59 -0.64
C LEU C 177 -0.04 -5.07 -0.28
N GLY C 178 0.33 -4.96 0.99
CA GLY C 178 1.64 -5.43 1.41
C GLY C 178 1.98 -4.93 2.80
N SER C 179 3.27 -5.01 3.13
CA SER C 179 3.72 -4.69 4.48
C SER C 179 3.50 -3.23 4.82
N PHE C 180 3.46 -2.35 3.83
CA PHE C 180 3.30 -0.92 4.10
C PHE C 180 1.97 -0.64 4.76
N ASP C 181 0.90 -1.30 4.29
CA ASP C 181 -0.40 -1.12 4.92
C ASP C 181 -0.38 -1.64 6.34
N PHE C 182 0.35 -2.72 6.59
CA PHE C 182 0.49 -3.22 7.96
C PHE C 182 1.19 -2.20 8.85
N TYR C 183 2.25 -1.57 8.34
CA TYR C 183 2.92 -0.53 9.11
C TYR C 183 2.00 0.64 9.39
N SER C 184 1.21 1.05 8.40
CA SER C 184 0.23 2.10 8.60
C SER C 184 -0.76 1.70 9.68
N LYS C 185 -1.18 0.44 9.68
CA LYS C 185 -2.11 -0.04 10.70
C LYS C 185 -1.48 0.04 12.09
N ILE C 186 -0.22 -0.36 12.21
CA ILE C 186 0.46 -0.31 13.51
C ILE C 186 0.55 1.13 14.00
N LYS C 187 0.97 2.03 13.12
CA LYS C 187 1.11 3.41 13.55
C LYS C 187 -0.25 4.04 13.85
N SER C 188 -1.32 3.58 13.20
CA SER C 188 -2.64 4.13 13.44
C SER C 188 -3.01 4.06 14.92
N LEU C 189 -2.52 3.04 15.63
CA LEU C 189 -2.77 2.91 17.06
C LEU C 189 -1.61 3.37 17.91
N GLU C 190 -0.38 3.34 17.39
CA GLU C 190 0.74 3.81 18.20
C GLU C 190 0.78 5.33 18.26
N ASN C 191 0.79 5.99 17.10
CA ASN C 191 0.78 7.45 17.08
C ASN C 191 -0.44 8.02 17.77
N ALA C 192 -1.51 7.24 17.90
CA ALA C 192 -2.73 7.74 18.49
C ALA C 192 -2.52 8.12 19.95
N LYS C 193 -1.82 7.29 20.71
CA LYS C 193 -1.71 7.52 22.14
C LYS C 193 -1.03 8.84 22.43
N GLY C 194 0.28 8.92 22.17
CA GLY C 194 0.99 10.17 22.26
C GLY C 194 2.14 10.31 21.29
N GLU C 195 2.36 9.29 20.46
CA GLU C 195 3.64 9.15 19.78
C GLU C 195 3.64 9.86 18.43
N ASP C 196 4.76 9.75 17.72
CA ASP C 196 4.97 10.48 16.48
C ASP C 196 5.58 9.59 15.39
N TYR C 197 5.37 8.29 15.47
CA TYR C 197 6.01 7.37 14.55
C TYR C 197 5.41 7.48 13.15
N ILE C 198 6.13 6.94 12.17
CA ILE C 198 5.71 6.93 10.78
C ILE C 198 6.09 5.60 10.16
N GLU C 199 5.63 5.38 8.92
CA GLU C 199 5.83 4.10 8.26
C GLU C 199 7.30 3.76 8.09
N GLU C 200 8.19 4.75 8.10
CA GLU C 200 9.60 4.51 7.79
C GLU C 200 10.38 4.05 9.02
N ASP C 201 10.08 4.61 10.18
CA ASP C 201 10.80 4.34 11.42
C ASP C 201 10.02 3.41 12.34
N ILE C 202 9.33 2.42 11.78
CA ILE C 202 8.41 1.60 12.55
C ILE C 202 8.81 0.13 12.49
N GLN C 203 9.48 -0.28 11.41
CA GLN C 203 9.99 -1.63 11.34
C GLN C 203 11.20 -1.79 12.26
N ARG C 204 12.09 -0.80 12.25
CA ARG C 204 13.24 -0.82 13.15
C ARG C 204 12.79 -0.90 14.60
N LEU C 205 11.66 -0.27 14.94
CA LEU C 205 11.17 -0.33 16.31
C LEU C 205 10.75 -1.75 16.68
N ILE C 206 10.09 -2.46 15.75
CA ILE C 206 9.74 -3.85 16.01
C ILE C 206 11.00 -4.68 16.16
N ASP C 207 11.99 -4.43 15.31
CA ASP C 207 13.24 -5.19 15.39
C ASP C 207 13.92 -4.98 16.74
N ASN C 208 13.94 -3.74 17.23
CA ASN C 208 14.66 -3.39 18.45
C ASN C 208 13.81 -3.49 19.70
N GLY C 209 12.55 -3.92 19.58
CA GLY C 209 11.75 -4.23 20.75
C GLY C 209 11.20 -3.01 21.46
N LEU C 210 10.39 -2.22 20.76
CA LEU C 210 9.65 -1.14 21.39
C LEU C 210 8.16 -1.28 21.09
N ILE C 211 7.86 -1.83 19.92
CA ILE C 211 6.47 -2.07 19.51
C ILE C 211 6.16 -3.53 19.83
N LYS C 212 5.27 -3.74 20.80
CA LYS C 212 4.86 -5.09 21.18
C LYS C 212 3.78 -5.56 20.21
N VAL C 213 4.23 -6.05 19.06
CA VAL C 213 3.31 -6.57 18.05
C VAL C 213 2.77 -7.91 18.53
N ASP C 214 1.46 -8.01 18.65
CA ASP C 214 0.84 -9.24 19.10
C ASP C 214 0.92 -10.30 17.99
N SER C 215 0.88 -11.57 18.41
CA SER C 215 0.97 -12.65 17.45
C SER C 215 -0.16 -12.63 16.44
N LYS C 216 -1.37 -12.23 16.88
CA LYS C 216 -2.53 -12.23 16.00
C LYS C 216 -2.57 -11.02 15.07
N GLN C 217 -1.80 -9.98 15.34
CA GLN C 217 -1.72 -8.86 14.40
C GLN C 217 -1.12 -9.31 13.07
N TYR C 218 -0.21 -10.29 13.11
CA TYR C 218 0.28 -10.89 11.87
C TYR C 218 -0.74 -11.84 11.25
N ILE C 219 -1.52 -12.53 12.08
CA ILE C 219 -2.52 -13.45 11.55
C ILE C 219 -3.58 -12.68 10.77
N GLU C 220 -3.98 -11.52 11.28
CA GLU C 220 -4.92 -10.68 10.56
C GLU C 220 -4.37 -10.29 9.20
N PHE C 221 -3.09 -9.91 9.13
CA PHE C 221 -2.49 -9.54 7.85
C PHE C 221 -2.43 -10.73 6.91
N LEU C 222 -2.12 -11.92 7.43
CA LEU C 222 -2.13 -13.12 6.60
C LEU C 222 -3.51 -13.34 6.00
N SER C 223 -4.54 -13.36 6.83
CA SER C 223 -5.88 -13.61 6.34
C SER C 223 -6.39 -12.50 5.45
N ASP C 224 -5.83 -11.29 5.57
CA ASP C 224 -6.18 -10.20 4.68
C ASP C 224 -5.51 -10.32 3.32
N ILE C 225 -4.27 -10.82 3.28
CA ILE C 225 -3.63 -11.07 1.99
C ILE C 225 -4.13 -12.36 1.35
N LEU C 226 -4.83 -13.21 2.11
CA LEU C 226 -5.44 -14.41 1.53
C LEU C 226 -6.91 -14.21 1.21
N ASN C 227 -7.56 -13.21 1.78
CA ASN C 227 -8.90 -12.82 1.37
C ASN C 227 -8.88 -11.91 0.15
N ALA C 228 -7.71 -11.69 -0.43
CA ALA C 228 -7.56 -10.92 -1.66
C ALA C 228 -7.03 -11.77 -2.80
N VAL C 229 -6.84 -13.06 -2.60
CA VAL C 229 -6.31 -13.95 -3.63
C VAL C 229 -7.29 -15.04 -4.04
N LYS C 230 -8.34 -15.29 -3.25
CA LYS C 230 -9.28 -16.36 -3.58
C LYS C 230 -9.91 -16.18 -4.95
N PRO C 231 -10.36 -14.99 -5.36
CA PRO C 231 -10.98 -14.86 -6.68
C PRO C 231 -10.08 -15.29 -7.82
N TYR C 232 -8.77 -15.09 -7.68
CA TYR C 232 -7.82 -15.38 -8.74
C TYR C 232 -7.15 -16.73 -8.61
N VAL C 233 -6.97 -17.23 -7.39
CA VAL C 233 -6.28 -18.50 -7.17
C VAL C 233 -6.90 -19.18 -5.96
N ASN C 234 -6.88 -20.51 -5.98
CA ASN C 234 -7.19 -21.33 -4.81
C ASN C 234 -5.87 -21.88 -4.28
N LEU C 235 -5.46 -21.40 -3.11
CA LEU C 235 -4.11 -21.68 -2.63
C LEU C 235 -3.91 -23.16 -2.34
N LYS C 236 -4.97 -23.87 -1.96
CA LYS C 236 -4.82 -25.31 -1.72
C LYS C 236 -4.32 -26.01 -2.98
N THR C 237 -4.86 -25.63 -4.13
CA THR C 237 -4.29 -26.01 -5.42
C THR C 237 -3.11 -25.08 -5.74
N TYR C 238 -2.39 -25.40 -6.81
CA TYR C 238 -1.32 -24.54 -7.31
C TYR C 238 -0.23 -24.34 -6.24
N ASN C 239 0.49 -25.42 -5.97
CA ASN C 239 1.61 -25.37 -5.04
C ASN C 239 2.33 -24.03 -5.15
N THR C 240 2.49 -23.35 -4.02
CA THR C 240 2.81 -21.94 -4.00
C THR C 240 4.26 -21.70 -3.61
N ILE C 241 4.81 -20.61 -4.11
CA ILE C 241 6.17 -20.19 -3.81
C ILE C 241 6.06 -18.76 -3.29
N PHE C 242 5.95 -18.62 -1.97
CA PHE C 242 5.94 -17.29 -1.37
C PHE C 242 7.31 -16.65 -1.56
N THR C 243 7.31 -15.40 -2.03
CA THR C 243 8.54 -14.66 -2.23
C THR C 243 8.33 -13.24 -1.71
N GLY C 244 9.39 -12.45 -1.81
CA GLY C 244 9.34 -11.10 -1.28
C GLY C 244 9.68 -11.06 0.19
N GLY C 245 10.16 -9.91 0.64
CA GLY C 245 10.56 -9.78 2.03
C GLY C 245 9.40 -10.01 2.99
N THR C 246 8.19 -9.62 2.58
CA THR C 246 7.04 -9.81 3.44
C THR C 246 6.89 -11.26 3.88
N SER C 247 7.26 -12.20 3.01
CA SER C 247 7.15 -13.61 3.37
C SER C 247 8.03 -13.94 4.56
N LEU C 248 9.27 -13.42 4.57
CA LEU C 248 10.17 -13.67 5.69
C LEU C 248 9.64 -13.02 6.97
N MET C 249 8.92 -11.92 6.84
CA MET C 249 8.27 -11.30 7.99
C MET C 249 7.15 -12.17 8.54
N LEU C 250 6.73 -13.19 7.80
CA LEU C 250 5.63 -14.07 8.22
C LEU C 250 5.97 -15.54 8.00
N LYS C 251 7.25 -15.87 7.81
CA LYS C 251 7.63 -17.26 7.55
C LYS C 251 7.23 -18.16 8.72
N GLU C 252 7.42 -17.68 9.94
CA GLU C 252 7.07 -18.48 11.11
C GLU C 252 5.59 -18.79 11.18
N TYR C 253 4.75 -18.05 10.45
CA TYR C 253 3.31 -18.23 10.49
C TYR C 253 2.74 -18.80 9.21
N ILE C 254 3.37 -18.55 8.06
CA ILE C 254 2.87 -19.10 6.81
C ILE C 254 2.97 -20.62 6.79
N GLU C 255 3.88 -21.20 7.58
CA GLU C 255 4.08 -22.64 7.60
C GLU C 255 3.01 -23.36 8.42
N LYS C 256 2.22 -22.65 9.21
CA LYS C 256 1.16 -23.24 10.01
C LYS C 256 -0.21 -23.08 9.37
N LEU C 257 -0.27 -23.12 8.05
CA LEU C 257 -1.51 -22.90 7.32
C LEU C 257 -2.15 -24.23 6.95
N PRO C 258 -3.47 -24.23 6.69
CA PRO C 258 -4.16 -25.43 6.20
C PRO C 258 -4.06 -25.61 4.69
N LEU C 259 -2.84 -25.46 4.16
CA LEU C 259 -2.58 -25.62 2.74
C LEU C 259 -1.88 -26.95 2.49
N ASN C 260 -2.33 -27.65 1.45
CA ASN C 260 -1.89 -29.01 1.20
C ASN C 260 -0.47 -29.07 0.64
N LYS C 261 -0.04 -28.06 -0.10
CA LYS C 261 1.29 -28.07 -0.70
C LYS C 261 1.72 -26.63 -0.92
N PHE C 262 2.87 -26.26 -0.37
CA PHE C 262 3.37 -24.90 -0.44
C PHE C 262 4.79 -24.89 0.12
N LYS C 263 5.38 -23.69 0.16
CA LYS C 263 6.69 -23.49 0.75
C LYS C 263 6.99 -21.99 0.73
N VAL C 264 7.98 -21.59 1.51
CA VAL C 264 8.51 -20.24 1.47
C VAL C 264 9.85 -20.30 0.76
N HIS C 265 9.99 -19.49 -0.27
CA HIS C 265 11.18 -19.57 -1.11
C HIS C 265 12.42 -19.22 -0.29
N PRO C 266 13.50 -19.98 -0.39
CA PRO C 266 14.75 -19.57 0.25
C PRO C 266 15.28 -18.31 -0.40
N ASN C 267 16.05 -17.54 0.37
CA ASN C 267 16.54 -16.23 -0.04
C ASN C 267 15.45 -15.46 -0.76
N ALA C 268 14.23 -15.50 -0.21
CA ALA C 268 13.09 -14.87 -0.87
C ALA C 268 13.38 -13.41 -1.20
N LEU C 269 14.15 -12.75 -0.35
CA LEU C 269 14.44 -11.34 -0.56
C LEU C 269 15.08 -11.10 -1.92
N THR C 270 15.89 -12.04 -2.39
CA THR C 270 16.65 -11.88 -3.62
C THR C 270 16.25 -12.88 -4.71
N SER C 271 15.11 -13.56 -4.54
CA SER C 271 14.71 -14.57 -5.52
C SER C 271 14.31 -13.92 -6.84
N ASN C 272 13.48 -12.87 -6.77
CA ASN C 272 13.03 -12.18 -7.97
C ASN C 272 14.20 -11.61 -8.75
N VAL C 273 15.33 -11.40 -8.08
CA VAL C 273 16.52 -10.86 -8.73
C VAL C 273 17.36 -11.99 -9.33
N ASP C 274 17.58 -13.06 -8.57
CA ASP C 274 18.37 -14.18 -9.05
C ASP C 274 17.74 -14.83 -10.29
N GLY C 275 16.42 -15.03 -10.26
CA GLY C 275 15.76 -15.60 -11.42
C GLY C 275 15.92 -14.76 -12.66
N ALA C 276 15.76 -13.44 -12.52
CA ALA C 276 16.00 -12.55 -13.64
C ALA C 276 17.44 -12.63 -14.10
N MET C 277 18.36 -12.86 -13.17
CA MET C 277 19.75 -13.06 -13.53
C MET C 277 19.92 -14.25 -14.47
N GLU C 278 19.31 -15.38 -14.10
CA GLU C 278 19.33 -16.54 -15.00
C GLU C 278 18.74 -16.20 -16.36
N ALA C 279 17.61 -15.51 -16.37
CA ALA C 279 16.95 -15.21 -17.63
C ALA C 279 17.83 -14.35 -18.51
N SER C 280 18.49 -13.36 -17.92
CA SER C 280 19.40 -12.51 -18.69
C SER C 280 20.54 -13.32 -19.26
N LYS C 281 21.10 -14.23 -18.46
CA LYS C 281 22.10 -15.14 -18.99
C LYS C 281 21.57 -15.89 -20.20
N LYS C 282 20.37 -16.44 -20.09
CA LYS C 282 19.80 -17.21 -21.18
C LYS C 282 19.69 -16.37 -22.45
N VAL C 283 19.25 -15.12 -22.31
CA VAL C 283 18.99 -14.29 -23.48
C VAL C 283 20.29 -13.84 -24.12
N TRP C 284 21.09 -13.05 -23.38
CA TRP C 284 22.28 -12.49 -24.01
C TRP C 284 23.39 -13.53 -24.15
N ASN C 285 23.55 -14.38 -23.15
CA ASN C 285 24.59 -15.41 -23.20
C ASN C 285 24.00 -16.77 -23.56
N MET D 1 -24.63 28.14 28.08
CA MET D 1 -25.42 29.15 27.34
C MET D 1 -24.65 29.63 26.11
N LYS D 2 -23.66 30.49 26.32
CA LYS D 2 -22.77 30.90 25.25
C LYS D 2 -21.91 29.72 24.82
N ILE D 3 -21.45 29.77 23.58
CA ILE D 3 -20.65 28.69 22.99
C ILE D 3 -19.33 29.27 22.51
N THR D 4 -18.26 28.52 22.73
CA THR D 4 -16.93 28.93 22.27
C THR D 4 -16.21 27.74 21.67
N VAL D 5 -15.40 28.01 20.65
CA VAL D 5 -14.59 27.01 19.98
C VAL D 5 -13.14 27.50 20.00
N VAL D 6 -12.22 26.60 20.32
CA VAL D 6 -10.82 26.95 20.49
C VAL D 6 -9.99 25.88 19.79
N ASP D 7 -9.32 26.26 18.70
CA ASP D 7 -8.31 25.41 18.07
C ASP D 7 -6.96 25.91 18.57
N LEU D 8 -6.35 25.12 19.46
CA LEU D 8 -5.08 25.53 20.05
C LEU D 8 -3.98 25.60 19.00
N GLY D 9 -3.89 24.58 18.15
CA GLY D 9 -2.87 24.56 17.13
C GLY D 9 -1.47 24.52 17.71
N ASN D 10 -0.47 24.39 16.84
CA ASN D 10 0.92 24.34 17.27
C ASN D 10 1.65 25.65 17.04
N ILE D 11 1.23 26.46 16.07
CA ILE D 11 1.82 27.76 15.82
C ILE D 11 0.79 28.88 15.74
N ASN D 12 -0.50 28.57 15.87
CA ASN D 12 -1.53 29.59 15.88
C ASN D 12 -2.73 29.07 16.67
N VAL D 13 -3.29 29.95 17.50
CA VAL D 13 -4.49 29.68 18.27
C VAL D 13 -5.63 30.46 17.65
N LYS D 14 -6.78 29.80 17.48
CA LYS D 14 -7.91 30.37 16.76
C LYS D 14 -9.16 30.17 17.60
N TYR D 15 -9.77 31.25 18.03
CA TYR D 15 -10.94 31.13 18.87
C TYR D 15 -12.12 31.85 18.28
N VAL D 16 -13.30 31.30 18.53
CA VAL D 16 -14.52 31.90 18.01
C VAL D 16 -15.62 31.73 19.05
N GLY D 17 -16.15 32.84 19.53
CA GLY D 17 -17.24 32.86 20.48
C GLY D 17 -18.12 34.05 20.20
N GLU D 18 -18.40 34.84 21.23
CA GLU D 18 -19.08 36.12 21.02
C GLU D 18 -18.25 37.03 20.13
N ASN D 19 -16.92 36.97 20.27
CA ASN D 19 -16.01 37.74 19.45
C ASN D 19 -14.92 36.81 18.94
N LYS D 20 -14.81 36.69 17.62
CA LYS D 20 -13.86 35.78 16.99
C LYS D 20 -12.47 36.40 16.91
N GLY D 21 -11.50 35.59 16.53
CA GLY D 21 -10.17 36.08 16.31
C GLY D 21 -9.14 34.97 16.46
N ARG D 22 -7.88 35.39 16.52
CA ARG D 22 -6.77 34.45 16.59
C ARG D 22 -5.54 35.17 17.13
N PHE D 23 -4.52 34.38 17.42
CA PHE D 23 -3.22 34.89 17.84
C PHE D 23 -2.20 33.78 17.69
N SER D 24 -0.98 34.03 18.15
CA SER D 24 0.11 33.07 18.01
C SER D 24 0.14 32.11 19.18
N SER D 25 0.66 30.91 18.93
CA SER D 25 0.71 29.86 19.95
C SER D 25 1.92 29.99 20.86
N LYS D 26 2.81 30.97 20.61
CA LYS D 26 4.00 31.11 21.44
C LYS D 26 3.61 31.32 22.89
N ILE D 27 4.27 30.59 23.78
CA ILE D 27 4.08 30.73 25.22
C ILE D 27 5.44 30.64 25.89
N THR D 28 5.64 31.49 26.90
CA THR D 28 6.89 31.50 27.64
C THR D 28 6.60 31.77 29.11
N ASN D 29 7.21 30.97 29.99
CA ASN D 29 7.15 31.20 31.42
C ASN D 29 8.32 32.02 31.93
N ASP D 30 9.20 32.48 31.03
CA ASP D 30 10.38 33.21 31.44
C ASP D 30 10.01 34.51 32.13
N TYR D 31 10.81 34.89 33.12
CA TYR D 31 10.58 36.14 33.81
C TYR D 31 10.70 37.31 32.85
N GLN D 32 9.84 38.30 33.01
CA GLN D 32 9.87 39.50 32.19
C GLN D 32 9.60 40.70 33.06
N SER D 33 10.36 41.77 32.84
CA SER D 33 10.27 42.95 33.70
C SER D 33 9.06 43.81 33.35
N TYR D 34 9.02 44.32 32.12
CA TYR D 34 7.94 45.20 31.67
C TYR D 34 6.70 44.34 31.38
N GLU D 35 6.10 43.85 32.46
CA GLU D 35 4.90 43.03 32.32
C GLU D 35 3.78 43.80 31.65
N GLU D 36 3.59 45.06 32.03
CA GLU D 36 2.59 45.91 31.42
C GLU D 36 3.07 46.27 30.02
N GLY D 37 2.50 45.60 29.01
CA GLY D 37 2.93 45.78 27.64
C GLY D 37 2.89 44.48 26.87
N PHE D 38 2.90 43.36 27.60
CA PHE D 38 2.73 42.04 27.04
C PHE D 38 1.29 41.56 27.25
N GLN D 39 0.97 40.43 26.62
CA GLN D 39 -0.27 39.73 26.87
C GLN D 39 0.03 38.55 27.78
N ARG D 40 -0.54 38.57 28.99
CA ARG D 40 -0.12 37.67 30.04
C ARG D 40 -1.33 37.10 30.76
N VAL D 41 -1.15 35.94 31.36
CA VAL D 41 -2.16 35.32 32.20
C VAL D 41 -1.47 34.56 33.32
N GLU D 42 -1.98 34.71 34.54
CA GLU D 42 -1.46 34.03 35.71
C GLU D 42 -2.53 33.08 36.22
N TYR D 43 -2.22 31.78 36.20
CA TYR D 43 -3.11 30.75 36.71
C TYR D 43 -2.46 30.08 37.92
N ASN D 44 -3.18 30.03 39.02
CA ASN D 44 -2.73 29.41 40.27
C ASN D 44 -1.26 29.67 40.54
N GLY D 45 -0.85 30.92 40.36
CA GLY D 45 0.46 31.37 40.77
C GLY D 45 1.56 31.27 39.73
N ILE D 46 1.30 30.64 38.58
CA ILE D 46 2.26 30.54 37.51
C ILE D 46 1.81 31.46 36.39
N LYS D 47 2.72 32.30 35.90
CA LYS D 47 2.42 33.31 34.90
C LYS D 47 2.98 32.89 33.55
N THR D 48 2.27 33.27 32.49
CA THR D 48 2.69 32.98 31.12
C THR D 48 2.43 34.20 30.26
N TYR D 49 3.43 34.60 29.49
CA TYR D 49 3.33 35.72 28.56
C TYR D 49 3.12 35.14 27.16
N ILE D 50 1.93 35.33 26.62
CA ILE D 50 1.53 34.70 25.38
C ILE D 50 1.94 35.57 24.20
N GLY D 51 2.10 34.93 23.04
CA GLY D 51 2.46 35.61 21.82
C GLY D 51 3.94 35.83 21.62
N VAL D 52 4.78 35.37 22.54
CA VAL D 52 6.22 35.56 22.44
C VAL D 52 6.92 34.40 23.13
N GLY D 53 8.11 34.06 22.62
CA GLY D 53 8.97 33.10 23.28
C GLY D 53 9.10 31.80 22.53
N GLU D 54 8.86 30.69 23.24
CA GLU D 54 9.07 29.36 22.68
C GLU D 54 7.85 28.98 21.86
N LEU D 55 7.77 27.71 21.46
CA LEU D 55 6.70 27.22 20.61
C LEU D 55 6.01 25.97 21.15
N SER D 56 6.60 25.24 22.09
CA SER D 56 6.01 24.04 22.66
C SER D 56 5.70 23.02 21.56
N ARG D 57 6.78 22.54 20.96
CA ARG D 57 6.76 21.59 19.85
C ARG D 57 6.21 20.23 20.21
N GLU D 58 5.73 20.02 21.43
CA GLU D 58 5.27 18.70 21.83
C GLU D 58 4.07 18.27 21.01
N PHE D 59 4.06 17.00 20.62
CA PHE D 59 2.94 16.39 19.90
C PHE D 59 1.85 16.05 20.91
N ASN D 60 0.88 15.23 20.50
CA ASN D 60 -0.15 14.71 21.39
C ASN D 60 -0.72 15.83 22.27
N LYS D 61 -1.40 16.77 21.61
CA LYS D 61 -1.57 18.09 22.19
C LYS D 61 -2.62 18.12 23.30
N ALA D 62 -2.97 16.96 23.86
CA ALA D 62 -3.82 16.90 25.04
C ALA D 62 -3.06 17.09 26.33
N ASP D 63 -1.73 17.22 26.29
CA ASP D 63 -0.93 17.41 27.50
C ASP D 63 0.08 18.54 27.40
N ARG D 64 0.21 19.17 26.23
CA ARG D 64 1.17 20.25 26.05
C ARG D 64 0.73 21.54 26.71
N ASP D 65 0.58 21.51 28.02
CA ASP D 65 0.16 22.69 28.77
C ASP D 65 -0.82 23.53 27.94
N TYR D 66 -1.94 22.91 27.60
CA TYR D 66 -3.00 23.59 26.88
C TYR D 66 -3.75 24.47 27.86
N MET D 67 -3.03 25.29 28.61
CA MET D 67 -3.55 25.80 29.87
C MET D 67 -3.76 27.31 29.85
N ALA D 68 -2.70 28.08 29.63
CA ALA D 68 -2.86 29.54 29.65
C ALA D 68 -3.45 30.05 28.34
N GLN D 69 -3.10 29.42 27.22
CA GLN D 69 -3.67 29.82 25.95
C GLN D 69 -5.18 29.65 25.95
N LEU D 70 -5.66 28.56 26.53
CA LEU D 70 -7.10 28.30 26.56
C LEU D 70 -7.83 29.41 27.32
N LEU D 71 -7.39 29.70 28.54
CA LEU D 71 -8.05 30.73 29.34
C LEU D 71 -7.92 32.09 28.69
N TYR D 72 -6.76 32.38 28.10
CA TYR D 72 -6.59 33.66 27.41
C TYR D 72 -7.57 33.80 26.26
N SER D 73 -7.74 32.74 25.48
CA SER D 73 -8.71 32.77 24.40
C SER D 73 -10.12 32.94 24.93
N LEU D 74 -10.46 32.25 26.02
CA LEU D 74 -11.79 32.39 26.59
C LEU D 74 -12.05 33.83 27.01
N ALA D 75 -11.08 34.45 27.67
CA ALA D 75 -11.24 35.83 28.11
C ALA D 75 -11.35 36.77 26.92
N LYS D 76 -10.53 36.54 25.89
CA LYS D 76 -10.50 37.46 24.76
C LYS D 76 -11.76 37.34 23.90
N ALA D 77 -12.36 36.15 23.84
CA ALA D 77 -13.53 35.94 23.00
C ALA D 77 -14.78 36.48 23.67
N ASN D 78 -15.12 35.93 24.83
CA ASN D 78 -16.30 36.37 25.58
C ASN D 78 -15.93 37.63 26.37
N THR D 79 -16.84 38.07 27.23
CA THR D 79 -16.65 39.27 28.01
C THR D 79 -16.59 38.91 29.49
N ALA D 80 -16.26 39.92 30.31
CA ALA D 80 -16.03 39.69 31.73
C ALA D 80 -17.30 39.19 32.43
N ASP D 81 -18.47 39.66 32.00
CA ASP D 81 -19.70 39.27 32.68
C ASP D 81 -19.95 37.77 32.58
N THR D 82 -19.65 37.17 31.43
CA THR D 82 -19.96 35.77 31.20
C THR D 82 -19.27 34.89 32.24
N LYS D 83 -20.02 33.92 32.76
CA LYS D 83 -19.53 33.00 33.77
C LYS D 83 -19.55 31.55 33.31
N GLU D 84 -20.66 31.10 32.74
CA GLU D 84 -20.82 29.72 32.31
C GLU D 84 -20.93 29.68 30.79
N ILE D 85 -20.22 28.74 30.16
CA ILE D 85 -20.16 28.63 28.71
C ILE D 85 -20.11 27.15 28.35
N ASN D 86 -20.08 26.89 27.03
CA ASN D 86 -19.93 25.54 26.50
C ASN D 86 -18.75 25.55 25.55
N LEU D 87 -17.78 24.69 25.82
CA LEU D 87 -16.54 24.62 25.06
C LEU D 87 -16.60 23.49 24.05
N THR D 88 -16.17 23.78 22.82
CA THR D 88 -16.09 22.78 21.75
C THR D 88 -14.67 22.82 21.20
N LEU D 89 -13.79 22.00 21.77
CA LEU D 89 -12.41 21.94 21.36
C LEU D 89 -12.25 21.05 20.12
N LEU D 90 -11.07 21.14 19.51
CA LEU D 90 -10.78 20.43 18.26
C LEU D 90 -9.46 19.70 18.42
N LEU D 91 -9.55 18.41 18.71
CA LEU D 91 -8.37 17.55 18.71
C LEU D 91 -8.15 16.95 17.33
N PRO D 92 -6.96 16.43 17.06
CA PRO D 92 -6.73 15.76 15.78
C PRO D 92 -7.60 14.52 15.64
N ILE D 93 -7.67 14.02 14.41
CA ILE D 93 -8.56 12.89 14.11
C ILE D 93 -7.98 11.56 14.54
N ILE D 94 -6.75 11.54 15.05
CA ILE D 94 -6.13 10.32 15.54
C ILE D 94 -5.95 10.33 17.06
N GLN D 95 -6.21 11.46 17.72
CA GLN D 95 -6.04 11.59 19.17
C GLN D 95 -7.36 11.89 19.85
N MET D 96 -8.45 11.38 19.31
CA MET D 96 -9.78 11.68 19.84
C MET D 96 -10.09 10.93 21.12
N LYS D 97 -9.37 9.84 21.42
CA LYS D 97 -9.58 9.15 22.69
C LYS D 97 -9.06 9.97 23.86
N ASN D 98 -8.01 10.76 23.63
CA ASN D 98 -7.42 11.56 24.69
C ASN D 98 -8.42 12.51 25.32
N LYS D 99 -9.61 12.67 24.73
CA LYS D 99 -10.65 13.46 25.39
C LYS D 99 -10.93 12.94 26.78
N THR D 100 -10.73 11.65 27.02
CA THR D 100 -10.88 11.11 28.37
C THR D 100 -9.96 11.83 29.34
N ARG D 101 -8.69 12.00 28.96
CA ARG D 101 -7.75 12.75 29.78
C ARG D 101 -8.01 14.24 29.75
N LEU D 102 -8.88 14.70 28.85
CA LEU D 102 -9.17 16.12 28.73
C LEU D 102 -10.41 16.53 29.52
N ILE D 103 -11.46 15.71 29.47
CA ILE D 103 -12.71 16.05 30.16
C ILE D 103 -12.51 15.97 31.66
N GLU D 104 -11.74 15.00 32.14
CA GLU D 104 -11.61 14.80 33.58
C GLU D 104 -11.05 16.03 34.28
N THR D 105 -10.27 16.85 33.57
CA THR D 105 -9.61 17.99 34.19
C THR D 105 -10.34 19.30 33.99
N LEU D 106 -11.31 19.37 33.07
CA LEU D 106 -11.97 20.62 32.72
C LEU D 106 -13.45 20.65 33.06
N LYS D 107 -14.18 19.57 32.81
CA LYS D 107 -15.62 19.58 32.97
C LYS D 107 -16.00 19.99 34.39
N GLY D 108 -16.93 20.93 34.49
CA GLY D 108 -17.40 21.39 35.80
C GLY D 108 -16.28 21.92 36.67
N GLU D 109 -15.35 22.68 36.08
CA GLU D 109 -14.22 23.25 36.80
C GLU D 109 -14.26 24.77 36.67
N ASN D 110 -14.11 25.45 37.80
CA ASN D 110 -14.09 26.91 37.83
C ASN D 110 -12.64 27.38 37.76
N PHE D 111 -12.35 28.26 36.81
CA PHE D 111 -11.01 28.75 36.57
C PHE D 111 -10.97 30.26 36.83
N LYS D 112 -10.03 30.67 37.68
CA LYS D 112 -9.82 32.07 38.01
C LYS D 112 -8.43 32.48 37.53
N PHE D 113 -8.35 33.64 36.90
CA PHE D 113 -7.08 34.05 36.32
C PHE D 113 -7.06 35.57 36.19
N LYS D 114 -5.86 36.10 35.94
CA LYS D 114 -5.67 37.55 35.93
C LYS D 114 -6.10 38.17 34.61
N PHE D 115 -5.52 37.71 33.50
CA PHE D 115 -5.77 38.29 32.18
C PHE D 115 -5.37 39.76 32.16
N ASN D 116 -4.06 39.98 32.32
CA ASN D 116 -3.46 41.30 32.27
C ASN D 116 -3.86 42.16 33.47
N GLY D 117 -4.01 41.53 34.63
CA GLY D 117 -4.25 42.23 35.87
C GLY D 117 -5.70 42.39 36.26
N ILE D 118 -6.62 42.26 35.30
CA ILE D 118 -8.05 42.41 35.60
C ILE D 118 -8.56 41.00 35.91
N ASP D 119 -8.40 40.61 37.17
CA ASP D 119 -8.73 39.24 37.56
C ASP D 119 -10.21 38.95 37.31
N ARG D 120 -10.48 37.73 36.89
CA ARG D 120 -11.84 37.28 36.62
C ARG D 120 -11.92 35.77 36.77
N GLU D 121 -13.12 35.24 36.61
CA GLU D 121 -13.41 33.83 36.82
C GLU D 121 -14.36 33.36 35.72
N ILE D 122 -14.36 32.04 35.49
CA ILE D 122 -15.20 31.48 34.44
C ILE D 122 -15.39 30.00 34.73
N LYS D 123 -16.59 29.51 34.48
CA LYS D 123 -16.91 28.10 34.55
C LYS D 123 -17.43 27.62 33.20
N ILE D 124 -17.35 26.32 32.97
CA ILE D 124 -17.84 25.70 31.75
C ILE D 124 -18.87 24.65 32.13
N ASN D 125 -20.07 24.74 31.54
CA ASN D 125 -21.12 23.79 31.83
C ASN D 125 -20.69 22.38 31.45
N ASP D 126 -20.46 22.16 30.16
CA ASP D 126 -20.01 20.86 29.66
C ASP D 126 -18.96 21.09 28.60
N LEU D 127 -18.08 20.10 28.45
CA LEU D 127 -17.02 20.13 27.46
C LEU D 127 -17.37 19.21 26.30
N MET D 128 -16.93 19.59 25.11
CA MET D 128 -17.16 18.80 23.92
C MET D 128 -15.90 18.85 23.06
N VAL D 129 -15.67 17.79 22.29
CA VAL D 129 -14.47 17.66 21.50
C VAL D 129 -14.85 17.13 20.13
N LEU D 130 -14.19 17.64 19.10
CA LEU D 130 -14.38 17.17 17.73
C LEU D 130 -13.04 16.96 17.07
N PRO D 131 -12.97 16.08 16.07
CA PRO D 131 -11.71 15.88 15.35
C PRO D 131 -11.46 16.96 14.33
N GLU D 132 -10.18 17.32 14.18
CA GLU D 132 -9.80 18.29 13.17
C GLU D 132 -10.08 17.73 11.77
N GLY D 133 -10.40 18.63 10.85
CA GLY D 133 -10.78 18.23 9.51
C GLY D 133 -12.26 17.99 9.39
N TYR D 134 -12.76 17.00 10.13
CA TYR D 134 -14.19 16.69 10.09
C TYR D 134 -15.03 17.93 10.33
N ALA D 135 -14.64 18.76 11.30
CA ALA D 135 -15.43 19.94 11.62
C ALA D 135 -15.48 20.90 10.45
N SER D 136 -14.36 21.07 9.74
CA SER D 136 -14.32 22.01 8.63
C SER D 136 -15.32 21.64 7.54
N TYR D 137 -15.77 20.38 7.53
CA TYR D 137 -16.77 19.97 6.55
C TYR D 137 -18.06 20.77 6.69
N TYR D 138 -18.50 21.00 7.92
CA TYR D 138 -19.78 21.68 8.14
C TYR D 138 -19.73 23.12 7.64
N SER D 139 -18.59 23.79 7.78
CA SER D 139 -18.45 25.14 7.24
C SER D 139 -18.47 25.15 5.72
N LEU D 140 -18.36 23.98 5.09
CA LEU D 140 -18.29 23.89 3.65
C LEU D 140 -19.62 24.26 3.01
N ASP D 141 -19.54 24.66 1.73
CA ASP D 141 -20.73 25.02 0.99
C ASP D 141 -21.53 23.77 0.63
N ILE D 142 -22.82 23.98 0.35
CA ILE D 142 -23.72 22.86 0.07
C ILE D 142 -23.31 22.12 -1.19
N GLU D 143 -22.80 22.83 -2.19
CA GLU D 143 -22.47 22.20 -3.46
C GLU D 143 -21.47 21.05 -3.28
N ASN D 144 -20.65 21.12 -2.24
CA ASN D 144 -19.62 20.10 -2.01
C ASN D 144 -20.08 19.00 -1.06
N LYS D 145 -21.04 19.29 -0.19
CA LYS D 145 -21.48 18.29 0.78
C LYS D 145 -22.07 17.07 0.09
N LYS D 146 -22.84 17.28 -0.98
CA LYS D 146 -23.57 16.17 -1.60
C LYS D 146 -22.62 15.10 -2.12
N GLY D 147 -21.50 15.51 -2.71
CA GLY D 147 -20.59 14.58 -3.34
C GLY D 147 -19.70 13.87 -2.33
N ASP D 148 -18.79 13.05 -2.87
CA ASP D 148 -17.79 12.34 -2.09
C ASP D 148 -16.51 13.16 -2.06
N VAL D 149 -16.20 13.74 -0.91
CA VAL D 149 -15.11 14.68 -0.78
C VAL D 149 -14.05 14.11 0.16
N CYS D 150 -12.93 14.81 0.27
CA CYS D 150 -11.82 14.42 1.12
C CYS D 150 -11.27 15.67 1.80
N ILE D 151 -11.73 15.92 3.03
CA ILE D 151 -11.19 17.04 3.80
C ILE D 151 -9.73 16.75 4.10
N LEU D 152 -8.86 17.66 3.67
CA LEU D 152 -7.41 17.53 3.83
C LEU D 152 -6.92 18.76 4.57
N ASP D 153 -6.83 18.66 5.89
CA ASP D 153 -6.39 19.76 6.73
C ASP D 153 -4.87 19.72 6.83
N LEU D 154 -4.21 20.68 6.20
CA LEU D 154 -2.75 20.78 6.21
C LEU D 154 -2.34 21.74 7.32
N GLY D 155 -2.16 21.19 8.52
CA GLY D 155 -1.74 21.99 9.65
C GLY D 155 -0.26 22.34 9.59
N SER D 156 0.28 22.69 10.75
CA SER D 156 1.70 23.01 10.85
C SER D 156 2.57 21.77 11.02
N ARG D 157 2.09 20.78 11.75
CA ARG D 157 2.81 19.51 11.90
C ARG D 157 1.93 18.30 11.64
N THR D 158 0.62 18.48 11.48
CA THR D 158 -0.31 17.37 11.31
C THR D 158 -1.13 17.60 10.06
N ILE D 159 -1.13 16.60 9.17
CA ILE D 159 -2.06 16.54 8.05
C ILE D 159 -3.17 15.58 8.43
N ASN D 160 -4.39 16.10 8.51
CA ASN D 160 -5.54 15.31 8.91
C ASN D 160 -6.41 15.04 7.69
N ILE D 161 -6.67 13.76 7.42
CA ILE D 161 -7.43 13.34 6.26
C ILE D 161 -8.74 12.74 6.76
N CYS D 162 -9.85 13.26 6.24
CA CYS D 162 -11.18 12.73 6.54
C CYS D 162 -11.94 12.60 5.23
N VAL D 163 -12.12 11.37 4.77
CA VAL D 163 -12.81 11.09 3.52
C VAL D 163 -14.29 10.93 3.83
N LEU D 164 -15.11 11.77 3.22
CA LEU D 164 -16.54 11.82 3.48
C LEU D 164 -17.29 11.36 2.24
N GLU D 165 -18.06 10.29 2.39
CA GLU D 165 -19.05 9.90 1.39
C GLU D 165 -20.29 10.76 1.59
N ASN D 166 -21.42 10.35 1.05
CA ASN D 166 -22.61 11.20 1.06
C ASN D 166 -23.08 11.33 2.51
N ALA D 167 -22.46 12.28 3.21
CA ALA D 167 -22.79 12.62 4.59
C ALA D 167 -22.38 11.52 5.57
N LYS D 168 -21.31 10.79 5.26
CA LYS D 168 -20.83 9.75 6.15
C LYS D 168 -19.33 9.57 5.94
N ILE D 169 -18.57 9.58 7.03
CA ILE D 169 -17.12 9.47 6.94
C ILE D 169 -16.74 8.02 6.65
N VAL D 170 -15.62 7.84 5.97
CA VAL D 170 -15.13 6.52 5.58
C VAL D 170 -13.73 6.32 6.13
N LYS D 171 -12.80 7.16 5.71
CA LYS D 171 -11.40 7.06 6.09
C LYS D 171 -11.02 8.23 6.98
N THR D 172 -10.27 7.94 8.03
CA THR D 172 -9.85 8.95 9.00
C THR D 172 -8.41 8.67 9.38
N ASN D 173 -7.51 9.62 9.13
CA ASN D 173 -6.10 9.38 9.39
C ASN D 173 -5.38 10.69 9.68
N THR D 174 -4.20 10.53 10.30
CA THR D 174 -3.33 11.65 10.64
C THR D 174 -1.92 11.32 10.20
N ILE D 175 -1.20 12.34 9.74
CA ILE D 175 0.17 12.20 9.27
C ILE D 175 1.01 13.29 9.93
N LYS D 176 2.21 12.93 10.38
CA LYS D 176 3.12 13.88 11.00
C LYS D 176 3.86 14.62 9.89
N LEU D 177 3.37 15.81 9.54
CA LEU D 177 3.99 16.63 8.52
C LEU D 177 3.28 17.97 8.43
N GLY D 178 3.99 19.01 7.99
CA GLY D 178 3.36 20.31 7.86
C GLY D 178 4.39 21.40 7.65
N SER D 179 3.96 22.65 7.85
CA SER D 179 4.80 23.80 7.57
C SER D 179 6.02 23.84 8.48
N PHE D 180 5.93 23.25 9.67
CA PHE D 180 7.05 23.32 10.60
C PHE D 180 8.27 22.61 10.03
N ASP D 181 8.06 21.44 9.40
CA ASP D 181 9.18 20.74 8.78
C ASP D 181 9.77 21.57 7.65
N PHE D 182 8.93 22.30 6.91
CA PHE D 182 9.44 23.19 5.87
C PHE D 182 10.30 24.30 6.46
N TYR D 183 9.87 24.88 7.57
CA TYR D 183 10.67 25.90 8.23
C TYR D 183 12.01 25.32 8.70
N SER D 184 11.98 24.12 9.26
CA SER D 184 13.22 23.46 9.66
C SER D 184 14.12 23.25 8.45
N LYS D 185 13.54 22.89 7.31
CA LYS D 185 14.34 22.71 6.10
C LYS D 185 14.98 24.02 5.67
N ILE D 186 14.24 25.12 5.72
CA ILE D 186 14.78 26.41 5.32
C ILE D 186 15.92 26.81 6.24
N LYS D 187 15.72 26.66 7.55
CA LYS D 187 16.78 27.04 8.47
C LYS D 187 17.99 26.12 8.35
N SER D 188 17.78 24.86 7.95
CA SER D 188 18.90 23.94 7.82
C SER D 188 19.96 24.48 6.88
N LEU D 189 19.57 25.27 5.88
CA LEU D 189 20.51 25.88 4.97
C LEU D 189 20.80 27.33 5.29
N GLU D 190 19.87 28.04 5.94
CA GLU D 190 20.15 29.43 6.28
C GLU D 190 21.11 29.53 7.46
N ASN D 191 20.77 28.89 8.58
CA ASN D 191 21.66 28.91 9.75
C ASN D 191 23.01 28.31 9.43
N ALA D 192 23.11 27.49 8.39
CA ALA D 192 24.37 26.85 8.06
C ALA D 192 25.44 27.87 7.69
N LYS D 193 25.08 28.86 6.88
CA LYS D 193 26.10 29.77 6.37
C LYS D 193 26.77 30.53 7.51
N GLY D 194 26.04 31.45 8.13
CA GLY D 194 26.53 32.11 9.33
C GLY D 194 25.46 32.49 10.32
N GLU D 195 24.21 32.18 10.01
CA GLU D 195 23.08 32.82 10.67
C GLU D 195 22.67 32.05 11.93
N ASP D 196 21.62 32.56 12.59
CA ASP D 196 21.18 32.05 13.87
C ASP D 196 19.66 31.89 13.92
N TYR D 197 18.99 31.74 12.78
CA TYR D 197 17.54 31.72 12.75
C TYR D 197 17.01 30.42 13.35
N ILE D 198 15.71 30.44 13.65
CA ILE D 198 15.01 29.30 14.23
C ILE D 198 13.62 29.22 13.61
N GLU D 199 12.92 28.13 13.91
CA GLU D 199 11.61 27.88 13.30
C GLU D 199 10.61 28.98 13.63
N GLU D 200 10.81 29.73 14.71
CA GLU D 200 9.81 30.70 15.14
C GLU D 200 9.95 32.04 14.43
N ASP D 201 11.18 32.47 14.17
CA ASP D 201 11.46 33.77 13.56
C ASP D 201 11.85 33.64 12.10
N ILE D 202 11.20 32.73 11.37
CA ILE D 202 11.63 32.40 10.01
C ILE D 202 10.50 32.68 9.02
N GLN D 203 9.25 32.58 9.47
CA GLN D 203 8.13 32.94 8.61
C GLN D 203 8.06 34.45 8.43
N ARG D 204 8.25 35.20 9.51
CA ARG D 204 8.29 36.64 9.42
C ARG D 204 9.38 37.12 8.47
N LEU D 205 10.49 36.41 8.42
CA LEU D 205 11.56 36.78 7.50
C LEU D 205 11.12 36.62 6.05
N ILE D 206 10.41 35.53 5.75
CA ILE D 206 9.88 35.36 4.40
C ILE D 206 8.89 36.47 4.09
N ASP D 207 8.03 36.80 5.05
CA ASP D 207 7.04 37.84 4.83
C ASP D 207 7.71 39.19 4.54
N ASN D 208 8.77 39.50 5.28
CA ASN D 208 9.43 40.80 5.18
C ASN D 208 10.56 40.83 4.16
N GLY D 209 10.81 39.72 3.46
CA GLY D 209 11.74 39.73 2.35
C GLY D 209 13.19 39.71 2.76
N LEU D 210 13.61 38.67 3.47
CA LEU D 210 15.03 38.45 3.76
C LEU D 210 15.43 37.06 3.30
N ILE D 211 14.50 36.12 3.35
CA ILE D 211 14.72 34.75 2.90
C ILE D 211 14.19 34.65 1.48
N LYS D 212 15.09 34.47 0.53
CA LYS D 212 14.70 34.33 -0.88
C LYS D 212 14.30 32.88 -1.12
N VAL D 213 13.05 32.57 -0.77
CA VAL D 213 12.51 31.23 -0.98
C VAL D 213 12.26 31.04 -2.46
N ASP D 214 12.89 30.02 -3.04
CA ASP D 214 12.69 29.75 -4.46
C ASP D 214 11.32 29.16 -4.70
N SER D 215 10.82 29.33 -5.94
CA SER D 215 9.49 28.84 -6.27
C SER D 215 9.40 27.33 -6.12
N LYS D 216 10.48 26.61 -6.43
CA LYS D 216 10.45 25.16 -6.38
C LYS D 216 10.63 24.60 -4.97
N GLN D 217 11.08 25.41 -4.02
CA GLN D 217 11.12 24.96 -2.64
C GLN D 217 9.73 24.69 -2.10
N TYR D 218 8.73 25.42 -2.59
CA TYR D 218 7.34 25.10 -2.27
C TYR D 218 6.84 23.89 -3.04
N ILE D 219 7.30 23.71 -4.28
CA ILE D 219 6.87 22.56 -5.08
C ILE D 219 7.33 21.27 -4.42
N GLU D 220 8.55 21.27 -3.91
CA GLU D 220 9.05 20.11 -3.19
C GLU D 220 8.17 19.78 -2.00
N PHE D 221 7.76 20.78 -1.23
CA PHE D 221 6.88 20.55 -0.08
C PHE D 221 5.52 20.03 -0.53
N LEU D 222 4.98 20.56 -1.62
CA LEU D 222 3.72 20.05 -2.15
C LEU D 222 3.84 18.58 -2.48
N SER D 223 4.84 18.22 -3.28
CA SER D 223 5.01 16.83 -3.68
C SER D 223 5.35 15.92 -2.52
N ASP D 224 5.91 16.47 -1.44
CA ASP D 224 6.17 15.70 -0.23
C ASP D 224 4.91 15.46 0.59
N ILE D 225 4.00 16.44 0.63
CA ILE D 225 2.72 16.22 1.31
C ILE D 225 1.77 15.40 0.45
N LEU D 226 2.05 15.26 -0.85
CA LEU D 226 1.24 14.40 -1.71
C LEU D 226 1.83 13.01 -1.89
N ASN D 227 3.12 12.83 -1.61
CA ASN D 227 3.71 11.51 -1.55
C ASN D 227 3.49 10.84 -0.19
N ALA D 228 2.70 11.48 0.68
CA ALA D 228 2.31 10.91 1.96
C ALA D 228 0.82 10.66 2.05
N VAL D 229 0.07 10.91 0.99
CA VAL D 229 -1.38 10.74 0.99
C VAL D 229 -1.84 9.67 0.01
N LYS D 230 -1.01 9.27 -0.95
CA LYS D 230 -1.44 8.28 -1.94
C LYS D 230 -1.91 6.98 -1.32
N PRO D 231 -1.23 6.41 -0.31
CA PRO D 231 -1.71 5.13 0.25
C PRO D 231 -3.11 5.21 0.79
N TYR D 232 -3.52 6.36 1.32
CA TYR D 232 -4.81 6.53 1.97
C TYR D 232 -5.87 7.11 1.05
N VAL D 233 -5.48 7.95 0.09
CA VAL D 233 -6.43 8.62 -0.79
C VAL D 233 -5.79 8.80 -2.16
N ASN D 234 -6.62 8.77 -3.19
CA ASN D 234 -6.23 9.18 -4.54
C ASN D 234 -6.85 10.54 -4.80
N LEU D 235 -5.99 11.57 -4.87
CA LEU D 235 -6.49 12.94 -4.88
C LEU D 235 -7.31 13.24 -6.13
N LYS D 236 -7.01 12.57 -7.26
CA LYS D 236 -7.81 12.79 -8.45
C LYS D 236 -9.27 12.48 -8.19
N THR D 237 -9.53 11.38 -7.49
CA THR D 237 -10.84 11.10 -6.94
C THR D 237 -11.03 11.90 -5.65
N TYR D 238 -12.24 11.86 -5.11
CA TYR D 238 -12.54 12.47 -3.81
C TYR D 238 -12.23 13.97 -3.83
N ASN D 239 -13.06 14.70 -4.58
CA ASN D 239 -12.96 16.16 -4.64
C ASN D 239 -12.54 16.71 -3.28
N THR D 240 -11.47 17.50 -3.26
CA THR D 240 -10.75 17.80 -2.04
C THR D 240 -11.03 19.22 -1.57
N ILE D 241 -10.94 19.40 -0.26
CA ILE D 241 -11.12 20.70 0.38
C ILE D 241 -9.86 20.94 1.20
N PHE D 242 -8.88 21.60 0.60
CA PHE D 242 -7.69 21.98 1.35
C PHE D 242 -8.05 23.00 2.41
N THR D 243 -7.59 22.76 3.64
CA THR D 243 -7.83 23.67 4.75
C THR D 243 -6.54 23.82 5.54
N GLY D 244 -6.61 24.64 6.57
CA GLY D 244 -5.42 24.94 7.35
C GLY D 244 -4.61 26.06 6.74
N GLY D 245 -3.85 26.74 7.59
CA GLY D 245 -3.06 27.87 7.11
C GLY D 245 -2.06 27.47 6.06
N THR D 246 -1.51 26.26 6.15
CA THR D 246 -0.54 25.81 5.17
C THR D 246 -1.08 25.90 3.76
N SER D 247 -2.38 25.68 3.59
CA SER D 247 -2.97 25.77 2.25
C SER D 247 -2.81 27.17 1.68
N LEU D 248 -3.06 28.19 2.50
CA LEU D 248 -2.92 29.56 2.04
C LEU D 248 -1.47 29.89 1.72
N MET D 249 -0.53 29.25 2.41
CA MET D 249 0.88 29.39 2.10
C MET D 249 1.23 28.77 0.75
N LEU D 250 0.32 27.98 0.17
CA LEU D 250 0.55 27.31 -1.10
C LEU D 250 -0.64 27.43 -2.04
N LYS D 251 -1.55 28.36 -1.77
CA LYS D 251 -2.75 28.48 -2.60
C LYS D 251 -2.37 28.82 -4.04
N GLU D 252 -1.38 29.68 -4.23
CA GLU D 252 -0.97 30.05 -5.58
C GLU D 252 -0.41 28.88 -6.37
N TYR D 253 -0.04 27.80 -5.69
CA TYR D 253 0.55 26.63 -6.34
C TYR D 253 -0.35 25.41 -6.34
N ILE D 254 -1.22 25.27 -5.34
CA ILE D 254 -2.14 24.13 -5.30
C ILE D 254 -3.12 24.18 -6.45
N GLU D 255 -3.40 25.36 -7.00
CA GLU D 255 -4.35 25.50 -8.10
C GLU D 255 -3.78 25.08 -9.44
N LYS D 256 -2.47 24.91 -9.54
CA LYS D 256 -1.82 24.50 -10.78
C LYS D 256 -1.50 23.01 -10.80
N LEU D 257 -2.33 22.19 -10.17
CA LEU D 257 -2.09 20.77 -10.05
C LEU D 257 -2.84 20.00 -11.12
N PRO D 258 -2.39 18.77 -11.44
CA PRO D 258 -3.12 17.90 -12.38
C PRO D 258 -4.25 17.11 -11.71
N LEU D 259 -5.05 17.80 -10.92
CA LEU D 259 -6.18 17.21 -10.22
C LEU D 259 -7.48 17.60 -10.91
N ASN D 260 -8.36 16.61 -11.08
CA ASN D 260 -9.57 16.80 -11.88
C ASN D 260 -10.62 17.63 -11.17
N LYS D 261 -10.67 17.59 -9.84
CA LYS D 261 -11.68 18.33 -9.09
C LYS D 261 -11.14 18.59 -7.70
N PHE D 262 -11.10 19.85 -7.30
CA PHE D 262 -10.55 20.25 -6.01
C PHE D 262 -10.85 21.73 -5.81
N LYS D 263 -10.36 22.26 -4.69
CA LYS D 263 -10.46 23.68 -4.38
C LYS D 263 -9.71 23.93 -3.08
N VAL D 264 -9.42 25.20 -2.83
CA VAL D 264 -8.87 25.65 -1.56
C VAL D 264 -9.97 26.34 -0.79
N HIS D 265 -10.22 25.87 0.43
CA HIS D 265 -11.36 26.36 1.18
C HIS D 265 -11.19 27.85 1.46
N PRO D 266 -12.23 28.66 1.27
CA PRO D 266 -12.14 30.06 1.70
C PRO D 266 -12.04 30.14 3.21
N ASN D 267 -11.42 31.23 3.67
CA ASN D 267 -11.12 31.43 5.08
C ASN D 267 -10.60 30.13 5.71
N ALA D 268 -9.71 29.45 4.98
CA ALA D 268 -9.21 28.16 5.43
C ALA D 268 -8.66 28.24 6.84
N LEU D 269 -8.07 29.37 7.19
CA LEU D 269 -7.47 29.51 8.52
C LEU D 269 -8.50 29.27 9.62
N THR D 270 -9.76 29.63 9.38
CA THR D 270 -10.81 29.55 10.40
C THR D 270 -11.92 28.57 10.02
N SER D 271 -11.71 27.73 9.01
CA SER D 271 -12.75 26.80 8.58
C SER D 271 -13.01 25.75 9.64
N ASN D 272 -11.94 25.12 10.15
CA ASN D 272 -12.08 24.08 11.15
C ASN D 272 -12.77 24.60 12.40
N VAL D 273 -12.74 25.92 12.61
CA VAL D 273 -13.39 26.52 13.77
C VAL D 273 -14.84 26.85 13.47
N ASP D 274 -15.12 27.43 12.30
CA ASP D 274 -16.49 27.79 11.94
C ASP D 274 -17.37 26.55 11.83
N GLY D 275 -16.86 25.48 11.22
CA GLY D 275 -17.64 24.26 11.12
C GLY D 275 -18.00 23.70 12.49
N ALA D 276 -17.02 23.66 13.40
CA ALA D 276 -17.30 23.24 14.76
C ALA D 276 -18.32 24.15 15.42
N MET D 277 -18.30 25.44 15.07
CA MET D 277 -19.31 26.36 15.58
C MET D 277 -20.71 25.93 15.16
N GLU D 278 -20.88 25.63 13.88
CA GLU D 278 -22.17 25.09 13.43
C GLU D 278 -22.56 23.84 14.19
N ALA D 279 -21.61 22.92 14.36
CA ALA D 279 -21.93 21.66 15.01
C ALA D 279 -22.38 21.90 16.44
N SER D 280 -21.70 22.80 17.15
CA SER D 280 -22.09 23.11 18.51
C SER D 280 -23.49 23.71 18.56
N LYS D 281 -23.80 24.60 17.62
CA LYS D 281 -25.16 25.10 17.51
C LYS D 281 -26.14 23.95 17.36
N LYS D 282 -25.85 23.02 16.46
CA LYS D 282 -26.75 21.91 16.21
C LYS D 282 -26.99 21.10 17.49
N VAL D 283 -25.93 20.86 18.25
CA VAL D 283 -26.06 19.98 19.42
C VAL D 283 -26.79 20.70 20.55
N TRP D 284 -26.22 21.78 21.06
CA TRP D 284 -26.83 22.42 22.23
C TRP D 284 -28.07 23.21 21.85
N ASN D 285 -28.03 23.90 20.72
CA ASN D 285 -29.17 24.71 20.28
C ASN D 285 -29.96 23.99 19.21
N MET E 1 53.14 14.81 11.89
CA MET E 1 53.65 13.75 12.80
C MET E 1 52.79 13.69 14.06
N LYS E 2 53.02 14.64 14.97
CA LYS E 2 52.16 14.75 16.13
C LYS E 2 50.76 15.18 15.72
N ILE E 3 49.77 14.85 16.55
CA ILE E 3 48.38 15.14 16.27
C ILE E 3 47.80 15.95 17.42
N THR E 4 46.99 16.95 17.08
CA THR E 4 46.33 17.77 18.08
C THR E 4 44.88 17.99 17.69
N VAL E 5 44.03 18.08 18.70
CA VAL E 5 42.60 18.34 18.53
C VAL E 5 42.24 19.54 19.40
N VAL E 6 41.48 20.46 18.83
CA VAL E 6 41.14 21.71 19.50
C VAL E 6 39.65 21.97 19.30
N ASP E 7 38.88 21.89 20.37
CA ASP E 7 37.49 22.34 20.37
C ASP E 7 37.48 23.75 20.96
N LEU E 8 37.29 24.74 20.10
CA LEU E 8 37.32 26.13 20.55
C LEU E 8 36.18 26.43 21.51
N GLY E 9 34.98 26.00 21.17
CA GLY E 9 33.84 26.24 22.03
C GLY E 9 33.53 27.72 22.17
N ASN E 10 32.43 28.04 22.84
CA ASN E 10 32.03 29.42 23.06
C ASN E 10 32.35 29.91 24.46
N ILE E 11 32.42 29.02 25.45
CA ILE E 11 32.78 29.38 26.82
C ILE E 11 33.89 28.52 27.39
N ASN E 12 34.38 27.53 26.64
CA ASN E 12 35.49 26.72 27.09
C ASN E 12 36.24 26.18 25.88
N VAL E 13 37.56 26.21 25.96
CA VAL E 13 38.45 25.67 24.93
C VAL E 13 39.07 24.39 25.49
N LYS E 14 39.09 23.35 24.66
CA LYS E 14 39.50 22.01 25.09
C LYS E 14 40.49 21.47 24.08
N TYR E 15 41.72 21.23 24.52
CA TYR E 15 42.73 20.77 23.59
C TYR E 15 43.32 19.47 24.06
N VAL E 16 43.69 18.64 23.10
CA VAL E 16 44.30 17.35 23.42
C VAL E 16 45.37 17.05 22.38
N GLY E 17 46.60 16.91 22.84
CA GLY E 17 47.73 16.57 21.99
C GLY E 17 48.70 15.72 22.78
N GLU E 18 49.97 16.10 22.79
CA GLU E 18 50.92 15.44 23.67
C GLU E 18 50.53 15.62 25.14
N ASN E 19 49.97 16.79 25.46
CA ASN E 19 49.48 17.07 26.81
C ASN E 19 48.08 17.66 26.70
N LYS E 20 47.12 16.98 27.31
CA LYS E 20 45.72 17.38 27.23
C LYS E 20 45.40 18.48 28.24
N GLY E 21 44.21 19.05 28.11
CA GLY E 21 43.75 20.02 29.07
C GLY E 21 42.69 20.93 28.47
N ARG E 22 42.39 22.00 29.20
CA ARG E 22 41.35 22.92 28.79
C ARG E 22 41.57 24.25 29.50
N PHE E 23 40.80 25.25 29.08
CA PHE E 23 40.78 26.56 29.71
C PHE E 23 39.52 27.28 29.26
N SER E 24 39.41 28.56 29.64
CA SER E 24 38.22 29.33 29.31
C SER E 24 38.37 30.03 27.97
N SER E 25 37.24 30.28 27.32
CA SER E 25 37.23 30.89 26.01
C SER E 25 37.32 32.41 26.06
N LYS E 26 37.35 33.00 27.24
CA LYS E 26 37.41 34.45 27.34
C LYS E 26 38.66 34.98 26.64
N ILE E 27 38.47 36.02 25.83
CA ILE E 27 39.56 36.69 25.14
C ILE E 27 39.32 38.18 25.19
N THR E 28 40.38 38.95 25.41
CA THR E 28 40.29 40.39 25.47
C THR E 28 41.52 41.01 24.84
N ASN E 29 41.31 42.00 23.97
CA ASN E 29 42.40 42.78 23.40
C ASN E 29 42.68 44.05 24.19
N ASP E 30 41.98 44.25 25.30
CA ASP E 30 42.14 45.47 26.08
C ASP E 30 43.55 45.59 26.62
N TYR E 31 44.05 46.82 26.69
CA TYR E 31 45.37 47.07 27.25
C TYR E 31 45.40 46.63 28.72
N GLN E 32 46.52 46.03 29.12
CA GLN E 32 46.71 45.60 30.49
C GLN E 32 48.13 45.91 30.91
N SER E 33 48.29 46.42 32.12
CA SER E 33 49.60 46.86 32.59
C SER E 33 50.45 45.69 33.04
N TYR E 34 50.00 44.96 34.06
CA TYR E 34 50.76 43.83 34.61
C TYR E 34 50.63 42.63 33.66
N GLU E 35 51.29 42.75 32.52
CA GLU E 35 51.26 41.68 31.53
C GLU E 35 51.82 40.39 32.10
N GLU E 36 52.93 40.49 32.84
CA GLU E 36 53.52 39.32 33.49
C GLU E 36 52.61 38.91 34.64
N GLY E 37 51.83 37.86 34.44
CA GLY E 37 50.85 37.42 35.42
C GLY E 37 49.59 36.93 34.76
N PHE E 38 49.38 37.33 33.52
CA PHE E 38 48.28 36.84 32.70
C PHE E 38 48.78 35.80 31.73
N GLN E 39 47.85 35.14 31.06
CA GLN E 39 48.15 34.25 29.94
C GLN E 39 47.88 35.00 28.65
N ARG E 40 48.92 35.23 27.86
CA ARG E 40 48.86 36.16 26.75
C ARG E 40 49.53 35.57 25.53
N VAL E 41 49.11 36.05 24.36
CA VAL E 41 49.74 35.68 23.09
C VAL E 41 49.67 36.88 22.17
N GLU E 42 50.79 37.16 21.50
CA GLU E 42 50.88 38.25 20.53
C GLU E 42 51.12 37.66 19.15
N TYR E 43 50.17 37.88 18.24
CA TYR E 43 50.28 37.43 16.86
C TYR E 43 50.34 38.64 15.95
N ASN E 44 51.36 38.68 15.09
CA ASN E 44 51.57 39.75 14.12
C ASN E 44 51.20 41.12 14.70
N GLY E 45 51.66 41.37 15.92
CA GLY E 45 51.61 42.68 16.51
C GLY E 45 50.36 42.98 17.33
N ILE E 46 49.36 42.11 17.32
CA ILE E 46 48.16 42.28 18.13
C ILE E 46 48.22 41.26 19.27
N LYS E 47 48.00 41.76 20.48
CA LYS E 47 48.12 40.94 21.69
C LYS E 47 46.73 40.62 22.24
N THR E 48 46.62 39.44 22.84
CA THR E 48 45.37 38.99 23.44
C THR E 48 45.69 38.30 24.76
N TYR E 49 44.97 38.69 25.81
CA TYR E 49 45.10 38.09 27.14
C TYR E 49 43.95 37.11 27.31
N ILE E 50 44.28 35.83 27.34
CA ILE E 50 43.28 34.76 27.34
C ILE E 50 42.87 34.45 28.76
N GLY E 51 41.66 33.91 28.90
CA GLY E 51 41.14 33.51 30.18
C GLY E 51 40.45 34.61 30.97
N VAL E 52 40.37 35.82 30.41
CA VAL E 52 39.74 36.94 31.10
C VAL E 52 39.15 37.89 30.07
N GLY E 53 38.07 38.55 30.47
CA GLY E 53 37.51 39.62 29.67
C GLY E 53 36.17 39.28 29.06
N GLU E 54 36.05 39.47 27.76
CA GLU E 54 34.79 39.29 27.06
C GLU E 54 34.59 37.81 26.75
N LEU E 55 33.60 37.50 25.93
CA LEU E 55 33.25 36.12 25.60
C LEU E 55 33.15 35.84 24.11
N SER E 56 33.03 36.86 23.26
CA SER E 56 32.94 36.68 21.81
C SER E 56 31.76 35.76 21.46
N ARG E 57 30.58 36.29 21.74
CA ARG E 57 29.29 35.63 21.56
C ARG E 57 28.95 35.36 20.11
N GLU E 58 29.82 35.67 19.16
CA GLU E 58 29.49 35.50 17.76
C GLU E 58 29.25 34.03 17.43
N PHE E 59 28.23 33.77 16.62
CA PHE E 59 27.92 32.44 16.13
C PHE E 59 28.87 32.11 14.97
N ASN E 60 28.55 31.08 14.21
CA ASN E 60 29.28 30.73 12.99
C ASN E 60 30.79 30.79 13.23
N LYS E 61 31.26 29.88 14.08
CA LYS E 61 32.52 30.09 14.76
C LYS E 61 33.74 29.87 13.87
N ALA E 62 33.54 29.90 12.55
CA ALA E 62 34.66 29.87 11.62
C ALA E 62 35.25 31.23 11.37
N ASP E 63 34.69 32.30 11.94
CA ASP E 63 35.19 33.66 11.75
C ASP E 63 35.36 34.45 13.04
N ARG E 64 34.94 33.89 14.16
CA ARG E 64 35.03 34.59 15.45
C ARG E 64 36.46 34.62 15.99
N ASP E 65 37.35 35.26 15.24
CA ASP E 65 38.74 35.38 15.65
C ASP E 65 39.18 34.12 16.40
N TYR E 66 39.10 33.00 15.69
CA TYR E 66 39.55 31.73 16.24
C TYR E 66 41.07 31.68 16.19
N MET E 67 41.72 32.73 16.70
CA MET E 67 43.07 33.03 16.28
C MET E 67 44.08 32.88 17.41
N ALA E 68 43.92 33.63 18.51
CA ALA E 68 44.89 33.54 19.59
C ALA E 68 44.64 32.32 20.46
N GLN E 69 43.38 31.95 20.64
CA GLN E 69 43.08 30.75 21.43
C GLN E 69 43.68 29.51 20.78
N LEU E 70 43.61 29.43 19.45
CA LEU E 70 44.13 28.27 18.74
C LEU E 70 45.64 28.13 18.98
N LEU E 71 46.39 29.20 18.74
CA LEU E 71 47.84 29.13 18.93
C LEU E 71 48.20 28.89 20.38
N TYR E 72 47.46 29.50 21.31
CA TYR E 72 47.72 29.28 22.72
C TYR E 72 47.52 27.82 23.08
N SER E 73 46.45 27.20 22.58
CA SER E 73 46.22 25.79 22.82
C SER E 73 47.33 24.95 22.22
N LEU E 74 47.76 25.29 21.00
CA LEU E 74 48.83 24.54 20.37
C LEU E 74 50.09 24.58 21.20
N ALA E 75 50.46 25.78 21.68
CA ALA E 75 51.65 25.91 22.50
C ALA E 75 51.51 25.16 23.81
N LYS E 76 50.34 25.24 24.44
CA LYS E 76 50.15 24.63 25.75
C LYS E 76 50.12 23.11 25.66
N ALA E 77 49.63 22.56 24.55
CA ALA E 77 49.51 21.11 24.42
C ALA E 77 50.85 20.48 24.07
N ASN E 78 51.41 20.85 22.93
CA ASN E 78 52.70 20.34 22.50
C ASN E 78 53.81 21.11 23.21
N THR E 79 55.06 20.86 22.82
CA THR E 79 56.22 21.50 23.43
C THR E 79 56.91 22.41 22.42
N ALA E 80 57.89 23.15 22.91
CA ALA E 80 58.55 24.15 22.08
C ALA E 80 59.29 23.51 20.90
N ASP E 81 59.83 22.32 21.09
CA ASP E 81 60.61 21.69 20.03
C ASP E 81 59.75 21.40 18.80
N THR E 82 58.50 20.98 19.03
CA THR E 82 57.65 20.56 17.93
C THR E 82 57.46 21.70 16.93
N LYS E 83 57.54 21.37 15.64
CA LYS E 83 57.40 22.34 14.56
C LYS E 83 56.23 22.03 13.65
N GLU E 84 56.09 20.78 13.21
CA GLU E 84 55.04 20.38 12.28
C GLU E 84 54.11 19.42 12.98
N ILE E 85 52.80 19.62 12.81
CA ILE E 85 51.78 18.84 13.47
C ILE E 85 50.61 18.63 12.51
N ASN E 86 49.60 17.91 12.98
CA ASN E 86 48.36 17.70 12.24
C ASN E 86 47.21 18.11 13.12
N LEU E 87 46.40 19.05 12.64
CA LEU E 87 45.30 19.62 13.39
C LEU E 87 43.99 18.96 12.99
N THR E 88 43.17 18.62 13.99
CA THR E 88 41.85 18.05 13.77
C THR E 88 40.86 18.90 14.57
N LEU E 89 40.32 19.93 13.92
CA LEU E 89 39.36 20.82 14.55
C LEU E 89 37.96 20.23 14.54
N LEU E 90 37.07 20.83 15.32
CA LEU E 90 35.71 20.35 15.49
C LEU E 90 34.75 21.50 15.28
N LEU E 91 34.18 21.57 14.08
CA LEU E 91 33.11 22.52 13.80
C LEU E 91 31.76 21.89 14.11
N PRO E 92 30.72 22.70 14.23
CA PRO E 92 29.38 22.13 14.44
C PRO E 92 28.94 21.33 13.24
N ILE E 93 27.88 20.55 13.44
CA ILE E 93 27.40 19.63 12.41
C ILE E 93 26.60 20.33 11.33
N ILE E 94 26.35 21.63 11.48
CA ILE E 94 25.62 22.40 10.47
C ILE E 94 26.51 23.41 9.76
N GLN E 95 27.75 23.61 10.22
CA GLN E 95 28.67 24.58 9.65
C GLN E 95 29.91 23.89 9.10
N MET E 96 29.76 22.68 8.59
CA MET E 96 30.90 21.91 8.12
C MET E 96 31.40 22.38 6.75
N LYS E 97 30.60 23.11 5.99
CA LYS E 97 31.09 23.65 4.73
C LYS E 97 32.09 24.77 4.95
N ASN E 98 31.93 25.52 6.06
CA ASN E 98 32.84 26.63 6.35
C ASN E 98 34.29 26.18 6.44
N LYS E 99 34.56 24.88 6.46
CA LYS E 99 35.94 24.41 6.40
C LYS E 99 36.66 24.98 5.19
N THR E 100 35.92 25.25 4.10
CA THR E 100 36.53 25.89 2.94
C THR E 100 37.17 27.23 3.33
N ARG E 101 36.43 28.05 4.08
CA ARG E 101 36.97 29.30 4.58
C ARG E 101 38.00 29.10 5.69
N LEU E 102 38.11 27.88 6.22
CA LEU E 102 39.03 27.59 7.31
C LEU E 102 40.36 27.04 6.80
N ILE E 103 40.32 26.13 5.82
CA ILE E 103 41.55 25.52 5.31
C ILE E 103 42.38 26.55 4.56
N GLU E 104 41.72 27.44 3.81
CA GLU E 104 42.45 28.37 2.95
C GLU E 104 43.40 29.25 3.77
N THR E 105 43.09 29.50 5.04
CA THR E 105 43.87 30.41 5.85
C THR E 105 44.90 29.72 6.75
N LEU E 106 44.79 28.41 6.93
CA LEU E 106 45.63 27.68 7.88
C LEU E 106 46.56 26.67 7.23
N LYS E 107 46.07 25.91 6.25
CA LYS E 107 46.86 24.82 5.68
C LYS E 107 48.19 25.34 5.16
N GLY E 108 49.26 24.65 5.54
CA GLY E 108 50.59 25.03 5.08
C GLY E 108 50.96 26.45 5.44
N GLU E 109 50.63 26.89 6.65
CA GLU E 109 50.90 28.24 7.11
C GLU E 109 51.77 28.16 8.36
N ASN E 110 52.85 28.94 8.38
CA ASN E 110 53.74 29.01 9.53
C ASN E 110 53.31 30.16 10.43
N PHE E 111 53.10 29.87 11.71
CA PHE E 111 52.63 30.84 12.68
C PHE E 111 53.70 31.05 13.74
N LYS E 112 54.06 32.31 13.95
CA LYS E 112 55.03 32.70 14.97
C LYS E 112 54.34 33.56 16.01
N PHE E 113 54.59 33.30 17.27
CA PHE E 113 53.89 34.01 18.33
C PHE E 113 54.72 33.97 19.61
N LYS E 114 54.33 34.82 20.56
CA LYS E 114 55.12 35.01 21.77
C LYS E 114 54.86 33.92 22.79
N PHE E 115 53.60 33.73 23.18
CA PHE E 115 53.22 32.78 24.23
C PHE E 115 53.93 33.12 25.54
N ASN E 116 53.56 34.28 26.07
CA ASN E 116 54.05 34.77 27.36
C ASN E 116 55.53 35.16 27.28
N GLY E 117 55.95 35.69 26.15
CA GLY E 117 57.29 36.22 25.99
C GLY E 117 58.31 35.25 25.43
N ILE E 118 58.05 33.96 25.50
CA ILE E 118 59.00 32.95 24.97
C ILE E 118 58.57 32.68 23.53
N ASP E 119 59.06 33.54 22.63
CA ASP E 119 58.63 33.47 21.24
C ASP E 119 58.98 32.12 20.63
N ARG E 120 58.09 31.62 19.78
CA ARG E 120 58.26 30.35 19.12
C ARG E 120 57.48 30.35 17.82
N GLU E 121 57.61 29.26 17.07
CA GLU E 121 57.01 29.12 15.75
C GLU E 121 56.46 27.70 15.61
N ILE E 122 55.52 27.54 14.70
CA ILE E 122 54.89 26.24 14.49
C ILE E 122 54.24 26.22 13.11
N LYS E 123 54.35 25.08 12.45
CA LYS E 123 53.67 24.84 11.18
C LYS E 123 52.77 23.62 11.32
N ILE E 124 51.78 23.54 10.43
CA ILE E 124 50.85 22.42 10.39
C ILE E 124 50.93 21.78 9.02
N ASN E 125 51.17 20.47 8.99
CA ASN E 125 51.26 19.75 7.72
C ASN E 125 49.95 19.85 6.95
N ASP E 126 48.88 19.30 7.51
CA ASP E 126 47.57 19.35 6.90
C ASP E 126 46.53 19.61 7.97
N LEU E 127 45.42 20.23 7.57
CA LEU E 127 44.31 20.53 8.44
C LEU E 127 43.17 19.56 8.19
N MET E 128 42.44 19.23 9.25
CA MET E 128 41.29 18.35 9.17
C MET E 128 40.19 18.89 10.06
N VAL E 129 38.95 18.61 9.69
CA VAL E 129 37.80 19.13 10.40
C VAL E 129 36.77 18.03 10.55
N LEU E 130 36.11 17.97 11.70
CA LEU E 130 35.05 17.03 11.97
C LEU E 130 33.87 17.74 12.60
N PRO E 131 32.66 17.21 12.43
CA PRO E 131 31.49 17.83 13.06
C PRO E 131 31.38 17.46 14.53
N GLU E 132 30.91 18.42 15.32
CA GLU E 132 30.67 18.18 16.72
C GLU E 132 29.58 17.14 16.90
N GLY E 133 29.69 16.36 17.98
CA GLY E 133 28.76 15.28 18.21
C GLY E 133 29.22 13.98 17.58
N TYR E 134 29.33 13.98 16.25
CA TYR E 134 29.77 12.79 15.55
C TYR E 134 31.08 12.26 16.12
N ALA E 135 32.02 13.15 16.40
CA ALA E 135 33.31 12.72 16.91
C ALA E 135 33.17 12.02 18.25
N SER E 136 32.31 12.53 19.13
CA SER E 136 32.15 11.93 20.44
C SER E 136 31.69 10.48 20.36
N TYR E 137 31.12 10.08 19.23
CA TYR E 137 30.70 8.70 19.06
C TYR E 137 31.88 7.74 19.19
N TYR E 138 33.02 8.09 18.58
CA TYR E 138 34.16 7.19 18.58
C TYR E 138 34.70 6.97 19.99
N SER E 139 34.68 8.00 20.84
CA SER E 139 35.09 7.82 22.23
C SER E 139 34.13 6.93 23.00
N LEU E 140 32.97 6.64 22.43
CA LEU E 140 31.95 5.87 23.12
C LEU E 140 32.38 4.42 23.29
N ASP E 141 31.78 3.77 24.27
CA ASP E 141 32.07 2.36 24.54
C ASP E 141 31.45 1.48 23.46
N ILE E 142 31.99 0.26 23.33
CA ILE E 142 31.55 -0.65 22.28
C ILE E 142 30.10 -1.05 22.48
N GLU E 143 29.66 -1.19 23.72
CA GLU E 143 28.30 -1.67 23.99
C GLU E 143 27.26 -0.78 23.32
N ASN E 144 27.57 0.50 23.12
CA ASN E 144 26.62 1.44 22.56
C ASN E 144 26.78 1.61 21.05
N LYS E 145 27.96 1.32 20.50
CA LYS E 145 28.17 1.50 19.07
C LYS E 145 27.25 0.60 18.25
N LYS E 146 27.05 -0.64 18.70
CA LYS E 146 26.32 -1.62 17.91
C LYS E 146 24.88 -1.15 17.64
N GLY E 147 24.24 -0.57 18.64
CA GLY E 147 22.85 -0.20 18.53
C GLY E 147 22.64 1.09 17.77
N ASP E 148 21.38 1.50 17.69
CA ASP E 148 20.98 2.76 17.07
C ASP E 148 20.90 3.84 18.15
N VAL E 149 21.86 4.76 18.12
CA VAL E 149 22.00 5.75 19.17
C VAL E 149 21.77 7.15 18.60
N CYS E 150 21.74 8.13 19.49
CA CYS E 150 21.53 9.53 19.11
C CYS E 150 22.48 10.39 19.94
N ILE E 151 23.62 10.73 19.36
CA ILE E 151 24.56 11.62 20.04
C ILE E 151 23.90 12.99 20.15
N LEU E 152 23.77 13.48 21.39
CA LEU E 152 23.13 14.74 21.70
C LEU E 152 24.13 15.60 22.46
N ASP E 153 24.87 16.43 21.73
CA ASP E 153 25.88 17.29 22.33
C ASP E 153 25.21 18.59 22.76
N LEU E 154 25.08 18.79 24.07
CA LEU E 154 24.47 19.99 24.63
C LEU E 154 25.58 20.98 24.96
N GLY E 155 25.92 21.81 23.99
CA GLY E 155 26.95 22.82 24.18
C GLY E 155 26.44 23.99 24.99
N SER E 156 27.14 25.13 24.86
CA SER E 156 26.75 26.34 25.54
C SER E 156 25.69 27.13 24.78
N ARG E 157 25.77 27.14 23.45
CA ARG E 157 24.77 27.78 22.63
C ARG E 157 24.26 26.90 21.50
N THR E 158 24.87 25.74 21.28
CA THR E 158 24.52 24.86 20.18
C THR E 158 24.24 23.46 20.72
N ILE E 159 23.07 22.93 20.37
CA ILE E 159 22.74 21.53 20.58
C ILE E 159 22.92 20.82 19.25
N ASN E 160 23.85 19.89 19.20
CA ASN E 160 24.16 19.15 17.99
C ASN E 160 23.61 17.74 18.10
N ILE E 161 22.78 17.36 17.14
CA ILE E 161 22.13 16.04 17.12
C ILE E 161 22.69 15.25 15.96
N CYS E 162 23.19 14.06 16.26
CA CYS E 162 23.68 13.14 15.24
C CYS E 162 23.11 11.76 15.55
N VAL E 163 22.14 11.32 14.75
CA VAL E 163 21.49 10.04 14.92
C VAL E 163 22.28 9.00 14.14
N LEU E 164 22.79 7.99 14.84
CA LEU E 164 23.64 6.97 14.25
C LEU E 164 22.93 5.64 14.26
N GLU E 165 22.73 5.07 13.09
CA GLU E 165 22.30 3.69 12.95
C GLU E 165 23.53 2.80 13.11
N ASN E 166 23.46 1.55 12.67
CA ASN E 166 24.53 0.61 12.94
C ASN E 166 25.75 1.06 12.14
N ALA E 167 26.50 1.98 12.74
CA ALA E 167 27.75 2.51 12.20
C ALA E 167 27.52 3.38 10.97
N LYS E 168 26.38 4.07 10.91
CA LYS E 168 26.08 4.96 9.80
C LYS E 168 25.14 6.06 10.27
N ILE E 169 25.50 7.32 9.99
CA ILE E 169 24.69 8.44 10.43
C ILE E 169 23.45 8.56 9.56
N VAL E 170 22.38 9.09 10.16
CA VAL E 170 21.10 9.23 9.47
C VAL E 170 20.69 10.69 9.51
N LYS E 171 20.49 11.22 10.71
CA LYS E 171 20.02 12.59 10.91
C LYS E 171 21.14 13.43 11.52
N THR E 172 21.28 14.65 11.00
CA THR E 172 22.32 15.56 11.45
C THR E 172 21.73 16.96 11.52
N ASN E 173 21.73 17.56 12.70
CA ASN E 173 21.10 18.86 12.86
C ASN E 173 21.74 19.65 13.98
N THR E 174 21.50 20.96 13.96
CA THR E 174 22.00 21.89 14.96
C THR E 174 20.85 22.78 15.41
N ILE E 175 20.86 23.13 16.69
CA ILE E 175 19.83 23.98 17.29
C ILE E 175 20.53 25.06 18.09
N LYS E 176 20.04 26.30 17.98
CA LYS E 176 20.59 27.41 18.74
C LYS E 176 20.00 27.40 20.14
N LEU E 177 20.73 26.82 21.08
CA LEU E 177 20.29 26.76 22.47
C LEU E 177 21.38 26.15 23.33
N GLY E 178 21.41 26.49 24.61
CA GLY E 178 22.41 25.93 25.50
C GLY E 178 22.46 26.67 26.82
N SER E 179 23.56 26.45 27.54
CA SER E 179 23.69 27.00 28.89
C SER E 179 23.73 28.53 28.89
N PHE E 180 24.18 29.13 27.78
CA PHE E 180 24.29 30.58 27.73
C PHE E 180 22.92 31.24 27.87
N ASP E 181 21.91 30.68 27.22
CA ASP E 181 20.56 31.23 27.36
C ASP E 181 20.06 31.07 28.78
N PHE E 182 20.44 29.98 29.45
CA PHE E 182 20.08 29.80 30.85
C PHE E 182 20.73 30.88 31.72
N TYR E 183 22.00 31.17 31.47
CA TYR E 183 22.67 32.23 32.21
C TYR E 183 22.00 33.58 31.97
N SER E 184 21.63 33.86 30.72
CA SER E 184 20.91 35.09 30.42
C SER E 184 19.59 35.13 31.18
N LYS E 185 18.90 33.99 31.27
CA LYS E 185 17.66 33.94 32.02
C LYS E 185 17.88 34.25 33.49
N ILE E 186 18.93 33.68 34.09
CA ILE E 186 19.21 33.92 35.50
C ILE E 186 19.51 35.39 35.73
N LYS E 187 20.35 35.98 34.88
CA LYS E 187 20.69 37.38 35.07
C LYS E 187 19.49 38.28 34.81
N SER E 188 18.57 37.86 33.95
CA SER E 188 17.40 38.68 33.67
C SER E 188 16.63 39.02 34.94
N LEU E 189 16.65 38.14 35.93
CA LEU E 189 16.00 38.41 37.21
C LEU E 189 16.97 38.85 38.28
N GLU E 190 18.25 38.47 38.20
CA GLU E 190 19.18 38.93 39.22
C GLU E 190 19.56 40.40 39.02
N ASN E 191 20.03 40.75 37.83
CA ASN E 191 20.39 42.14 37.55
C ASN E 191 19.19 43.05 37.70
N ALA E 192 17.97 42.52 37.62
CA ALA E 192 16.78 43.35 37.70
C ALA E 192 16.68 44.03 39.06
N LYS E 193 16.93 43.30 40.14
CA LYS E 193 16.69 43.85 41.46
C LYS E 193 17.57 45.07 41.71
N GLY E 194 18.87 44.85 41.87
CA GLY E 194 19.80 45.95 41.95
C GLY E 194 21.18 45.64 41.39
N GLU E 195 21.37 44.44 40.88
CA GLU E 195 22.70 43.91 40.66
C GLU E 195 23.24 44.28 39.28
N ASP E 196 24.46 43.82 38.99
CA ASP E 196 25.16 44.17 37.77
C ASP E 196 25.82 42.96 37.11
N TYR E 197 25.30 41.76 37.34
CA TYR E 197 25.92 40.55 36.85
C TYR E 197 25.77 40.43 35.33
N ILE E 198 26.58 39.56 34.75
CA ILE E 198 26.57 39.28 33.32
C ILE E 198 26.78 37.79 33.10
N GLU E 199 26.64 37.37 31.85
CA GLU E 199 26.70 35.96 31.51
C GLU E 199 28.03 35.33 31.88
N GLU E 200 29.10 36.13 32.00
CA GLU E 200 30.43 35.59 32.20
C GLU E 200 30.72 35.32 33.67
N ASP E 201 30.26 36.18 34.56
CA ASP E 201 30.53 36.09 35.99
C ASP E 201 29.33 35.56 36.76
N ILE E 202 28.62 34.60 36.20
CA ILE E 202 27.35 34.15 36.77
C ILE E 202 27.40 32.67 37.11
N GLN E 203 28.21 31.91 36.38
CA GLN E 203 28.40 30.50 36.73
C GLN E 203 29.24 30.36 37.99
N ARG E 204 30.31 31.16 38.09
CA ARG E 204 31.12 31.16 39.30
C ARG E 204 30.29 31.51 40.52
N LEU E 205 29.30 32.39 40.37
CA LEU E 205 28.45 32.74 41.49
C LEU E 205 27.63 31.54 41.96
N ILE E 206 27.09 30.77 41.02
CA ILE E 206 26.37 29.56 41.38
C ILE E 206 27.31 28.58 42.07
N ASP E 207 28.53 28.44 41.55
CA ASP E 207 29.49 27.53 42.15
C ASP E 207 29.81 27.93 43.59
N ASN E 208 29.99 29.23 43.83
CA ASN E 208 30.41 29.74 45.12
C ASN E 208 29.25 30.08 46.05
N GLY E 209 28.01 29.86 45.61
CA GLY E 209 26.87 29.98 46.51
C GLY E 209 26.45 31.41 46.77
N LEU E 210 26.06 32.14 45.73
CA LEU E 210 25.47 33.45 45.89
C LEU E 210 24.13 33.50 45.17
N ILE E 211 24.02 32.75 44.08
CA ILE E 211 22.80 32.65 43.30
C ILE E 211 22.07 31.39 43.76
N LYS E 212 20.92 31.57 44.41
CA LYS E 212 20.12 30.44 44.88
C LYS E 212 19.27 29.95 43.72
N VAL E 213 19.88 29.12 42.88
CA VAL E 213 19.18 28.54 41.75
C VAL E 213 18.23 27.47 42.25
N ASP E 214 16.94 27.64 41.96
CA ASP E 214 15.95 26.66 42.41
C ASP E 214 16.09 25.38 41.60
N SER E 215 15.63 24.28 42.19
CA SER E 215 15.73 22.99 41.53
C SER E 215 14.94 22.97 40.22
N LYS E 216 13.80 23.65 40.17
CA LYS E 216 12.96 23.63 38.99
C LYS E 216 13.44 24.57 37.90
N GLN E 217 14.34 25.51 38.21
CA GLN E 217 14.92 26.33 37.16
C GLN E 217 15.75 25.49 36.19
N TYR E 218 16.34 24.41 36.68
CA TYR E 218 17.01 23.45 35.80
C TYR E 218 16.00 22.57 35.07
N ILE E 219 14.89 22.23 35.71
CA ILE E 219 13.88 21.41 35.07
C ILE E 219 13.29 22.13 33.86
N GLU E 220 13.05 23.44 34.02
CA GLU E 220 12.57 24.23 32.90
C GLU E 220 13.54 24.18 31.73
N PHE E 221 14.84 24.30 31.99
CA PHE E 221 15.83 24.25 30.93
C PHE E 221 15.87 22.87 30.28
N LEU E 222 15.74 21.81 31.07
CA LEU E 222 15.67 20.47 30.52
C LEU E 222 14.50 20.34 29.55
N SER E 223 13.30 20.70 30.02
CA SER E 223 12.12 20.58 29.18
C SER E 223 12.15 21.51 27.99
N ASP E 224 12.92 22.60 28.07
CA ASP E 224 13.09 23.48 26.92
C ASP E 224 14.07 22.93 25.89
N ILE E 225 15.12 22.23 26.33
CA ILE E 225 16.00 21.57 25.38
C ILE E 225 15.41 20.27 24.86
N LEU E 226 14.35 19.75 25.48
CA LEU E 226 13.65 18.59 24.97
C LEU E 226 12.41 18.94 24.18
N ASN E 227 11.88 20.15 24.32
CA ASN E 227 10.84 20.64 23.44
C ASN E 227 11.41 21.23 22.16
N ALA E 228 12.71 21.09 21.94
CA ALA E 228 13.36 21.50 20.72
C ALA E 228 13.97 20.33 19.96
N VAL E 229 13.78 19.11 20.44
CA VAL E 229 14.34 17.93 19.81
C VAL E 229 13.28 16.96 19.32
N LYS E 230 12.03 17.08 19.76
CA LYS E 230 11.00 16.15 19.34
C LYS E 230 10.82 16.09 17.83
N PRO E 231 10.80 17.21 17.10
CA PRO E 231 10.60 17.12 15.65
C PRO E 231 11.66 16.28 14.95
N TYR E 232 12.88 16.28 15.46
CA TYR E 232 13.99 15.59 14.83
C TYR E 232 14.26 14.21 15.39
N VAL E 233 13.98 14.00 16.67
CA VAL E 233 14.26 12.72 17.33
C VAL E 233 13.20 12.47 18.38
N ASN E 234 12.91 11.19 18.61
CA ASN E 234 12.11 10.74 19.75
C ASN E 234 13.07 10.12 20.76
N LEU E 235 13.25 10.79 21.89
CA LEU E 235 14.32 10.41 22.81
C LEU E 235 14.07 9.03 23.41
N LYS E 236 12.81 8.61 23.55
CA LYS E 236 12.55 7.28 24.07
C LYS E 236 13.20 6.22 23.19
N THR E 237 13.09 6.40 21.88
CA THR E 237 13.89 5.64 20.92
C THR E 237 15.28 6.23 20.84
N TYR E 238 16.18 5.55 20.13
CA TYR E 238 17.51 6.06 19.84
C TYR E 238 18.28 6.34 21.15
N ASN E 239 18.64 5.24 21.81
CA ASN E 239 19.44 5.31 23.03
C ASN E 239 20.45 6.45 22.92
N THR E 240 20.45 7.35 23.90
CA THR E 240 21.09 8.64 23.76
C THR E 240 22.39 8.71 24.55
N ILE E 241 23.29 9.54 24.06
CA ILE E 241 24.58 9.79 24.69
C ILE E 241 24.67 11.30 24.90
N PHE E 242 24.23 11.77 26.06
CA PHE E 242 24.38 13.18 26.38
C PHE E 242 25.86 13.51 26.52
N THR E 243 26.29 14.59 25.86
CA THR E 243 27.66 15.05 25.94
C THR E 243 27.67 16.56 26.09
N GLY E 244 28.85 17.11 26.20
CA GLY E 244 28.99 18.54 26.44
C GLY E 244 28.91 18.87 27.91
N GLY E 245 29.51 19.99 28.28
CA GLY E 245 29.54 20.38 29.68
C GLY E 245 28.15 20.59 30.24
N THR E 246 27.22 21.07 29.41
CA THR E 246 25.86 21.31 29.89
C THR E 246 25.26 20.04 30.50
N SER E 247 25.62 18.87 29.97
CA SER E 247 25.09 17.63 30.52
C SER E 247 25.51 17.45 31.97
N LEU E 248 26.79 17.74 32.27
CA LEU E 248 27.25 17.62 33.65
C LEU E 248 26.58 18.63 34.56
N MET E 249 26.20 19.78 34.02
CA MET E 249 25.42 20.76 34.77
C MET E 249 24.03 20.26 35.09
N LEU E 250 23.59 19.17 34.44
CA LEU E 250 22.25 18.62 34.65
C LEU E 250 22.28 17.10 34.81
N LYS E 251 23.45 16.53 35.09
CA LYS E 251 23.54 15.08 35.22
C LYS E 251 22.64 14.56 36.33
N GLU E 252 22.59 15.28 37.46
CA GLU E 252 21.77 14.85 38.58
C GLU E 252 20.29 14.83 38.24
N TYR E 253 19.89 15.50 37.16
CA TYR E 253 18.48 15.58 36.77
C TYR E 253 18.16 14.82 35.50
N ILE E 254 19.12 14.69 34.58
CA ILE E 254 18.87 13.94 33.36
C ILE E 254 18.61 12.46 33.64
N GLU E 255 19.11 11.95 34.76
CA GLU E 255 18.94 10.55 35.10
C GLU E 255 17.56 10.23 35.66
N LYS E 256 16.78 11.24 36.02
CA LYS E 256 15.42 11.06 36.54
C LYS E 256 14.36 11.28 35.48
N LEU E 257 14.65 10.94 34.24
CA LEU E 257 13.75 11.18 33.13
C LEU E 257 12.93 9.94 32.81
N PRO E 258 11.77 10.10 32.15
CA PRO E 258 10.98 8.95 31.70
C PRO E 258 11.45 8.40 30.34
N LEU E 259 12.76 8.20 30.22
CA LEU E 259 13.35 7.67 29.00
C LEU E 259 13.76 6.22 29.22
N ASN E 260 13.45 5.38 28.23
CA ASN E 260 13.62 3.94 28.39
C ASN E 260 15.08 3.50 28.33
N LYS E 261 15.92 4.22 27.59
CA LYS E 261 17.32 3.84 27.45
C LYS E 261 18.12 5.08 27.13
N PHE E 262 19.13 5.38 27.94
CA PHE E 262 19.95 6.57 27.79
C PHE E 262 21.12 6.48 28.76
N LYS E 263 21.94 7.53 28.77
CA LYS E 263 23.05 7.64 29.70
C LYS E 263 23.68 9.01 29.49
N VAL E 264 24.48 9.42 30.47
CA VAL E 264 25.31 10.61 30.37
C VAL E 264 26.75 10.16 30.14
N HIS E 265 27.35 10.65 29.07
CA HIS E 265 28.66 10.16 28.68
C HIS E 265 29.68 10.49 29.77
N PRO E 266 30.54 9.55 30.16
CA PRO E 266 31.62 9.89 31.08
C PRO E 266 32.59 10.85 30.41
N ASN E 267 33.28 11.63 31.24
CA ASN E 267 34.16 12.70 30.78
C ASN E 267 33.52 13.46 29.63
N ALA E 268 32.23 13.75 29.75
CA ALA E 268 31.49 14.40 28.67
C ALA E 268 32.19 15.65 28.21
N LEU E 269 32.83 16.37 29.12
CA LEU E 269 33.49 17.62 28.76
C LEU E 269 34.52 17.40 27.66
N THR E 270 35.18 16.25 27.65
CA THR E 270 36.26 15.97 26.70
C THR E 270 35.94 14.84 25.74
N SER E 271 34.68 14.41 25.66
CA SER E 271 34.33 13.29 24.79
C SER E 271 34.47 13.66 23.32
N ASN E 272 33.91 14.81 22.95
CA ASN E 272 33.99 15.26 21.57
C ASN E 272 35.43 15.42 21.10
N VAL E 273 36.35 15.60 22.04
CA VAL E 273 37.77 15.74 21.72
C VAL E 273 38.46 14.38 21.63
N ASP E 274 38.19 13.50 22.60
CA ASP E 274 38.80 12.18 22.59
C ASP E 274 38.39 11.38 21.36
N GLY E 275 37.11 11.42 21.01
CA GLY E 275 36.66 10.70 19.82
C GLY E 275 37.36 11.18 18.57
N ALA E 276 37.47 12.50 18.41
CA ALA E 276 38.21 13.05 17.28
C ALA E 276 39.67 12.61 17.32
N MET E 277 40.21 12.45 18.52
CA MET E 277 41.58 11.95 18.66
C MET E 277 41.69 10.54 18.05
N GLU E 278 40.77 9.66 18.40
CA GLU E 278 40.76 8.33 17.78
C GLU E 278 40.65 8.43 16.26
N ALA E 279 39.75 9.29 15.78
CA ALA E 279 39.55 9.37 14.34
C ALA E 279 40.83 9.84 13.63
N SER E 280 41.52 10.81 14.22
CA SER E 280 42.76 11.29 13.65
C SER E 280 43.80 10.17 13.61
N LYS E 281 43.90 9.40 14.70
CA LYS E 281 44.76 8.23 14.69
C LYS E 281 44.41 7.32 13.52
N LYS E 282 43.12 7.03 13.35
CA LYS E 282 42.71 6.12 12.28
C LYS E 282 43.15 6.65 10.92
N VAL E 283 43.00 7.95 10.69
CA VAL E 283 43.26 8.50 9.37
C VAL E 283 44.77 8.56 9.10
N TRP E 284 45.49 9.35 9.90
CA TRP E 284 46.91 9.53 9.59
C TRP E 284 47.74 8.32 10.00
N ASN E 285 47.41 7.71 11.13
CA ASN E 285 48.15 6.54 11.60
C ASN E 285 47.39 5.26 11.31
#